data_3QMG
# 
_entry.id   3QMG 
# 
_audit_conform.dict_name       mmcif_pdbx.dic 
_audit_conform.dict_version    5.379 
_audit_conform.dict_location   http://mmcif.pdb.org/dictionaries/ascii/mmcif_pdbx.dic 
# 
loop_
_database_2.database_id 
_database_2.database_code 
_database_2.pdbx_database_accession 
_database_2.pdbx_DOI 
PDB   3QMG         pdb_00003qmg 10.2210/pdb3qmg/pdb 
NDB   NA0949       ?            ?                   
RCSB  RCSB063829   ?            ?                   
WWPDB D_1000063829 ?            ?                   
# 
loop_
_pdbx_database_related.db_name 
_pdbx_database_related.db_id 
_pdbx_database_related.details 
_pdbx_database_related.content_type 
PDB 3QMB 'The same protein complexed with a different unmethylated CpG DNA.' unspecified 
PDB 3QMC 'The same protein complexed with a different unmethylated CpG DNA.' unspecified 
PDB 3QMD 'The same protein complexed with a different unmethylated CpG DNA.' unspecified 
PDB 3QMH 'The same protein complexed with a different unmethylated CpG DNA.' unspecified 
PDB 3QMI 'The same protein complexed with a different unmethylated CpG DNA.' unspecified 
# 
_pdbx_database_status.status_code                     REL 
_pdbx_database_status.entry_id                        3QMG 
_pdbx_database_status.recvd_initial_deposition_date   2011-02-04 
_pdbx_database_status.deposit_site                    RCSB 
_pdbx_database_status.process_site                    RCSB 
_pdbx_database_status.status_code_sf                  REL 
_pdbx_database_status.status_code_mr                  ? 
_pdbx_database_status.SG_entry                        Y 
_pdbx_database_status.status_code_cs                  ? 
_pdbx_database_status.pdb_format_compatible           Y 
_pdbx_database_status.status_code_nmr_data            ? 
_pdbx_database_status.methods_development_category    ? 
# 
loop_
_audit_author.name 
_audit_author.pdbx_ordinal 
'Xu, C.'                               1 
'Bian, C.'                             2 
'MacKenzie, F.'                        3 
'Bountra, C.'                          4 
'Weigelt, J.'                          5 
'Arrowsmith, C.H.'                     6 
'Edwards, A.M.'                        7 
'Min, J.'                              8 
'Structural Genomics Consortium (SGC)' 9 
# 
_citation.id                        primary 
_citation.title                     
'The structural basis for selective binding of non-methylated CpG islands by the CFP1 CXXC domain.' 
_citation.journal_abbrev            'Nat Commun' 
_citation.journal_volume            2 
_citation.page_first                227 
_citation.page_last                 227 
_citation.year                      2011 
_citation.journal_id_ASTM           ? 
_citation.country                   UK 
_citation.journal_id_ISSN           2041-1723 
_citation.journal_id_CSD            ? 
_citation.book_publisher            ? 
_citation.pdbx_database_id_PubMed   21407193 
_citation.pdbx_database_id_DOI      10.1038/ncomms1237 
# 
loop_
_citation_author.citation_id 
_citation_author.name 
_citation_author.ordinal 
_citation_author.identifier_ORCID 
primary 'Xu, C.'   1 ? 
primary 'Bian, C.' 2 ? 
primary 'Lam, R.'  3 ? 
primary 'Dong, A.' 4 ? 
primary 'Min, J.'  5 ? 
# 
_cell.entry_id           3QMG 
_cell.length_a           30.436 
_cell.length_b           74.910 
_cell.length_c           125.755 
_cell.angle_alpha        90.00 
_cell.angle_beta         90.00 
_cell.angle_gamma        90.00 
_cell.Z_PDB              8 
_cell.pdbx_unique_axis   ? 
_cell.length_a_esd       ? 
_cell.length_b_esd       ? 
_cell.length_c_esd       ? 
_cell.angle_alpha_esd    ? 
_cell.angle_beta_esd     ? 
_cell.angle_gamma_esd    ? 
# 
_symmetry.entry_id                         3QMG 
_symmetry.space_group_name_H-M             'C 2 2 21' 
_symmetry.pdbx_full_space_group_name_H-M   ? 
_symmetry.cell_setting                     ? 
_symmetry.Int_Tables_number                20 
_symmetry.space_group_name_Hall            ? 
# 
loop_
_entity.id 
_entity.type 
_entity.src_method 
_entity.pdbx_description 
_entity.formula_weight 
_entity.pdbx_number_of_molecules 
_entity.pdbx_ec 
_entity.pdbx_mutation 
_entity.pdbx_fragment 
_entity.details 
1 polymer     man 'CpG-binding protein'                          9527.962 1  ? ? 'CXXC-type Zn finger, residues 161-222' ? 
2 polymer     syn "5'-D(*GP*CP*CP*AP*AP*CP*GP*GP*TP*GP*GP*C)-3'" 3688.405 1  ? ? 'DNA (Nonmethylated CpG Island)'        ? 
3 polymer     syn "5'-D(*GP*CP*CP*AP*CP*CP*GP*TP*TP*GP*GP*C)-3'" 3639.367 1  ? ? 'DNA (Nonmethylated CpG Island)'        ? 
4 non-polymer syn 'ZINC ION'                                     65.409   2  ? ? ?                                       ? 
5 non-polymer syn 'DI(HYDROXYETHYL)ETHER'                        106.120  1  ? ? ?                                       ? 
6 water       nat water                                          18.015   10 ? ? ?                                       ? 
# 
_entity_name_com.entity_id   1 
_entity_name_com.name        'CXXC-type zinc finger protein 1, PHD finger and CXXC domain-containing protein 1' 
# 
loop_
_entity_poly.entity_id 
_entity_poly.type 
_entity_poly.nstd_linkage 
_entity_poly.nstd_monomer 
_entity_poly.pdbx_seq_one_letter_code 
_entity_poly.pdbx_seq_one_letter_code_can 
_entity_poly.pdbx_strand_id 
_entity_poly.pdbx_target_identifier 
1 'polypeptide(L)'        no no MHHHHHHSSRENLYFQGQIKRSARMCGECEACRRTEDCGHCDFCRDMKKFGGPNKIRQKCRLRQCQLRARESYKYFPSS 
MHHHHHHSSRENLYFQGQIKRSARMCGECEACRRTEDCGHCDFCRDMKKFGGPNKIRQKCRLRQCQLRARESYKYFPSS A ? 
2 polydeoxyribonucleotide no no '(DG)(DC)(DC)(DA)(DA)(DC)(DG)(DG)(DT)(DG)(DG)(DC)'                              GCCAACGGTGGC B ? 
3 polydeoxyribonucleotide no no '(DG)(DC)(DC)(DA)(DC)(DC)(DG)(DT)(DT)(DG)(DG)(DC)'                              GCCACCGTTGGC C ? 
# 
loop_
_entity_poly_seq.entity_id 
_entity_poly_seq.num 
_entity_poly_seq.mon_id 
_entity_poly_seq.hetero 
1 1  MET n 
1 2  HIS n 
1 3  HIS n 
1 4  HIS n 
1 5  HIS n 
1 6  HIS n 
1 7  HIS n 
1 8  SER n 
1 9  SER n 
1 10 ARG n 
1 11 GLU n 
1 12 ASN n 
1 13 LEU n 
1 14 TYR n 
1 15 PHE n 
1 16 GLN n 
1 17 GLY n 
1 18 GLN n 
1 19 ILE n 
1 20 LYS n 
1 21 ARG n 
1 22 SER n 
1 23 ALA n 
1 24 ARG n 
1 25 MET n 
1 26 CYS n 
1 27 GLY n 
1 28 GLU n 
1 29 CYS n 
1 30 GLU n 
1 31 ALA n 
1 32 CYS n 
1 33 ARG n 
1 34 ARG n 
1 35 THR n 
1 36 GLU n 
1 37 ASP n 
1 38 CYS n 
1 39 GLY n 
1 40 HIS n 
1 41 CYS n 
1 42 ASP n 
1 43 PHE n 
1 44 CYS n 
1 45 ARG n 
1 46 ASP n 
1 47 MET n 
1 48 LYS n 
1 49 LYS n 
1 50 PHE n 
1 51 GLY n 
1 52 GLY n 
1 53 PRO n 
1 54 ASN n 
1 55 LYS n 
1 56 ILE n 
1 57 ARG n 
1 58 GLN n 
1 59 LYS n 
1 60 CYS n 
1 61 ARG n 
1 62 LEU n 
1 63 ARG n 
1 64 GLN n 
1 65 CYS n 
1 66 GLN n 
1 67 LEU n 
1 68 ARG n 
1 69 ALA n 
1 70 ARG n 
1 71 GLU n 
1 72 SER n 
1 73 TYR n 
1 74 LYS n 
1 75 TYR n 
1 76 PHE n 
1 77 PRO n 
1 78 SER n 
1 79 SER n 
2 1  DG  n 
2 2  DC  n 
2 3  DC  n 
2 4  DA  n 
2 5  DA  n 
2 6  DC  n 
2 7  DG  n 
2 8  DG  n 
2 9  DT  n 
2 10 DG  n 
2 11 DG  n 
2 12 DC  n 
3 1  DG  n 
3 2  DC  n 
3 3  DC  n 
3 4  DA  n 
3 5  DC  n 
3 6  DC  n 
3 7  DG  n 
3 8  DT  n 
3 9  DT  n 
3 10 DG  n 
3 11 DG  n 
3 12 DC  n 
# 
_entity_src_gen.entity_id                          1 
_entity_src_gen.pdbx_src_id                        1 
_entity_src_gen.pdbx_alt_source_flag               sample 
_entity_src_gen.pdbx_seq_type                      ? 
_entity_src_gen.pdbx_beg_seq_num                   ? 
_entity_src_gen.pdbx_end_seq_num                   ? 
_entity_src_gen.gene_src_common_name               human 
_entity_src_gen.gene_src_genus                     ? 
_entity_src_gen.pdbx_gene_src_gene                 'CFP1, CGBP, CXXC1, PCCX1, PHF18' 
_entity_src_gen.gene_src_species                   ? 
_entity_src_gen.gene_src_strain                    ? 
_entity_src_gen.gene_src_tissue                    ? 
_entity_src_gen.gene_src_tissue_fraction           ? 
_entity_src_gen.gene_src_details                   ? 
_entity_src_gen.pdbx_gene_src_fragment             ? 
_entity_src_gen.pdbx_gene_src_scientific_name      'Homo sapiens' 
_entity_src_gen.pdbx_gene_src_ncbi_taxonomy_id     9606 
_entity_src_gen.pdbx_gene_src_variant              ? 
_entity_src_gen.pdbx_gene_src_cell_line            ? 
_entity_src_gen.pdbx_gene_src_atcc                 ? 
_entity_src_gen.pdbx_gene_src_organ                ? 
_entity_src_gen.pdbx_gene_src_organelle            ? 
_entity_src_gen.pdbx_gene_src_cell                 ? 
_entity_src_gen.pdbx_gene_src_cellular_location    ? 
_entity_src_gen.host_org_common_name               ? 
_entity_src_gen.pdbx_host_org_scientific_name      'Escherichia coli' 
_entity_src_gen.pdbx_host_org_ncbi_taxonomy_id     511693 
_entity_src_gen.host_org_genus                     ? 
_entity_src_gen.pdbx_host_org_gene                 ? 
_entity_src_gen.pdbx_host_org_organ                ? 
_entity_src_gen.host_org_species                   ? 
_entity_src_gen.pdbx_host_org_tissue               ? 
_entity_src_gen.pdbx_host_org_tissue_fraction      ? 
_entity_src_gen.pdbx_host_org_strain               BL21 
_entity_src_gen.pdbx_host_org_variant              ? 
_entity_src_gen.pdbx_host_org_cell_line            ? 
_entity_src_gen.pdbx_host_org_atcc                 ? 
_entity_src_gen.pdbx_host_org_culture_collection   ? 
_entity_src_gen.pdbx_host_org_cell                 ? 
_entity_src_gen.pdbx_host_org_organelle            ? 
_entity_src_gen.pdbx_host_org_cellular_location    ? 
_entity_src_gen.pdbx_host_org_vector_type          plasmid 
_entity_src_gen.pdbx_host_org_vector               ? 
_entity_src_gen.host_org_details                   ? 
_entity_src_gen.expression_system_id               ? 
_entity_src_gen.plasmid_name                       BL21-V2R-pRARE2 
_entity_src_gen.plasmid_details                    ? 
_entity_src_gen.pdbx_description                   ? 
# 
loop_
_pdbx_entity_src_syn.entity_id 
_pdbx_entity_src_syn.pdbx_src_id 
_pdbx_entity_src_syn.pdbx_alt_source_flag 
_pdbx_entity_src_syn.pdbx_beg_seq_num 
_pdbx_entity_src_syn.pdbx_end_seq_num 
_pdbx_entity_src_syn.organism_scientific 
_pdbx_entity_src_syn.organism_common_name 
_pdbx_entity_src_syn.ncbi_taxonomy_id 
_pdbx_entity_src_syn.details 
2 1 sample ? ? ? ? ? 'This sequence occurs naturally in humans.' 
3 1 sample ? ? ? ? ? 'This sequence occurs naturally in humans.' 
# 
loop_
_struct_ref.id 
_struct_ref.db_name 
_struct_ref.db_code 
_struct_ref.pdbx_db_accession 
_struct_ref.entity_id 
_struct_ref.pdbx_seq_one_letter_code 
_struct_ref.pdbx_align_begin 
_struct_ref.pdbx_db_isoform 
1 UNP CXXC1_HUMAN Q9P0U4 1 QIKRSARMCGECEACRRTEDCGHCDFCRDMKKFGGPNKIRQKCRLRQCQLRARESYKYFPSS 161 ? 
2 PDB 3QMG        3QMG   2 GCCAACGGTGGC                                                   ?   ? 
3 PDB 3QMG        3QMG   3 GCCACCGTTGGC                                                   ?   ? 
# 
loop_
_struct_ref_seq.align_id 
_struct_ref_seq.ref_id 
_struct_ref_seq.pdbx_PDB_id_code 
_struct_ref_seq.pdbx_strand_id 
_struct_ref_seq.seq_align_beg 
_struct_ref_seq.pdbx_seq_align_beg_ins_code 
_struct_ref_seq.seq_align_end 
_struct_ref_seq.pdbx_seq_align_end_ins_code 
_struct_ref_seq.pdbx_db_accession 
_struct_ref_seq.db_align_beg 
_struct_ref_seq.pdbx_db_align_beg_ins_code 
_struct_ref_seq.db_align_end 
_struct_ref_seq.pdbx_db_align_end_ins_code 
_struct_ref_seq.pdbx_auth_seq_align_beg 
_struct_ref_seq.pdbx_auth_seq_align_end 
1 1 3QMG A 18 ? 79 ? Q9P0U4 161 ? 222 ? 161 222 
2 2 3QMG B 1  ? 12 ? 3QMG   1   ? 12  ? 1   12  
3 3 3QMG C 1  ? 12 ? 3QMG   1   ? 12  ? 1   12  
# 
loop_
_struct_ref_seq_dif.align_id 
_struct_ref_seq_dif.pdbx_pdb_id_code 
_struct_ref_seq_dif.mon_id 
_struct_ref_seq_dif.pdbx_pdb_strand_id 
_struct_ref_seq_dif.seq_num 
_struct_ref_seq_dif.pdbx_pdb_ins_code 
_struct_ref_seq_dif.pdbx_seq_db_name 
_struct_ref_seq_dif.pdbx_seq_db_accession_code 
_struct_ref_seq_dif.db_mon_id 
_struct_ref_seq_dif.pdbx_seq_db_seq_num 
_struct_ref_seq_dif.details 
_struct_ref_seq_dif.pdbx_auth_seq_num 
_struct_ref_seq_dif.pdbx_ordinal 
1 3QMG MET A 1  ? UNP Q9P0U4 ? ? 'expression tag' 144 1  
1 3QMG HIS A 2  ? UNP Q9P0U4 ? ? 'expression tag' 145 2  
1 3QMG HIS A 3  ? UNP Q9P0U4 ? ? 'expression tag' 146 3  
1 3QMG HIS A 4  ? UNP Q9P0U4 ? ? 'expression tag' 147 4  
1 3QMG HIS A 5  ? UNP Q9P0U4 ? ? 'expression tag' 148 5  
1 3QMG HIS A 6  ? UNP Q9P0U4 ? ? 'expression tag' 149 6  
1 3QMG HIS A 7  ? UNP Q9P0U4 ? ? 'expression tag' 150 7  
1 3QMG SER A 8  ? UNP Q9P0U4 ? ? 'expression tag' 151 8  
1 3QMG SER A 9  ? UNP Q9P0U4 ? ? 'expression tag' 152 9  
1 3QMG ARG A 10 ? UNP Q9P0U4 ? ? 'expression tag' 153 10 
1 3QMG GLU A 11 ? UNP Q9P0U4 ? ? 'expression tag' 154 11 
1 3QMG ASN A 12 ? UNP Q9P0U4 ? ? 'expression tag' 155 12 
1 3QMG LEU A 13 ? UNP Q9P0U4 ? ? 'expression tag' 156 13 
1 3QMG TYR A 14 ? UNP Q9P0U4 ? ? 'expression tag' 157 14 
1 3QMG PHE A 15 ? UNP Q9P0U4 ? ? 'expression tag' 158 15 
1 3QMG GLN A 16 ? UNP Q9P0U4 ? ? 'expression tag' 159 16 
1 3QMG GLY A 17 ? UNP Q9P0U4 ? ? 'expression tag' 160 17 
# 
loop_
_chem_comp.id 
_chem_comp.type 
_chem_comp.mon_nstd_flag 
_chem_comp.name 
_chem_comp.pdbx_synonyms 
_chem_comp.formula 
_chem_comp.formula_weight 
ALA 'L-peptide linking' y ALANINE                              ? 'C3 H7 N O2'      89.093  
ARG 'L-peptide linking' y ARGININE                             ? 'C6 H15 N4 O2 1'  175.209 
ASN 'L-peptide linking' y ASPARAGINE                           ? 'C4 H8 N2 O3'     132.118 
ASP 'L-peptide linking' y 'ASPARTIC ACID'                      ? 'C4 H7 N O4'      133.103 
CYS 'L-peptide linking' y CYSTEINE                             ? 'C3 H7 N O2 S'    121.158 
DA  'DNA linking'       y "2'-DEOXYADENOSINE-5'-MONOPHOSPHATE" ? 'C10 H14 N5 O6 P' 331.222 
DC  'DNA linking'       y "2'-DEOXYCYTIDINE-5'-MONOPHOSPHATE"  ? 'C9 H14 N3 O7 P'  307.197 
DG  'DNA linking'       y "2'-DEOXYGUANOSINE-5'-MONOPHOSPHATE" ? 'C10 H14 N5 O7 P' 347.221 
DT  'DNA linking'       y "THYMIDINE-5'-MONOPHOSPHATE"         ? 'C10 H15 N2 O8 P' 322.208 
GLN 'L-peptide linking' y GLUTAMINE                            ? 'C5 H10 N2 O3'    146.144 
GLU 'L-peptide linking' y 'GLUTAMIC ACID'                      ? 'C5 H9 N O4'      147.129 
GLY 'peptide linking'   y GLYCINE                              ? 'C2 H5 N O2'      75.067  
HIS 'L-peptide linking' y HISTIDINE                            ? 'C6 H10 N3 O2 1'  156.162 
HOH non-polymer         . WATER                                ? 'H2 O'            18.015  
ILE 'L-peptide linking' y ISOLEUCINE                           ? 'C6 H13 N O2'     131.173 
LEU 'L-peptide linking' y LEUCINE                              ? 'C6 H13 N O2'     131.173 
LYS 'L-peptide linking' y LYSINE                               ? 'C6 H15 N2 O2 1'  147.195 
MET 'L-peptide linking' y METHIONINE                           ? 'C5 H11 N O2 S'   149.211 
PEG non-polymer         . 'DI(HYDROXYETHYL)ETHER'              ? 'C4 H10 O3'       106.120 
PHE 'L-peptide linking' y PHENYLALANINE                        ? 'C9 H11 N O2'     165.189 
PRO 'L-peptide linking' y PROLINE                              ? 'C5 H9 N O2'      115.130 
SER 'L-peptide linking' y SERINE                               ? 'C3 H7 N O3'      105.093 
THR 'L-peptide linking' y THREONINE                            ? 'C4 H9 N O3'      119.119 
TYR 'L-peptide linking' y TYROSINE                             ? 'C9 H11 N O3'     181.189 
ZN  non-polymer         . 'ZINC ION'                           ? 'Zn 2'            65.409  
# 
_exptl.entry_id          3QMG 
_exptl.method            'X-RAY DIFFRACTION' 
_exptl.crystals_number   1 
# 
_exptl_crystal.id                    1 
_exptl_crystal.density_meas          ? 
_exptl_crystal.density_Matthews      2.13 
_exptl_crystal.density_percent_sol   42.15 
_exptl_crystal.description           ? 
_exptl_crystal.F_000                 ? 
_exptl_crystal.preparation           ? 
# 
_diffrn.id                     1 
_diffrn.ambient_temp           100 
_diffrn.ambient_temp_details   ? 
_diffrn.crystal_id             1 
# 
_diffrn_detector.diffrn_id              1 
_diffrn_detector.detector               CCD 
_diffrn_detector.type                   'ADSC QUANTUM 315' 
_diffrn_detector.pdbx_collection_date   2010-12-08 
_diffrn_detector.details                ? 
# 
_diffrn_radiation.diffrn_id                        1 
_diffrn_radiation.wavelength_id                    1 
_diffrn_radiation.pdbx_monochromatic_or_laue_m_l   M 
_diffrn_radiation.monochromator                    ? 
_diffrn_radiation.pdbx_diffrn_protocol             'SINGLE WAVELENGTH' 
_diffrn_radiation.pdbx_scattering_type             x-ray 
# 
_diffrn_radiation_wavelength.id           1 
_diffrn_radiation_wavelength.wavelength   0.97924 
_diffrn_radiation_wavelength.wt           1.0 
# 
_diffrn_source.diffrn_id                   1 
_diffrn_source.source                      SYNCHROTRON 
_diffrn_source.type                        'APS BEAMLINE 19-ID' 
_diffrn_source.pdbx_synchrotron_site       APS 
_diffrn_source.pdbx_synchrotron_beamline   19-ID 
_diffrn_source.pdbx_wavelength             ? 
_diffrn_source.pdbx_wavelength_list        0.97924 
# 
_reflns.entry_id                     3QMG 
_reflns.observed_criterion_sigma_I   ? 
_reflns.observed_criterion_sigma_F   ? 
_reflns.d_resolution_low             100 
_reflns.d_resolution_high            2.3 
_reflns.number_obs                   6364 
_reflns.number_all                   ? 
_reflns.percent_possible_obs         ? 
_reflns.pdbx_Rmerge_I_obs            ? 
_reflns.pdbx_Rsym_value              ? 
_reflns.pdbx_netI_over_sigmaI        ? 
_reflns.B_iso_Wilson_estimate        ? 
_reflns.pdbx_redundancy              ? 
_reflns.R_free_details               ? 
_reflns.limit_h_max                  ? 
_reflns.limit_h_min                  ? 
_reflns.limit_k_max                  ? 
_reflns.limit_k_min                  ? 
_reflns.limit_l_max                  ? 
_reflns.limit_l_min                  ? 
_reflns.observed_criterion_F_max     ? 
_reflns.observed_criterion_F_min     ? 
_reflns.pdbx_chi_squared             ? 
_reflns.pdbx_scaling_rejects         ? 
_reflns.pdbx_diffrn_id               1 
_reflns.pdbx_ordinal                 1 
# 
_refine.entry_id                                 3QMG 
_refine.ls_number_reflns_obs                     6364 
_refine.ls_number_reflns_all                     ? 
_refine.pdbx_ls_sigma_I                          ? 
_refine.pdbx_ls_sigma_F                          . 
_refine.pdbx_data_cutoff_high_absF               ? 
_refine.pdbx_data_cutoff_low_absF                ? 
_refine.pdbx_data_cutoff_high_rms_absF           ? 
_refine.ls_d_res_low                             62.88 
_refine.ls_d_res_high                            2.30 
_refine.ls_percent_reflns_obs                    99.21 
_refine.ls_R_factor_obs                          0.21904 
_refine.ls_R_factor_all                          ? 
_refine.ls_R_factor_R_work                       0.21633 
_refine.ls_R_factor_R_free                       0.27872 
_refine.ls_R_factor_R_free_error                 ? 
_refine.ls_R_factor_R_free_error_details         ? 
_refine.ls_percent_reflns_R_free                 4.7 
_refine.ls_number_reflns_R_free                  315 
_refine.ls_number_parameters                     ? 
_refine.ls_number_restraints                     ? 
_refine.occupancy_min                            ? 
_refine.occupancy_max                            ? 
_refine.correlation_coeff_Fo_to_Fc               0.950 
_refine.correlation_coeff_Fo_to_Fc_free          0.913 
_refine.B_iso_mean                               14.949 
_refine.aniso_B[1][1]                            -0.58 
_refine.aniso_B[2][2]                            -0.52 
_refine.aniso_B[3][3]                            1.10 
_refine.aniso_B[1][2]                            0.00 
_refine.aniso_B[1][3]                            0.00 
_refine.aniso_B[2][3]                            0.00 
_refine.solvent_model_details                    MASK 
_refine.solvent_model_param_ksol                 ? 
_refine.solvent_model_param_bsol                 ? 
_refine.pdbx_solvent_vdw_probe_radii             1.40 
_refine.pdbx_solvent_ion_probe_radii             0.80 
_refine.pdbx_solvent_shrinkage_radii             0.80 
_refine.pdbx_ls_cross_valid_method               THROUGHOUT 
_refine.details                                  'HYDROGENS HAVE BEEN ADDED IN THE RIDING POSITIONS' 
_refine.pdbx_starting_model                      3QMB 
_refine.pdbx_method_to_determine_struct          'MOLECULAR REPLACEMENT' 
_refine.pdbx_isotropic_thermal_model             ? 
_refine.pdbx_stereochemistry_target_values       'MAXIMUM LIKELIHOOD' 
_refine.pdbx_stereochem_target_val_spec_case     ? 
_refine.pdbx_R_Free_selection_details            RANDOM 
_refine.pdbx_overall_ESU_R_Free                  0.247 
_refine.overall_SU_ML                            0.161 
_refine.overall_SU_B                             15.011 
_refine.overall_SU_R_Cruickshank_DPI             ? 
_refine.ls_redundancy_reflns_obs                 ? 
_refine.B_iso_min                                ? 
_refine.B_iso_max                                ? 
_refine.overall_SU_R_free                        ? 
_refine.ls_wR_factor_R_free                      ? 
_refine.ls_wR_factor_R_work                      ? 
_refine.overall_FOM_free_R_set                   ? 
_refine.overall_FOM_work_R_set                   ? 
_refine.pdbx_overall_phase_error                 ? 
_refine.pdbx_refine_id                           'X-RAY DIFFRACTION' 
_refine.pdbx_overall_ESU_R                       ? 
_refine.pdbx_TLS_residual_ADP_flag               'LIKELY RESIDUAL' 
_refine.pdbx_diffrn_id                           1 
_refine.pdbx_overall_SU_R_free_Cruickshank_DPI   ? 
_refine.pdbx_overall_SU_R_Blow_DPI               ? 
_refine.pdbx_overall_SU_R_free_Blow_DPI          ? 
# 
_refine_hist.pdbx_refine_id                   'X-RAY DIFFRACTION' 
_refine_hist.cycle_id                         LAST 
_refine_hist.pdbx_number_atoms_protein        406 
_refine_hist.pdbx_number_atoms_nucleic_acid   486 
_refine_hist.pdbx_number_atoms_ligand         9 
_refine_hist.number_atoms_solvent             10 
_refine_hist.number_atoms_total               911 
_refine_hist.d_res_high                       2.30 
_refine_hist.d_res_low                        62.88 
# 
loop_
_refine_ls_restr.type 
_refine_ls_restr.dev_ideal 
_refine_ls_restr.dev_ideal_target 
_refine_ls_restr.weight 
_refine_ls_restr.number 
_refine_ls_restr.pdbx_refine_id 
_refine_ls_restr.pdbx_restraint_function 
r_bond_refined_d             0.005  0.021  ? 960  'X-RAY DIFFRACTION' ? 
r_bond_other_d               ?      ?      ? ?    'X-RAY DIFFRACTION' ? 
r_angle_refined_deg          1.063  2.588  ? 1382 'X-RAY DIFFRACTION' ? 
r_angle_other_deg            ?      ?      ? ?    'X-RAY DIFFRACTION' ? 
r_dihedral_angle_1_deg       7.558  5.000  ? 51   'X-RAY DIFFRACTION' ? 
r_dihedral_angle_2_deg       34.105 20.000 ? 22   'X-RAY DIFFRACTION' ? 
r_dihedral_angle_3_deg       17.818 15.000 ? 79   'X-RAY DIFFRACTION' ? 
r_dihedral_angle_4_deg       19.486 15.000 ? 9    'X-RAY DIFFRACTION' ? 
r_chiral_restr               0.069  0.200  ? 146  'X-RAY DIFFRACTION' ? 
r_gen_planes_refined         0.021  0.020  ? 569  'X-RAY DIFFRACTION' ? 
r_gen_planes_other           ?      ?      ? ?    'X-RAY DIFFRACTION' ? 
r_nbd_refined                ?      ?      ? ?    'X-RAY DIFFRACTION' ? 
r_nbd_other                  ?      ?      ? ?    'X-RAY DIFFRACTION' ? 
r_nbtor_refined              ?      ?      ? ?    'X-RAY DIFFRACTION' ? 
r_nbtor_other                ?      ?      ? ?    'X-RAY DIFFRACTION' ? 
r_xyhbond_nbd_refined        ?      ?      ? ?    'X-RAY DIFFRACTION' ? 
r_xyhbond_nbd_other          ?      ?      ? ?    'X-RAY DIFFRACTION' ? 
r_metal_ion_refined          ?      ?      ? ?    'X-RAY DIFFRACTION' ? 
r_metal_ion_other            ?      ?      ? ?    'X-RAY DIFFRACTION' ? 
r_symmetry_vdw_refined       ?      ?      ? ?    'X-RAY DIFFRACTION' ? 
r_symmetry_vdw_other         ?      ?      ? ?    'X-RAY DIFFRACTION' ? 
r_symmetry_hbond_refined     ?      ?      ? ?    'X-RAY DIFFRACTION' ? 
r_symmetry_hbond_other       ?      ?      ? ?    'X-RAY DIFFRACTION' ? 
r_symmetry_metal_ion_refined ?      ?      ? ?    'X-RAY DIFFRACTION' ? 
r_symmetry_metal_ion_other   ?      ?      ? ?    'X-RAY DIFFRACTION' ? 
r_mcbond_it                  1.401  1.500  ? 256  'X-RAY DIFFRACTION' ? 
r_mcbond_other               ?      ?      ? ?    'X-RAY DIFFRACTION' ? 
r_mcangle_it                 2.235  2.000  ? 399  'X-RAY DIFFRACTION' ? 
r_scbond_it                  3.841  3.000  ? 704  'X-RAY DIFFRACTION' ? 
r_scangle_it                 5.199  4.500  ? 983  'X-RAY DIFFRACTION' ? 
r_rigid_bond_restr           ?      ?      ? ?    'X-RAY DIFFRACTION' ? 
r_sphericity_free            ?      ?      ? ?    'X-RAY DIFFRACTION' ? 
r_sphericity_bonded          ?      ?      ? ?    'X-RAY DIFFRACTION' ? 
# 
_refine_ls_shell.pdbx_total_number_of_bins_used   20 
_refine_ls_shell.d_res_high                       2.301 
_refine_ls_shell.d_res_low                        2.361 
_refine_ls_shell.number_reflns_R_work             447 
_refine_ls_shell.R_factor_R_work                  0.352 
_refine_ls_shell.percent_reflns_obs               94.25 
_refine_ls_shell.R_factor_R_free                  0.375 
_refine_ls_shell.R_factor_R_free_error            ? 
_refine_ls_shell.percent_reflns_R_free            ? 
_refine_ls_shell.number_reflns_R_free             28 
_refine_ls_shell.number_reflns_all                ? 
_refine_ls_shell.R_factor_all                     ? 
_refine_ls_shell.number_reflns_obs                ? 
_refine_ls_shell.redundancy_reflns_obs            ? 
_refine_ls_shell.pdbx_refine_id                   'X-RAY DIFFRACTION' 
# 
_struct.entry_id                  3QMG 
_struct.title                     'Structural Basis of Selective Binding of Non-Methylated CpG islands by the CXXC Domain of CFP1' 
_struct.pdbx_model_details        ? 
_struct.pdbx_CASP_flag            ? 
_struct.pdbx_model_type_details   ? 
# 
_struct_keywords.entry_id        3QMG 
_struct_keywords.pdbx_keywords   'DNA BINDING PROTEIN/DNA' 
_struct_keywords.text            'Structural Genomics Consortium, SGC, Protein-DNA complex, DNA BINDING PROTEIN-DNA complex' 
# 
loop_
_struct_asym.id 
_struct_asym.pdbx_blank_PDB_chainid_flag 
_struct_asym.pdbx_modified 
_struct_asym.entity_id 
_struct_asym.details 
A N N 1 ? 
B N N 2 ? 
C N N 3 ? 
D N N 4 ? 
E N N 4 ? 
F N N 5 ? 
G N N 6 ? 
H N N 6 ? 
# 
_struct_biol.id        1 
_struct_biol.details   ? 
# 
loop_
_struct_conf.conf_type_id 
_struct_conf.id 
_struct_conf.pdbx_PDB_helix_id 
_struct_conf.beg_label_comp_id 
_struct_conf.beg_label_asym_id 
_struct_conf.beg_label_seq_id 
_struct_conf.pdbx_beg_PDB_ins_code 
_struct_conf.end_label_comp_id 
_struct_conf.end_label_asym_id 
_struct_conf.end_label_seq_id 
_struct_conf.pdbx_end_PDB_ins_code 
_struct_conf.beg_auth_comp_id 
_struct_conf.beg_auth_asym_id 
_struct_conf.beg_auth_seq_id 
_struct_conf.end_auth_comp_id 
_struct_conf.end_auth_asym_id 
_struct_conf.end_auth_seq_id 
_struct_conf.pdbx_PDB_helix_class 
_struct_conf.details 
_struct_conf.pdbx_PDB_helix_length 
HELX_P HELX_P1 1 CYS A 29 ? ARG A 34 ? CYS A 172 ARG A 177 1 ? 6 
HELX_P HELX_P2 2 CYS A 41 ? MET A 47 ? CYS A 184 MET A 190 1 ? 7 
HELX_P HELX_P3 3 LYS A 48 ? GLY A 51 ? LYS A 191 GLY A 194 5 ? 4 
HELX_P HELX_P4 4 CYS A 60 ? GLN A 64 ? CYS A 203 GLN A 207 5 ? 5 
HELX_P HELX_P5 5 ARG A 70 ? LYS A 74 ? ARG A 213 LYS A 217 5 ? 5 
# 
_struct_conf_type.id          HELX_P 
_struct_conf_type.criteria    ? 
_struct_conf_type.reference   ? 
# 
loop_
_struct_conn.id 
_struct_conn.conn_type_id 
_struct_conn.pdbx_leaving_atom_flag 
_struct_conn.pdbx_PDB_id 
_struct_conn.ptnr1_label_asym_id 
_struct_conn.ptnr1_label_comp_id 
_struct_conn.ptnr1_label_seq_id 
_struct_conn.ptnr1_label_atom_id 
_struct_conn.pdbx_ptnr1_label_alt_id 
_struct_conn.pdbx_ptnr1_PDB_ins_code 
_struct_conn.pdbx_ptnr1_standard_comp_id 
_struct_conn.ptnr1_symmetry 
_struct_conn.ptnr2_label_asym_id 
_struct_conn.ptnr2_label_comp_id 
_struct_conn.ptnr2_label_seq_id 
_struct_conn.ptnr2_label_atom_id 
_struct_conn.pdbx_ptnr2_label_alt_id 
_struct_conn.pdbx_ptnr2_PDB_ins_code 
_struct_conn.ptnr1_auth_asym_id 
_struct_conn.ptnr1_auth_comp_id 
_struct_conn.ptnr1_auth_seq_id 
_struct_conn.ptnr2_auth_asym_id 
_struct_conn.ptnr2_auth_comp_id 
_struct_conn.ptnr2_auth_seq_id 
_struct_conn.ptnr2_symmetry 
_struct_conn.pdbx_ptnr3_label_atom_id 
_struct_conn.pdbx_ptnr3_label_seq_id 
_struct_conn.pdbx_ptnr3_label_comp_id 
_struct_conn.pdbx_ptnr3_label_asym_id 
_struct_conn.pdbx_ptnr3_label_alt_id 
_struct_conn.pdbx_ptnr3_PDB_ins_code 
_struct_conn.details 
_struct_conn.pdbx_dist_value 
_struct_conn.pdbx_value_order 
_struct_conn.pdbx_role 
metalc1  metalc ? ? A CYS 26 SG ? ? ? 1_555 D ZN .  ZN ? ? A CYS 169 A ZN 300 1_555 ? ? ? ? ? ? ?            2.301 ? ? 
metalc2  metalc ? ? A CYS 29 SG ? ? ? 1_555 D ZN .  ZN ? ? A CYS 172 A ZN 300 1_555 ? ? ? ? ? ? ?            2.250 ? ? 
metalc3  metalc ? ? A CYS 32 SG ? ? ? 1_555 D ZN .  ZN ? ? A CYS 175 A ZN 300 1_555 ? ? ? ? ? ? ?            2.357 ? ? 
metalc4  metalc ? ? A CYS 38 SG ? ? ? 1_555 E ZN .  ZN ? ? A CYS 181 A ZN 301 1_555 ? ? ? ? ? ? ?            2.317 ? ? 
metalc5  metalc ? ? A CYS 41 SG ? ? ? 1_555 E ZN .  ZN ? ? A CYS 184 A ZN 301 1_555 ? ? ? ? ? ? ?            2.329 ? ? 
metalc6  metalc ? ? A CYS 44 SG ? ? ? 1_555 E ZN .  ZN ? ? A CYS 187 A ZN 301 1_555 ? ? ? ? ? ? ?            2.310 ? ? 
metalc7  metalc ? ? A CYS 60 SG ? ? ? 1_555 E ZN .  ZN ? ? A CYS 203 A ZN 301 1_555 ? ? ? ? ? ? ?            2.222 ? ? 
metalc8  metalc ? ? A CYS 65 SG ? ? ? 1_555 D ZN .  ZN ? ? A CYS 208 A ZN 300 1_555 ? ? ? ? ? ? ?            2.221 ? ? 
hydrog1  hydrog ? ? B DG  1  N1 ? ? ? 1_555 C DC 12 N3 ? ? B DG  1   C DC 12  1_555 ? ? ? ? ? ? WATSON-CRICK ?     ? ? 
hydrog2  hydrog ? ? B DG  1  N2 ? ? ? 1_555 C DC 12 O2 ? ? B DG  1   C DC 12  1_555 ? ? ? ? ? ? WATSON-CRICK ?     ? ? 
hydrog3  hydrog ? ? B DG  1  O6 ? ? ? 1_555 C DC 12 N4 ? ? B DG  1   C DC 12  1_555 ? ? ? ? ? ? WATSON-CRICK ?     ? ? 
hydrog4  hydrog ? ? B DC  2  N3 ? ? ? 1_555 C DG 11 N1 ? ? B DC  2   C DG 11  1_555 ? ? ? ? ? ? WATSON-CRICK ?     ? ? 
hydrog5  hydrog ? ? B DC  2  N4 ? ? ? 1_555 C DG 11 O6 ? ? B DC  2   C DG 11  1_555 ? ? ? ? ? ? WATSON-CRICK ?     ? ? 
hydrog6  hydrog ? ? B DC  2  O2 ? ? ? 1_555 C DG 11 N2 ? ? B DC  2   C DG 11  1_555 ? ? ? ? ? ? WATSON-CRICK ?     ? ? 
hydrog7  hydrog ? ? B DC  3  N3 ? ? ? 1_555 C DG 10 N1 ? ? B DC  3   C DG 10  1_555 ? ? ? ? ? ? WATSON-CRICK ?     ? ? 
hydrog8  hydrog ? ? B DC  3  N4 ? ? ? 1_555 C DG 10 O6 ? ? B DC  3   C DG 10  1_555 ? ? ? ? ? ? WATSON-CRICK ?     ? ? 
hydrog9  hydrog ? ? B DC  3  O2 ? ? ? 1_555 C DG 10 N2 ? ? B DC  3   C DG 10  1_555 ? ? ? ? ? ? WATSON-CRICK ?     ? ? 
hydrog10 hydrog ? ? B DA  4  N1 ? ? ? 1_555 C DT 9  N3 ? ? B DA  4   C DT 9   1_555 ? ? ? ? ? ? WATSON-CRICK ?     ? ? 
hydrog11 hydrog ? ? B DA  4  N6 ? ? ? 1_555 C DT 9  O4 ? ? B DA  4   C DT 9   1_555 ? ? ? ? ? ? WATSON-CRICK ?     ? ? 
hydrog12 hydrog ? ? B DA  5  N1 ? ? ? 1_555 C DT 8  N3 ? ? B DA  5   C DT 8   1_555 ? ? ? ? ? ? WATSON-CRICK ?     ? ? 
hydrog13 hydrog ? ? B DA  5  N6 ? ? ? 1_555 C DT 8  O4 ? ? B DA  5   C DT 8   1_555 ? ? ? ? ? ? WATSON-CRICK ?     ? ? 
hydrog14 hydrog ? ? B DC  6  N3 ? ? ? 1_555 C DG 7  N1 ? ? B DC  6   C DG 7   1_555 ? ? ? ? ? ? WATSON-CRICK ?     ? ? 
hydrog15 hydrog ? ? B DC  6  N4 ? ? ? 1_555 C DG 7  O6 ? ? B DC  6   C DG 7   1_555 ? ? ? ? ? ? WATSON-CRICK ?     ? ? 
hydrog16 hydrog ? ? B DC  6  O2 ? ? ? 1_555 C DG 7  N2 ? ? B DC  6   C DG 7   1_555 ? ? ? ? ? ? WATSON-CRICK ?     ? ? 
hydrog17 hydrog ? ? B DG  7  N1 ? ? ? 1_555 C DC 6  N3 ? ? B DG  7   C DC 6   1_555 ? ? ? ? ? ? WATSON-CRICK ?     ? ? 
hydrog18 hydrog ? ? B DG  7  N2 ? ? ? 1_555 C DC 6  O2 ? ? B DG  7   C DC 6   1_555 ? ? ? ? ? ? WATSON-CRICK ?     ? ? 
hydrog19 hydrog ? ? B DG  7  O6 ? ? ? 1_555 C DC 6  N4 ? ? B DG  7   C DC 6   1_555 ? ? ? ? ? ? WATSON-CRICK ?     ? ? 
hydrog20 hydrog ? ? B DG  8  N1 ? ? ? 1_555 C DC 5  N3 ? ? B DG  8   C DC 5   1_555 ? ? ? ? ? ? WATSON-CRICK ?     ? ? 
hydrog21 hydrog ? ? B DG  8  N2 ? ? ? 1_555 C DC 5  O2 ? ? B DG  8   C DC 5   1_555 ? ? ? ? ? ? WATSON-CRICK ?     ? ? 
hydrog22 hydrog ? ? B DG  8  O6 ? ? ? 1_555 C DC 5  N4 ? ? B DG  8   C DC 5   1_555 ? ? ? ? ? ? WATSON-CRICK ?     ? ? 
hydrog23 hydrog ? ? B DT  9  N3 ? ? ? 1_555 C DA 4  N1 ? ? B DT  9   C DA 4   1_555 ? ? ? ? ? ? WATSON-CRICK ?     ? ? 
hydrog24 hydrog ? ? B DT  9  O4 ? ? ? 1_555 C DA 4  N6 ? ? B DT  9   C DA 4   1_555 ? ? ? ? ? ? WATSON-CRICK ?     ? ? 
hydrog25 hydrog ? ? B DG  10 N1 ? ? ? 1_555 C DC 3  N3 ? ? B DG  10  C DC 3   1_555 ? ? ? ? ? ? WATSON-CRICK ?     ? ? 
hydrog26 hydrog ? ? B DG  10 N2 ? ? ? 1_555 C DC 3  O2 ? ? B DG  10  C DC 3   1_555 ? ? ? ? ? ? WATSON-CRICK ?     ? ? 
hydrog27 hydrog ? ? B DG  10 O6 ? ? ? 1_555 C DC 3  N4 ? ? B DG  10  C DC 3   1_555 ? ? ? ? ? ? WATSON-CRICK ?     ? ? 
hydrog28 hydrog ? ? B DG  11 N1 ? ? ? 1_555 C DC 2  N3 ? ? B DG  11  C DC 2   1_555 ? ? ? ? ? ? WATSON-CRICK ?     ? ? 
hydrog29 hydrog ? ? B DG  11 N2 ? ? ? 1_555 C DC 2  O2 ? ? B DG  11  C DC 2   1_555 ? ? ? ? ? ? WATSON-CRICK ?     ? ? 
hydrog30 hydrog ? ? B DG  11 O6 ? ? ? 1_555 C DC 2  N4 ? ? B DG  11  C DC 2   1_555 ? ? ? ? ? ? WATSON-CRICK ?     ? ? 
hydrog31 hydrog ? ? B DC  12 N3 ? ? ? 1_555 C DG 1  N1 ? ? B DC  12  C DG 1   1_555 ? ? ? ? ? ? WATSON-CRICK ?     ? ? 
hydrog32 hydrog ? ? B DC  12 N4 ? ? ? 1_555 C DG 1  O6 ? ? B DC  12  C DG 1   1_555 ? ? ? ? ? ? WATSON-CRICK ?     ? ? 
hydrog33 hydrog ? ? B DC  12 O2 ? ? ? 1_555 C DG 1  N2 ? ? B DC  12  C DG 1   1_555 ? ? ? ? ? ? WATSON-CRICK ?     ? ? 
# 
loop_
_struct_conn_type.id 
_struct_conn_type.criteria 
_struct_conn_type.reference 
metalc ? ? 
hydrog ? ? 
# 
loop_
_struct_site.id 
_struct_site.pdbx_evidence_code 
_struct_site.pdbx_auth_asym_id 
_struct_site.pdbx_auth_comp_id 
_struct_site.pdbx_auth_seq_id 
_struct_site.pdbx_auth_ins_code 
_struct_site.pdbx_num_residues 
_struct_site.details 
AC1 Software A ZN  300 ? 4 'BINDING SITE FOR RESIDUE ZN A 300'  
AC2 Software A ZN  301 ? 4 'BINDING SITE FOR RESIDUE ZN A 301'  
AC3 Software A PEG 302 ? 2 'BINDING SITE FOR RESIDUE PEG A 302' 
# 
loop_
_struct_site_gen.id 
_struct_site_gen.site_id 
_struct_site_gen.pdbx_num_res 
_struct_site_gen.label_comp_id 
_struct_site_gen.label_asym_id 
_struct_site_gen.label_seq_id 
_struct_site_gen.pdbx_auth_ins_code 
_struct_site_gen.auth_comp_id 
_struct_site_gen.auth_asym_id 
_struct_site_gen.auth_seq_id 
_struct_site_gen.label_atom_id 
_struct_site_gen.label_alt_id 
_struct_site_gen.symmetry 
_struct_site_gen.details 
1  AC1 4 CYS A 26 ? CYS A 169 . ? 1_555 ? 
2  AC1 4 CYS A 29 ? CYS A 172 . ? 1_555 ? 
3  AC1 4 CYS A 32 ? CYS A 175 . ? 1_555 ? 
4  AC1 4 CYS A 65 ? CYS A 208 . ? 1_555 ? 
5  AC2 4 CYS A 38 ? CYS A 181 . ? 1_555 ? 
6  AC2 4 CYS A 41 ? CYS A 184 . ? 1_555 ? 
7  AC2 4 CYS A 44 ? CYS A 187 . ? 1_555 ? 
8  AC2 4 CYS A 60 ? CYS A 203 . ? 1_555 ? 
9  AC3 2 HIS A 40 ? HIS A 183 . ? 3_555 ? 
10 AC3 2 LYS A 74 ? LYS A 217 . ? 1_555 ? 
# 
_atom_sites.entry_id                    3QMG 
_atom_sites.fract_transf_matrix[1][1]   -0.00863015 
_atom_sites.fract_transf_matrix[1][2]   -0.02947646 
_atom_sites.fract_transf_matrix[1][3]   -0.01166944 
_atom_sites.fract_transf_matrix[2][1]   -0.00396056 
_atom_sites.fract_transf_matrix[2][2]   0.00567809 
_atom_sites.fract_transf_matrix[2][3]   -0.01141355 
_atom_sites.fract_transf_matrix[3][1]   0.00730104 
_atom_sites.fract_transf_matrix[3][2]   -0.00094793 
_atom_sites.fract_transf_matrix[3][3]   -0.00300508 
_atom_sites.fract_transf_vector[1]      -0.122051 
_atom_sites.fract_transf_vector[2]      -0.147435 
_atom_sites.fract_transf_vector[3]      0.175643 
# 
loop_
_atom_type.symbol 
C  
N  
O  
P  
S  
ZN 
# 
loop_
_atom_site.group_PDB 
_atom_site.id 
_atom_site.type_symbol 
_atom_site.label_atom_id 
_atom_site.label_alt_id 
_atom_site.label_comp_id 
_atom_site.label_asym_id 
_atom_site.label_entity_id 
_atom_site.label_seq_id 
_atom_site.pdbx_PDB_ins_code 
_atom_site.Cartn_x 
_atom_site.Cartn_y 
_atom_site.Cartn_z 
_atom_site.occupancy 
_atom_site.B_iso_or_equiv 
_atom_site.pdbx_formal_charge 
_atom_site.auth_seq_id 
_atom_site.auth_comp_id 
_atom_site.auth_asym_id 
_atom_site.auth_atom_id 
_atom_site.pdbx_PDB_model_num 
ATOM   1   N  N     . ALA A 1 23 ? -3.906  14.018  -0.002  1.00 24.06 ? 166 ALA A N     1 
ATOM   2   C  CA    . ALA A 1 23 ? -4.445  13.939  1.397   1.00 23.43 ? 166 ALA A CA    1 
ATOM   3   C  C     . ALA A 1 23 ? -3.639  12.929  2.216   1.00 23.24 ? 166 ALA A C     1 
ATOM   4   O  O     . ALA A 1 23 ? -3.015  13.280  3.224   1.00 21.97 ? 166 ALA A O     1 
ATOM   5   C  CB    . ALA A 1 23 ? -5.914  13.544  1.379   1.00 22.81 ? 166 ALA A CB    1 
ATOM   6   N  N     . ARG A 1 24 ? -3.686  11.668  1.788   1.00 18.79 ? 167 ARG A N     1 
ATOM   7   C  CA    . ARG A 1 24 ? -2.688  10.690  2.195   1.00 17.64 ? 167 ARG A CA    1 
ATOM   8   C  C     . ARG A 1 24 ? -1.675  10.442  1.081   1.00 15.19 ? 167 ARG A C     1 
ATOM   9   O  O     . ARG A 1 24 ? -0.924  9.467   1.125   1.00 14.48 ? 167 ARG A O     1 
ATOM   10  C  CB    . ARG A 1 24 ? -3.354  9.378   2.613   1.00 15.51 ? 167 ARG A CB    1 
ATOM   11  C  CG    . ARG A 1 24 ? -4.131  9.465   3.923   1.00 20.93 ? 167 ARG A CG    1 
ATOM   12  C  CD    . ARG A 1 24 ? -3.218  9.791   5.101   1.00 18.05 ? 167 ARG A CD    1 
ATOM   13  N  NE    . ARG A 1 24 ? -3.910  9.644   6.382   1.00 19.89 ? 167 ARG A NE    1 
ATOM   14  C  CZ    . ARG A 1 24 ? -3.353  9.884   7.571   1.00 22.90 ? 167 ARG A CZ    1 
ATOM   15  N  NH1   . ARG A 1 24 ? -2.066  10.212  7.661   1.00 14.79 ? 167 ARG A NH1   1 
ATOM   16  N  NH2   . ARG A 1 24 ? -4.079  9.771   8.676   1.00 14.98 ? 167 ARG A NH2   1 
ATOM   17  N  N     . MET A 1 25 ? -1.667  11.326  0.084   1.00 12.72 ? 168 MET A N     1 
ATOM   18  C  CA    . MET A 1 25 ? -0.786  11.176  -1.071  1.00 12.77 ? 168 MET A CA    1 
ATOM   19  C  C     . MET A 1 25 ? -0.115  12.489  -1.458  1.00 12.69 ? 168 MET A C     1 
ATOM   20  O  O     . MET A 1 25 ? -0.785  13.440  -1.865  1.00 11.68 ? 168 MET A O     1 
ATOM   21  C  CB    . MET A 1 25 ? -1.554  10.607  -2.268  1.00 13.62 ? 168 MET A CB    1 
ATOM   22  C  CG    . MET A 1 25 ? -1.612  9.087   -2.294  1.00 13.63 ? 168 MET A CG    1 
ATOM   23  S  SD    . MET A 1 25 ? -2.592  8.431   -3.674  1.00 19.63 ? 168 MET A SD    1 
ATOM   24  C  CE    . MET A 1 25 ? -1.384  8.495   -5.003  1.00 16.36 ? 168 MET A CE    1 
ATOM   25  N  N     . CYS A 1 26 ? 1.212   12.526  -1.387  1.00 11.87 ? 169 CYS A N     1 
ATOM   26  C  CA    . CYS A 1 26 ? 1.936   13.696  -1.870  1.00 10.47 ? 169 CYS A CA    1 
ATOM   27  C  C     . CYS A 1 26 ? 1.964   13.693  -3.400  1.00 11.30 ? 169 CYS A C     1 
ATOM   28  O  O     . CYS A 1 26 ? 2.024   14.747  -4.033  1.00 9.08  ? 169 CYS A O     1 
ATOM   29  C  CB    . CYS A 1 26 ? 3.355   13.733  -1.299  1.00 10.91 ? 169 CYS A CB    1 
ATOM   30  S  SG    . CYS A 1 26 ? 4.531   12.579  -2.074  1.00 8.95  ? 169 CYS A SG    1 
ATOM   31  N  N     . GLY A 1 27 ? 1.886   12.501  -3.988  1.00 10.27 ? 170 GLY A N     1 
ATOM   32  C  CA    . GLY A 1 27 ? 1.911   12.361  -5.446  1.00 10.31 ? 170 GLY A CA    1 
ATOM   33  C  C     . GLY A 1 27 ? 3.282   12.544  -6.080  1.00 11.68 ? 170 GLY A C     1 
ATOM   34  O  O     . GLY A 1 27 ? 3.411   12.496  -7.307  1.00 12.01 ? 170 GLY A O     1 
ATOM   35  N  N     . GLU A 1 28 ? 4.317   12.683  -5.251  1.00 10.55 ? 171 GLU A N     1 
ATOM   36  C  CA    . GLU A 1 28 ? 5.642   13.066  -5.735  1.00 9.02  ? 171 GLU A CA    1 
ATOM   37  C  C     . GLU A 1 28 ? 6.755   12.125  -5.279  1.00 8.53  ? 171 GLU A C     1 
ATOM   38  O  O     . GLU A 1 28 ? 7.924   12.382  -5.556  1.00 7.60  ? 171 GLU A O     1 
ATOM   39  C  CB    . GLU A 1 28 ? 5.993   14.477  -5.265  1.00 9.17  ? 171 GLU A CB    1 
ATOM   40  C  CG    . GLU A 1 28 ? 5.032   15.556  -5.708  1.00 12.18 ? 171 GLU A CG    1 
ATOM   41  C  CD    . GLU A 1 28 ? 5.653   16.933  -5.631  1.00 15.19 ? 171 GLU A CD    1 
ATOM   42  O  OE1   . GLU A 1 28 ? 5.265   17.714  -4.734  1.00 20.17 ? 171 GLU A OE1   1 
ATOM   43  O  OE2   . GLU A 1 28 ? 6.580   17.207  -6.422  1.00 15.01 ? 171 GLU A OE2   1 
ATOM   44  N  N     . CYS A 1 29 ? 6.436   11.232  -4.352  1.00 8.38  ? 172 CYS A N     1 
ATOM   45  C  CA    . CYS A 1 29 ? 7.459   10.347  -3.797  1.00 7.19  ? 172 CYS A CA    1 
ATOM   46  C  C     . CYS A 1 29 ? 7.490   9.035   -4.574  1.00 8.31  ? 172 CYS A C     1 
ATOM   47  O  O     . CYS A 1 29 ? 6.584   8.749   -5.369  1.00 7.27  ? 172 CYS A O     1 
ATOM   48  C  CB    . CYS A 1 29 ? 7.202   10.086  -2.311  1.00 5.51  ? 172 CYS A CB    1 
ATOM   49  S  SG    . CYS A 1 29 ? 5.760   9.042   -1.964  1.00 10.17 ? 172 CYS A SG    1 
ATOM   50  N  N     . GLU A 1 30 ? 8.521   8.232   -4.326  1.00 9.62  ? 173 GLU A N     1 
ATOM   51  C  CA    . GLU A 1 30 ? 8.658   6.931   -4.976  1.00 11.18 ? 173 GLU A CA    1 
ATOM   52  C  C     . GLU A 1 30 ? 7.385   6.090   -4.800  1.00 11.52 ? 173 GLU A C     1 
ATOM   53  O  O     . GLU A 1 30 ? 6.864   5.531   -5.765  1.00 9.98  ? 173 GLU A O     1 
ATOM   54  C  CB    . GLU A 1 30 ? 9.879   6.183   -4.430  1.00 12.56 ? 173 GLU A CB    1 
ATOM   55  N  N     . ALA A 1 31 ? 6.817   6.113   -3.594  1.00 11.15 ? 174 ALA A N     1 
ATOM   56  C  CA    . ALA A 1 31 ? 5.686   5.243   -3.271  1.00 10.03 ? 174 ALA A CA    1 
ATOM   57  C  C     . ALA A 1 31 ? 4.419   5.695   -3.995  1.00 10.86 ? 174 ALA A C     1 
ATOM   58  O  O     . ALA A 1 31 ? 3.668   4.870   -4.503  1.00 9.74  ? 174 ALA A O     1 
ATOM   59  C  CB    . ALA A 1 31 ? 5.464   5.180   -1.765  1.00 8.13  ? 174 ALA A CB    1 
ATOM   60  N  N     . CYS A 1 32 ? 4.254   7.008   -4.146  1.00 12.14 ? 175 CYS A N     1 
ATOM   61  C  CA    . CYS A 1 32 ? 3.097   7.559   -4.858  1.00 11.20 ? 175 CYS A CA    1 
ATOM   62  C  C     . CYS A 1 32 ? 3.162   7.288   -6.362  1.00 12.59 ? 175 CYS A C     1 
ATOM   63  O  O     . CYS A 1 32 ? 2.135   7.267   -7.045  1.00 11.50 ? 175 CYS A O     1 
ATOM   64  C  CB    . CYS A 1 32 ? 2.962   9.062   -4.595  1.00 11.37 ? 175 CYS A CB    1 
ATOM   65  S  SG    . CYS A 1 32 ? 2.299   9.459   -2.961  1.00 8.10  ? 175 CYS A SG    1 
ATOM   66  N  N     . ARG A 1 33 ? 4.364   7.022   -6.866  1.00 14.29 ? 176 ARG A N     1 
ATOM   67  C  CA    . ARG A 1 33 ? 4.553   6.838   -8.301  1.00 16.21 ? 176 ARG A CA    1 
ATOM   68  C  C     . ARG A 1 33 ? 4.464   5.377   -8.734  1.00 17.76 ? 176 ARG A C     1 
ATOM   69  O  O     . ARG A 1 33 ? 4.237   5.084   -9.910  1.00 17.96 ? 176 ARG A O     1 
ATOM   70  C  CB    . ARG A 1 33 ? 5.872   7.458   -8.757  1.00 16.33 ? 176 ARG A CB    1 
ATOM   71  C  CG    . ARG A 1 33 ? 5.819   8.977   -8.839  1.00 18.55 ? 176 ARG A CG    1 
ATOM   72  C  CD    . ARG A 1 33 ? 7.051   9.523   -9.534  1.00 24.95 ? 176 ARG A CD    1 
ATOM   73  N  NE    . ARG A 1 33 ? 8.263   9.181   -8.803  1.00 26.67 ? 176 ARG A NE    1 
ATOM   74  C  CZ    . ARG A 1 33 ? 8.892   10.009  -7.978  1.00 26.87 ? 176 ARG A CZ    1 
ATOM   75  N  NH1   . ARG A 1 33 ? 8.477   11.260  -7.854  1.00 28.28 ? 176 ARG A NH1   1 
ATOM   76  N  NH2   . ARG A 1 33 ? 9.977   9.605   -7.334  1.00 31.69 ? 176 ARG A NH2   1 
ATOM   77  N  N     . ARG A 1 34 ? 4.590   4.466   -7.774  1.00 17.25 ? 177 ARG A N     1 
ATOM   78  C  CA    . ARG A 1 34 ? 4.461   3.046   -8.056  1.00 16.60 ? 177 ARG A CA    1 
ATOM   79  C  C     . ARG A 1 34 ? 3.092   2.754   -8.626  1.00 16.57 ? 177 ARG A C     1 
ATOM   80  O  O     . ARG A 1 34 ? 2.086   3.096   -8.013  1.00 14.99 ? 177 ARG A O     1 
ATOM   81  C  CB    . ARG A 1 34 ? 4.629   2.230   -6.781  1.00 17.79 ? 177 ARG A CB    1 
ATOM   82  C  CG    . ARG A 1 34 ? 6.019   2.245   -6.246  1.00 21.47 ? 177 ARG A CG    1 
ATOM   83  C  CD    . ARG A 1 34 ? 6.210   1.205   -5.170  1.00 25.37 ? 177 ARG A CD    1 
ATOM   84  N  NE    . ARG A 1 34 ? 7.565   1.323   -4.647  1.00 28.40 ? 177 ARG A NE    1 
ATOM   85  C  CZ    . ARG A 1 34 ? 8.620   0.773   -5.225  1.00 21.95 ? 177 ARG A CZ    1 
ATOM   86  N  NH1   . ARG A 1 34 ? 8.438   -0.099  -6.211  1.00 25.84 ? 177 ARG A NH1   1 
ATOM   87  N  NH2   . ARG A 1 34 ? 9.841   1.049   -4.783  1.00 14.26 ? 177 ARG A NH2   1 
ATOM   88  N  N     . THR A 1 35 ? 3.054   1.892   -9.634  1.00 15.89 ? 178 THR A N     1 
ATOM   89  C  CA    . THR A 1 35 ? 1.786   1.359   -10.100 1.00 16.75 ? 178 THR A CA    1 
ATOM   90  C  C     . THR A 1 35 ? 1.567   -0.095  -9.689  1.00 15.85 ? 178 THR A C     1 
ATOM   91  O  O     . THR A 1 35 ? 0.435   -0.577  -9.684  1.00 17.04 ? 178 THR A O     1 
ATOM   92  C  CB    . THR A 1 35 ? 1.614   1.539   -11.623 1.00 17.55 ? 178 THR A CB    1 
ATOM   93  O  OG1   . THR A 1 35 ? 2.578   0.739   -12.312 1.00 17.37 ? 178 THR A OG1   1 
ATOM   94  C  CG2   . THR A 1 35 ? 1.821   3.013   -12.012 1.00 18.15 ? 178 THR A CG2   1 
ATOM   95  N  N     . GLU A 1 36 ? 2.613   -0.756  -9.211  1.00 12.72 ? 179 GLU A N     1 
ATOM   96  C  CA    . GLU A 1 36 ? 2.535   -2.213  -9.054  1.00 15.01 ? 179 GLU A CA    1 
ATOM   97  C  C     . GLU A 1 36 ? 2.576   -2.656  -7.595  1.00 14.96 ? 179 GLU A C     1 
ATOM   98  O  O     . GLU A 1 36 ? 3.453   -2.242  -6.841  1.00 16.37 ? 179 GLU A O     1 
ATOM   99  C  CB    . GLU A 1 36 ? 3.616   -2.913  -9.878  1.00 11.53 ? 179 GLU A CB    1 
ATOM   100 C  CG    . GLU A 1 36 ? 3.524   -2.616  -11.367 1.00 11.86 ? 179 GLU A CG    1 
ATOM   101 C  CD    . GLU A 1 36 ? 4.795   -2.975  -12.116 1.00 14.40 ? 179 GLU A CD    1 
ATOM   102 O  OE1   . GLU A 1 36 ? 5.800   -3.296  -11.452 1.00 8.73  ? 179 GLU A OE1   1 
ATOM   103 O  OE2   . GLU A 1 36 ? 4.795   -2.928  -13.366 1.00 20.12 ? 179 GLU A OE2   1 
ATOM   104 N  N     . ASP A 1 37 ? 1.560   -3.405  -7.179  1.00 14.39 ? 180 ASP A N     1 
ATOM   105 C  CA    . ASP A 1 37 ? 1.537   -3.996  -5.846  1.00 12.45 ? 180 ASP A CA    1 
ATOM   106 C  C     . ASP A 1 37 ? 2.654   -5.016  -5.747  1.00 12.28 ? 180 ASP A C     1 
ATOM   107 O  O     . ASP A 1 37 ? 3.007   -5.647  -6.735  1.00 14.00 ? 180 ASP A O     1 
ATOM   108 C  CB    . ASP A 1 37 ? 0.197   -4.682  -5.595  1.00 13.28 ? 180 ASP A CB    1 
ATOM   109 C  CG    . ASP A 1 37 ? -0.964  -3.719  -5.636  1.00 12.20 ? 180 ASP A CG    1 
ATOM   110 O  OD1   . ASP A 1 37 ? -0.790  -2.577  -5.183  1.00 10.03 ? 180 ASP A OD1   1 
ATOM   111 O  OD2   . ASP A 1 37 ? -2.084  -4.145  -5.987  1.00 19.24 ? 180 ASP A OD2   1 
ATOM   112 N  N     . CYS A 1 38 ? 3.253   -5.139  -4.568  1.00 13.16 ? 181 CYS A N     1 
ATOM   113 C  CA    . CYS A 1 38 ? 4.425   -6.000  -4.420  1.00 11.50 ? 181 CYS A CA    1 
ATOM   114 C  C     . CYS A 1 38 ? 4.037   -7.469  -4.335  1.00 8.82  ? 181 CYS A C     1 
ATOM   115 O  O     . CYS A 1 38 ? 4.847   -8.341  -4.612  1.00 9.63  ? 181 CYS A O     1 
ATOM   116 C  CB    . CYS A 1 38 ? 5.252   -5.587  -3.198  1.00 11.91 ? 181 CYS A CB    1 
ATOM   117 S  SG    . CYS A 1 38 ? 4.602   -6.157  -1.616  1.00 9.46  ? 181 CYS A SG    1 
ATOM   118 N  N     . GLY A 1 39 ? 2.821   -7.741  -3.875  1.00 8.55  ? 182 GLY A N     1 
ATOM   119 C  CA    . GLY A 1 39 ? 2.296   -9.104  -3.881  1.00 5.06  ? 182 GLY A CA    1 
ATOM   120 C  C     . GLY A 1 39 ? 2.669   -9.891  -2.639  1.00 7.00  ? 182 GLY A C     1 
ATOM   121 O  O     . GLY A 1 39 ? 2.265   -11.042 -2.490  1.00 6.99  ? 182 GLY A O     1 
ATOM   122 N  N     . HIS A 1 40 ? 3.434   -9.279  -1.736  1.00 8.41  ? 183 HIS A N     1 
ATOM   123 C  CA    . HIS A 1 40 ? 4.131   -10.043 -0.706  1.00 10.14 ? 183 HIS A CA    1 
ATOM   124 C  C     . HIS A 1 40 ? 3.982   -9.517  0.724   1.00 10.98 ? 183 HIS A C     1 
ATOM   125 O  O     . HIS A 1 40 ? 4.255   -10.243 1.680   1.00 13.28 ? 183 HIS A O     1 
ATOM   126 C  CB    . HIS A 1 40 ? 5.609   -10.204 -1.060  1.00 12.03 ? 183 HIS A CB    1 
ATOM   127 C  CG    . HIS A 1 40 ? 5.864   -11.168 -2.178  1.00 15.32 ? 183 HIS A CG    1 
ATOM   128 N  ND1   . HIS A 1 40 ? 5.839   -10.793 -3.505  1.00 19.48 ? 183 HIS A ND1   1 
ATOM   129 C  CD2   . HIS A 1 40 ? 6.181   -12.485 -2.166  1.00 16.35 ? 183 HIS A CD2   1 
ATOM   130 C  CE1   . HIS A 1 40 ? 6.143   -11.833 -4.260  1.00 17.95 ? 183 HIS A CE1   1 
ATOM   131 N  NE2   . HIS A 1 40 ? 6.375   -12.867 -3.471  1.00 15.88 ? 183 HIS A NE2   1 
ATOM   132 N  N     . CYS A 1 41 ? 3.553   -8.265  0.872   1.00 10.06 ? 184 CYS A N     1 
ATOM   133 C  CA    . CYS A 1 41 ? 3.464   -7.622  2.188   1.00 7.15  ? 184 CYS A CA    1 
ATOM   134 C  C     . CYS A 1 41 ? 2.129   -7.956  2.835   1.00 8.05  ? 184 CYS A C     1 
ATOM   135 O  O     . CYS A 1 41 ? 1.227   -8.463  2.170   1.00 9.98  ? 184 CYS A O     1 
ATOM   136 C  CB    . CYS A 1 41 ? 3.599   -6.101  2.048   1.00 6.93  ? 184 CYS A CB    1 
ATOM   137 S  SG    . CYS A 1 41 ? 2.220   -5.282  1.157   1.00 5.99  ? 184 CYS A SG    1 
ATOM   138 N  N     . ASP A 1 42 ? 1.979   -7.642  4.119   1.00 6.77  ? 185 ASP A N     1 
ATOM   139 C  CA    . ASP A 1 42 ? 0.731   -7.972  4.806   1.00 7.97  ? 185 ASP A CA    1 
ATOM   140 C  C     . ASP A 1 42 ? -0.495  -7.389  4.098   1.00 7.86  ? 185 ASP A C     1 
ATOM   141 O  O     . ASP A 1 42 ? -1.473  -8.096  3.859   1.00 7.15  ? 185 ASP A O     1 
ATOM   142 C  CB    . ASP A 1 42 ? 0.765   -7.579  6.293   1.00 8.86  ? 185 ASP A CB    1 
ATOM   143 C  CG    . ASP A 1 42 ? 1.035   -6.098  6.511   1.00 12.82 ? 185 ASP A CG    1 
ATOM   144 O  OD1   . ASP A 1 42 ? 0.803   -5.616  7.645   1.00 15.99 ? 185 ASP A OD1   1 
ATOM   145 O  OD2   . ASP A 1 42 ? 1.588   -5.445  5.601   1.00 17.98 ? 185 ASP A OD2   1 
ATOM   146 N  N     . PHE A 1 43 ? -0.395  -6.133  3.674   1.00 6.65  ? 186 PHE A N     1 
ATOM   147 C  CA    . PHE A 1 43 ? -1.486  -5.476  2.967   1.00 5.17  ? 186 PHE A CA    1 
ATOM   148 C  C     . PHE A 1 43 ? -1.823  -6.133  1.620   1.00 6.88  ? 186 PHE A C     1 
ATOM   149 O  O     . PHE A 1 43 ? -2.998  -6.268  1.285   1.00 6.60  ? 186 PHE A O     1 
ATOM   150 C  CB    . PHE A 1 43 ? -1.200  -3.982  2.794   1.00 4.26  ? 186 PHE A CB    1 
ATOM   151 C  CG    . PHE A 1 43 ? -1.128  -3.213  4.097   1.00 11.30 ? 186 PHE A CG    1 
ATOM   152 C  CD1   . PHE A 1 43 ? -1.904  -3.586  5.189   1.00 6.22  ? 186 PHE A CD1   1 
ATOM   153 C  CD2   . PHE A 1 43 ? -0.288  -2.106  4.224   1.00 2.26  ? 186 PHE A CD2   1 
ATOM   154 C  CE1   . PHE A 1 43 ? -1.796  -2.911  6.402   1.00 10.12 ? 186 PHE A CE1   1 
ATOM   155 C  CE2   . PHE A 1 43 ? -0.180  -1.432  5.432   1.00 4.06  ? 186 PHE A CE2   1 
ATOM   156 C  CZ    . PHE A 1 43 ? -0.975  -1.800  6.504   1.00 9.36  ? 186 PHE A CZ    1 
ATOM   157 N  N     . CYS A 1 44 ? -0.808  -6.559  0.860   1.00 5.67  ? 187 CYS A N     1 
ATOM   158 C  CA    . CYS A 1 44 ? -1.056  -7.210  -0.437  1.00 5.33  ? 187 CYS A CA    1 
ATOM   159 C  C     . CYS A 1 44 ? -1.708  -8.573  -0.261  1.00 7.06  ? 187 CYS A C     1 
ATOM   160 O  O     . CYS A 1 44 ? -2.681  -8.907  -0.949  1.00 5.69  ? 187 CYS A O     1 
ATOM   161 C  CB    . CYS A 1 44 ? 0.225   -7.337  -1.264  1.00 4.88  ? 187 CYS A CB    1 
ATOM   162 S  SG    . CYS A 1 44 ? 0.676   -5.818  -2.159  1.00 6.02  ? 187 CYS A SG    1 
ATOM   163 N  N     . ARG A 1 45 ? -1.233  -9.317  0.730   1.00 7.99  ? 188 ARG A N     1 
ATOM   164 C  CA    . ARG A 1 45 ? -1.718  -10.666 0.961   1.00 9.38  ? 188 ARG A CA    1 
ATOM   165 C  C     . ARG A 1 45 ? -3.171  -10.654 1.423   1.00 9.02  ? 188 ARG A C     1 
ATOM   166 O  O     . ARG A 1 45 ? -3.860  -11.672 1.348   1.00 8.13  ? 188 ARG A O     1 
ATOM   167 C  CB    . ARG A 1 45 ? -0.835  -11.384 1.983   1.00 11.69 ? 188 ARG A CB    1 
ATOM   168 C  CG    . ARG A 1 45 ? 0.265   -12.247 1.360   1.00 18.51 ? 188 ARG A CG    1 
ATOM   169 C  CD    . ARG A 1 45 ? 1.003   -13.055 2.423   1.00 27.68 ? 188 ARG A CD    1 
ATOM   170 N  NE    . ARG A 1 45 ? 1.907   -12.216 3.211   1.00 34.45 ? 188 ARG A NE    1 
ATOM   171 C  CZ    . ARG A 1 45 ? 1.707   -11.876 4.482   1.00 34.93 ? 188 ARG A CZ    1 
ATOM   172 N  NH1   . ARG A 1 45 ? 0.643   -12.326 5.135   1.00 34.78 ? 188 ARG A NH1   1 
ATOM   173 N  NH2   . ARG A 1 45 ? 2.587   -11.104 5.112   1.00 32.41 ? 188 ARG A NH2   1 
ATOM   174 N  N     . ASP A 1 46 ? -3.626  -9.500  1.903   1.00 7.80  ? 189 ASP A N     1 
ATOM   175 C  CA    . ASP A 1 46 ? -5.026  -9.307  2.273   1.00 8.13  ? 189 ASP A CA    1 
ATOM   176 C  C     . ASP A 1 46 ? -5.950  -9.136  1.062   1.00 9.02  ? 189 ASP A C     1 
ATOM   177 O  O     . ASP A 1 46 ? -7.133  -9.464  1.127   1.00 8.98  ? 189 ASP A O     1 
ATOM   178 C  CB    . ASP A 1 46 ? -5.171  -8.109  3.211   1.00 7.41  ? 189 ASP A CB    1 
ATOM   179 C  CG    . ASP A 1 46 ? -6.603  -7.913  3.691   1.00 10.67 ? 189 ASP A CG    1 
ATOM   180 O  OD1   . ASP A 1 46 ? -7.141  -8.826  4.350   1.00 11.21 ? 189 ASP A OD1   1 
ATOM   181 O  OD2   . ASP A 1 46 ? -7.181  -6.839  3.429   1.00 12.35 ? 189 ASP A OD2   1 
ATOM   182 N  N     . MET A 1 47 ? -5.424  -8.575  -0.023  1.00 8.51  ? 190 MET A N     1 
ATOM   183 C  CA    . MET A 1 47 ? -6.238  -8.271  -1.195  1.00 7.77  ? 190 MET A CA    1 
ATOM   184 C  C     . MET A 1 47 ? -6.780  -9.538  -1.845  1.00 10.07 ? 190 MET A C     1 
ATOM   185 O  O     . MET A 1 47 ? -6.064  -10.532 -1.977  1.00 10.29 ? 190 MET A O     1 
ATOM   186 C  CB    . MET A 1 47 ? -5.424  -7.494  -2.221  1.00 7.97  ? 190 MET A CB    1 
ATOM   187 C  CG    . MET A 1 47 ? -4.774  -6.227  -1.673  1.00 11.71 ? 190 MET A CG    1 
ATOM   188 S  SD    . MET A 1 47 ? -3.650  -5.526  -2.899  1.00 10.89 ? 190 MET A SD    1 
ATOM   189 C  CE    . MET A 1 47 ? -3.025  -4.120  -1.953  1.00 2.63  ? 190 MET A CE    1 
ATOM   190 N  N     . LYS A 1 48 ? -8.005  -9.453  -2.353  1.00 9.98  ? 191 LYS A N     1 
ATOM   191 C  CA    . LYS A 1 48 ? -8.612  -10.567 -3.059  1.00 11.97 ? 191 LYS A CA    1 
ATOM   192 C  C     . LYS A 1 48 ? -7.757  -10.966 -4.261  1.00 12.10 ? 191 LYS A C     1 
ATOM   193 O  O     . LYS A 1 48 ? -7.586  -12.148 -4.543  1.00 11.64 ? 191 LYS A O     1 
ATOM   194 C  CB    . LYS A 1 48 ? -10.028 -10.202 -3.507  1.00 12.11 ? 191 LYS A CB    1 
ATOM   195 N  N     . LYS A 1 49 ? -7.130  -9.979  -4.895  1.00 11.41 ? 192 LYS A N     1 
ATOM   196 C  CA    . LYS A 1 49 ? -6.320  -10.243 -6.083  1.00 10.90 ? 192 LYS A CA    1 
ATOM   197 C  C     . LYS A 1 49 ? -5.124  -11.126 -5.753  1.00 9.21  ? 192 LYS A C     1 
ATOM   198 O  O     . LYS A 1 49 ? -4.526  -11.714 -6.643  1.00 12.01 ? 192 LYS A O     1 
ATOM   199 C  CB    . LYS A 1 49 ? -5.862  -8.938  -6.745  1.00 11.13 ? 192 LYS A CB    1 
ATOM   200 C  CG    . LYS A 1 49 ? -4.878  -8.131  -5.921  1.00 14.58 ? 192 LYS A CG    1 
ATOM   201 C  CD    . LYS A 1 49 ? -4.644  -6.745  -6.520  1.00 23.80 ? 192 LYS A CD    1 
ATOM   202 C  CE    . LYS A 1 49 ? -3.437  -6.732  -7.442  1.00 32.57 ? 192 LYS A CE    1 
ATOM   203 N  NZ    . LYS A 1 49 ? -3.184  -5.369  -7.984  1.00 35.52 ? 192 LYS A NZ    1 
ATOM   204 N  N     . PHE A 1 50 ? -4.820  -11.278 -4.469  1.00 8.43  ? 193 PHE A N     1 
ATOM   205 C  CA    . PHE A 1 50 ? -3.728  -12.153 -4.051  1.00 7.24  ? 193 PHE A CA    1 
ATOM   206 C  C     . PHE A 1 50 ? -4.192  -13.320 -3.172  1.00 7.14  ? 193 PHE A C     1 
ATOM   207 O  O     . PHE A 1 50 ? -3.378  -14.072 -2.636  1.00 7.11  ? 193 PHE A O     1 
ATOM   208 C  CB    . PHE A 1 50 ? -2.630  -11.348 -3.351  1.00 6.62  ? 193 PHE A CB    1 
ATOM   209 C  CG    . PHE A 1 50 ? -1.909  -10.379 -4.256  1.00 7.74  ? 193 PHE A CG    1 
ATOM   210 C  CD1   . PHE A 1 50 ? -1.183  -10.836 -5.357  1.00 8.17  ? 193 PHE A CD1   1 
ATOM   211 C  CD2   . PHE A 1 50 ? -1.907  -9.024  -3.977  1.00 2.00  ? 193 PHE A CD2   1 
ATOM   212 C  CE1   . PHE A 1 50 ? -0.483  -9.946  -6.165  1.00 7.29  ? 193 PHE A CE1   1 
ATOM   213 C  CE2   . PHE A 1 50 ? -1.293  -8.120  -4.824  1.00 3.24  ? 193 PHE A CE2   1 
ATOM   214 C  CZ    . PHE A 1 50 ? -0.535  -8.587  -5.905  1.00 9.79  ? 193 PHE A CZ    1 
ATOM   215 N  N     . GLY A 1 51 ? -5.500  -13.512 -3.074  1.00 5.10  ? 194 GLY A N     1 
ATOM   216 C  CA    . GLY A 1 51 ? -6.025  -14.673 -2.366  1.00 8.45  ? 194 GLY A CA    1 
ATOM   217 C  C     . GLY A 1 51 ? -6.472  -14.347 -0.954  1.00 9.73  ? 194 GLY A C     1 
ATOM   218 O  O     . GLY A 1 51 ? -6.940  -15.222 -0.216  1.00 9.67  ? 194 GLY A O     1 
ATOM   219 N  N     . GLY A 1 52 ? -6.393  -13.068 -0.602  1.00 8.40  ? 195 GLY A N     1 
ATOM   220 C  CA    . GLY A 1 52 ? -6.643  -12.638 0.764   1.00 8.77  ? 195 GLY A CA    1 
ATOM   221 C  C     . GLY A 1 52 ? -8.121  -12.469 1.040   1.00 8.97  ? 195 GLY A C     1 
ATOM   222 O  O     . GLY A 1 52 ? -8.939  -12.533 0.121   1.00 8.71  ? 195 GLY A O     1 
ATOM   223 N  N     . PRO A 1 53 ? -8.472  -12.233 2.312   1.00 9.46  ? 196 PRO A N     1 
ATOM   224 C  CA    . PRO A 1 53 ? -9.874  -12.164 2.707   1.00 10.84 ? 196 PRO A CA    1 
ATOM   225 C  C     . PRO A 1 53 ? -10.412 -10.731 2.723   1.00 11.51 ? 196 PRO A C     1 
ATOM   226 O  O     . PRO A 1 53 ? -11.580 -10.509 3.048   1.00 12.77 ? 196 PRO A O     1 
ATOM   227 C  CB    . PRO A 1 53 ? -9.864  -12.755 4.120   1.00 10.89 ? 196 PRO A CB    1 
ATOM   228 C  CG    . PRO A 1 53 ? -8.496  -12.426 4.653   1.00 10.94 ? 196 PRO A CG    1 
ATOM   229 C  CD    . PRO A 1 53 ? -7.564  -12.347 3.469   1.00 9.34  ? 196 PRO A CD    1 
ATOM   230 N  N     . ASN A 1 54 ? -9.590  -9.774  2.316   1.00 10.54 ? 197 ASN A N     1 
ATOM   231 C  CA    . ASN A 1 54 ? -10.035 -8.386  2.236   1.00 11.27 ? 197 ASN A CA    1 
ATOM   232 C  C     . ASN A 1 54 ? -10.586 -7.910  3.579   1.00 11.32 ? 197 ASN A C     1 
ATOM   233 O  O     . ASN A 1 54 ? -11.658 -7.297  3.653   1.00 9.65  ? 197 ASN A O     1 
ATOM   234 C  CB    . ASN A 1 54 ? -11.088 -8.221  1.132   1.00 11.98 ? 197 ASN A CB    1 
ATOM   235 C  CG    . ASN A 1 54 ? -11.470 -6.767  0.902   1.00 15.93 ? 197 ASN A CG    1 
ATOM   236 O  OD1   . ASN A 1 54 ? -10.600 -5.894  0.786   1.00 10.03 ? 197 ASN A OD1   1 
ATOM   237 N  ND2   . ASN A 1 54 ? -12.769 -6.478  0.991   1.00 14.74 ? 197 ASN A ND2   1 
ATOM   238 N  N     . LYS A 1 55 ? -9.827  -8.178  4.638   1.00 11.08 ? 198 LYS A N     1 
ATOM   239 C  CA    . LYS A 1 55 ? -10.230 -7.812  5.984   1.00 11.35 ? 198 LYS A CA    1 
ATOM   240 C  C     . LYS A 1 55 ? -9.474  -6.579  6.478   1.00 10.75 ? 198 LYS A C     1 
ATOM   241 O  O     . LYS A 1 55 ? -9.929  -5.904  7.400   1.00 9.60  ? 198 LYS A O     1 
ATOM   242 C  CB    . LYS A 1 55 ? -10.038 -8.990  6.948   1.00 11.63 ? 198 LYS A CB    1 
ATOM   243 N  N     . ILE A 1 56 ? -8.369  -6.242  5.812   1.00 9.32  ? 199 ILE A N     1 
ATOM   244 C  CA    . ILE A 1 56 ? -7.513  -5.133  6.251   1.00 8.43  ? 199 ILE A CA    1 
ATOM   245 C  C     . ILE A 1 56 ? -7.676  -3.888  5.376   1.00 8.50  ? 199 ILE A C     1 
ATOM   246 O  O     . ILE A 1 56 ? -7.882  -2.783  5.892   1.00 8.10  ? 199 ILE A O     1 
ATOM   247 C  CB    . ILE A 1 56 ? -6.028  -5.532  6.283   1.00 10.76 ? 199 ILE A CB    1 
ATOM   248 C  CG1   . ILE A 1 56 ? -5.848  -6.869  7.009   1.00 12.61 ? 199 ILE A CG1   1 
ATOM   249 C  CG2   . ILE A 1 56 ? -5.198  -4.445  6.973   1.00 9.46  ? 199 ILE A CG2   1 
ATOM   250 C  CD1   . ILE A 1 56 ? -6.124  -6.784  8.507   1.00 11.76 ? 199 ILE A CD1   1 
ATOM   251 N  N     . ARG A 1 57 ? -7.552  -4.066  4.058   1.00 5.03  ? 200 ARG A N     1 
ATOM   252 C  CA    . ARG A 1 57 ? -8.046  -3.097  3.080   1.00 2.46  ? 200 ARG A CA    1 
ATOM   253 C  C     . ARG A 1 57 ? -7.202  -1.833  3.024   1.00 5.19  ? 200 ARG A C     1 
ATOM   254 O  O     . ARG A 1 57 ? -7.741  -0.720  3.038   1.00 8.16  ? 200 ARG A O     1 
ATOM   255 C  CB    . ARG A 1 57 ? -9.492  -2.708  3.388   1.00 5.18  ? 200 ARG A CB    1 
ATOM   256 C  CG    . ARG A 1 57 ? -10.457 -3.869  3.400   1.00 2.00  ? 200 ARG A CG    1 
ATOM   257 C  CD    . ARG A 1 57 ? -11.821 -3.397  3.831   1.00 8.56  ? 200 ARG A CD    1 
ATOM   258 N  NE    . ARG A 1 57 ? -12.723 -4.520  4.057   1.00 18.03 ? 200 ARG A NE    1 
ATOM   259 C  CZ    . ARG A 1 57 ? -14.026 -4.390  4.272   1.00 17.21 ? 200 ARG A CZ    1 
ATOM   260 N  NH1   . ARG A 1 57 ? -14.575 -3.184  4.282   1.00 19.71 ? 200 ARG A NH1   1 
ATOM   261 N  NH2   . ARG A 1 57 ? -14.769 -5.459  4.527   1.00 12.45 ? 200 ARG A NH2   1 
ATOM   262 N  N     . GLN A 1 58 ? -5.885  -1.996  2.990   1.00 4.42  ? 201 GLN A N     1 
ATOM   263 C  CA    . GLN A 1 58 ? -4.974  -0.876  2.745   1.00 3.40  ? 201 GLN A CA    1 
ATOM   264 C  C     . GLN A 1 58 ? -4.109  -1.140  1.506   1.00 5.08  ? 201 GLN A C     1 
ATOM   265 O  O     . GLN A 1 58 ? -4.052  -2.272  1.012   1.00 5.09  ? 201 GLN A O     1 
ATOM   266 C  CB    . GLN A 1 58 ? -4.093  -0.611  3.979   1.00 2.00  ? 201 GLN A CB    1 
ATOM   267 C  CG    . GLN A 1 58 ? -4.865  -0.570  5.303   1.00 2.00  ? 201 GLN A CG    1 
ATOM   268 C  CD    . GLN A 1 58 ? -5.795  0.638   5.425   1.00 6.27  ? 201 GLN A CD    1 
ATOM   269 O  OE1   . GLN A 1 58 ? -5.578  1.668   4.790   1.00 5.36  ? 201 GLN A OE1   1 
ATOM   270 N  NE2   . GLN A 1 58 ? -6.827  0.519   6.260   1.00 4.84  ? 201 GLN A NE2   1 
ATOM   271 N  N     . LYS A 1 59 ? -3.512  -0.072  0.970   1.00 5.39  ? 202 LYS A N     1 
ATOM   272 C  CA    . LYS A 1 59 ? -2.564  -0.154  -0.144  1.00 6.81  ? 202 LYS A CA    1 
ATOM   273 C  C     . LYS A 1 59 ? -1.368  -1.028  0.212   1.00 4.81  ? 202 LYS A C     1 
ATOM   274 O  O     . LYS A 1 59 ? -0.868  -0.961  1.334   1.00 2.80  ? 202 LYS A O     1 
ATOM   275 C  CB    . LYS A 1 59 ? -2.022  1.246   -0.471  1.00 9.64  ? 202 LYS A CB    1 
ATOM   276 C  CG    . LYS A 1 59 ? -3.036  2.189   -1.070  1.00 13.37 ? 202 LYS A CG    1 
ATOM   277 C  CD    . LYS A 1 59 ? -2.340  3.326   -1.797  1.00 8.99  ? 202 LYS A CD    1 
ATOM   278 C  CE    . LYS A 1 59 ? -1.691  4.293   -0.834  1.00 4.86  ? 202 LYS A CE    1 
ATOM   279 N  NZ    . LYS A 1 59 ? -2.020  5.697   -1.226  1.00 11.07 ? 202 LYS A NZ    1 
ATOM   280 N  N     . CYS A 1 60 ? -0.751  -1.600  -0.818  1.00 3.33  ? 203 CYS A N     1 
ATOM   281 C  CA    . CYS A 1 60 ? 0.552   -2.244  -0.676  1.00 2.95  ? 203 CYS A CA    1 
ATOM   282 C  C     . CYS A 1 60 ? 1.478   -1.360  0.160   1.00 2.00  ? 203 CYS A C     1 
ATOM   283 O  O     . CYS A 1 60 ? 1.487   -0.147  -0.005  1.00 2.00  ? 203 CYS A O     1 
ATOM   284 C  CB    . CYS A 1 60 ? 1.173   -2.482  -2.054  1.00 2.00  ? 203 CYS A CB    1 
ATOM   285 S  SG    . CYS A 1 60 ? 2.880   -3.061  -2.019  1.00 2.02  ? 203 CYS A SG    1 
ATOM   286 N  N     . ARG A 1 61 ? 2.261   -1.980  1.039   1.00 3.42  ? 204 ARG A N     1 
ATOM   287 C  CA    . ARG A 1 61 ? 3.254   -1.268  1.840   1.00 6.97  ? 204 ARG A CA    1 
ATOM   288 C  C     . ARG A 1 61 ? 4.163   -0.384  1.007   1.00 6.60  ? 204 ARG A C     1 
ATOM   289 O  O     . ARG A 1 61 ? 4.671   0.608   1.503   1.00 9.91  ? 204 ARG A O     1 
ATOM   290 C  CB    . ARG A 1 61 ? 4.114   -2.253  2.627   1.00 7.16  ? 204 ARG A CB    1 
ATOM   291 C  CG    . ARG A 1 61 ? 3.345   -3.004  3.697   1.00 11.32 ? 204 ARG A CG    1 
ATOM   292 C  CD    . ARG A 1 61 ? 3.676   -2.465  5.070   1.00 13.83 ? 204 ARG A CD    1 
ATOM   293 N  NE    . ARG A 1 61 ? 2.885   -3.111  6.109   1.00 15.44 ? 204 ARG A NE    1 
ATOM   294 C  CZ    . ARG A 1 61 ? 2.660   -2.581  7.304   1.00 11.84 ? 204 ARG A CZ    1 
ATOM   295 N  NH1   . ARG A 1 61 ? 3.139   -1.380  7.593   1.00 9.53  ? 204 ARG A NH1   1 
ATOM   296 N  NH2   . ARG A 1 61 ? 1.896   -3.217  8.180   1.00 11.03 ? 204 ARG A NH2   1 
ATOM   297 N  N     . LEU A 1 62 ? 4.495   -0.830  -0.200  1.00 6.03  ? 205 LEU A N     1 
ATOM   298 C  CA    . LEU A 1 62 ? 5.474   -0.117  -1.020  1.00 5.14  ? 205 LEU A CA    1 
ATOM   299 C  C     . LEU A 1 62 ? 4.812   1.083   -1.677  1.00 5.06  ? 205 LEU A C     1 
ATOM   300 O  O     . LEU A 1 62 ? 5.479   1.876   -2.334  1.00 3.99  ? 205 LEU A O     1 
ATOM   301 C  CB    . LEU A 1 62 ? 6.059   -1.034  -2.107  1.00 4.59  ? 205 LEU A CB    1 
ATOM   302 C  CG    . LEU A 1 62 ? 6.907   -2.234  -1.678  1.00 8.38  ? 205 LEU A CG    1 
ATOM   303 C  CD1   . LEU A 1 62 ? 7.595   -2.863  -2.889  1.00 8.89  ? 205 LEU A CD1   1 
ATOM   304 C  CD2   . LEU A 1 62 ? 7.943   -1.830  -0.641  1.00 6.87  ? 205 LEU A CD2   1 
ATOM   305 N  N     . ARG A 1 63 ? 3.496   1.210   -1.510  1.00 6.25  ? 206 ARG A N     1 
ATOM   306 C  CA    . ARG A 1 63 ? 2.753   2.288   -2.149  1.00 5.52  ? 206 ARG A CA    1 
ATOM   307 C  C     . ARG A 1 63 ? 2.224   3.307   -1.144  1.00 8.51  ? 206 ARG A C     1 
ATOM   308 O  O     . ARG A 1 63 ? 1.511   4.250   -1.515  1.00 7.85  ? 206 ARG A O     1 
ATOM   309 C  CB    . ARG A 1 63 ? 1.620   1.748   -3.025  1.00 4.35  ? 206 ARG A CB    1 
ATOM   310 C  CG    . ARG A 1 63 ? 2.106   1.028   -4.288  1.00 5.37  ? 206 ARG A CG    1 
ATOM   311 C  CD    . ARG A 1 63 ? 0.964   0.352   -5.057  1.00 6.09  ? 206 ARG A CD    1 
ATOM   312 N  NE    . ARG A 1 63 ? 0.156   1.329   -5.788  1.00 22.96 ? 206 ARG A NE    1 
ATOM   313 C  CZ    . ARG A 1 63 ? -1.070  1.711   -5.428  1.00 31.70 ? 206 ARG A CZ    1 
ATOM   314 N  NH1   . ARG A 1 63 ? -1.698  1.110   -4.422  1.00 30.48 ? 206 ARG A NH1   1 
ATOM   315 N  NH2   . ARG A 1 63 ? -1.687  2.678   -6.094  1.00 31.59 ? 206 ARG A NH2   1 
ATOM   316 N  N     . GLN A 1 64 ? 2.633   3.165   0.115   1.00 8.84  ? 207 GLN A N     1 
ATOM   317 C  CA    . GLN A 1 64 ? 2.178   4.078   1.155   1.00 7.95  ? 207 GLN A CA    1 
ATOM   318 C  C     . GLN A 1 64 ? 3.035   5.348   1.145   1.00 8.99  ? 207 GLN A C     1 
ATOM   319 O  O     . GLN A 1 64 ? 4.262   5.282   1.270   1.00 8.47  ? 207 GLN A O     1 
ATOM   320 C  CB    . GLN A 1 64 ? 2.223   3.395   2.529   1.00 8.28  ? 207 GLN A CB    1 
ATOM   321 C  CG    . GLN A 1 64 ? 1.285   2.191   2.654   1.00 8.28  ? 207 GLN A CG    1 
ATOM   322 C  CD    . GLN A 1 64 ? -0.156  2.601   2.890   1.00 13.69 ? 207 GLN A CD    1 
ATOM   323 O  OE1   . GLN A 1 64 ? -0.453  3.783   3.071   1.00 10.83 ? 207 GLN A OE1   1 
ATOM   324 N  NE2   . GLN A 1 64 ? -1.070  1.635   2.823   1.00 16.19 ? 207 GLN A NE2   1 
ATOM   325 N  N     . CYS A 1 65 ? 2.401   6.492   0.894   1.00 7.36  ? 208 CYS A N     1 
ATOM   326 C  CA    . CYS A 1 65 ? 3.145   7.739   0.741   1.00 7.03  ? 208 CYS A CA    1 
ATOM   327 C  C     . CYS A 1 65 ? 4.106   7.934   1.904   1.00 6.95  ? 208 CYS A C     1 
ATOM   328 O  O     . CYS A 1 65 ? 3.726   7.781   3.059   1.00 4.62  ? 208 CYS A O     1 
ATOM   329 C  CB    . CYS A 1 65 ? 2.192   8.925   0.649   1.00 8.13  ? 208 CYS A CB    1 
ATOM   330 S  SG    . CYS A 1 65 ? 3.033   10.497  0.387   1.00 8.26  ? 208 CYS A SG    1 
ATOM   331 N  N     . GLN A 1 66 ? 5.374   8.186   1.587   1.00 8.20  ? 209 GLN A N     1 
ATOM   332 C  CA    . GLN A 1 66 ? 6.413   8.300   2.600   1.00 9.96  ? 209 GLN A CA    1 
ATOM   333 C  C     . GLN A 1 66 ? 6.281   9.589   3.416   1.00 11.27 ? 209 GLN A C     1 
ATOM   334 O  O     . GLN A 1 66 ? 6.829   9.706   4.519   1.00 8.76  ? 209 GLN A O     1 
ATOM   335 C  CB    . GLN A 1 66 ? 7.799   8.212   1.950   1.00 12.11 ? 209 GLN A CB    1 
ATOM   336 C  CG    . GLN A 1 66 ? 8.148   6.801   1.462   1.00 16.78 ? 209 GLN A CG    1 
ATOM   337 C  CD    . GLN A 1 66 ? 9.108   6.807   0.284   1.00 24.17 ? 209 GLN A CD    1 
ATOM   338 O  OE1   . GLN A 1 66 ? 9.826   7.786   0.056   1.00 18.84 ? 209 GLN A OE1   1 
ATOM   339 N  NE2   . GLN A 1 66 ? 9.128   5.709   -0.473  1.00 22.43 ? 209 GLN A NE2   1 
ATOM   340 N  N     . LEU A 1 67 ? 5.597   10.576  2.866   1.00 11.80 ? 210 LEU A N     1 
ATOM   341 C  CA    . LEU A 1 67 ? 5.286   11.790  3.559   1.00 11.02 ? 210 LEU A CA    1 
ATOM   342 C  C     . LEU A 1 67 ? 4.039   11.672  4.415   1.00 11.35 ? 210 LEU A C     1 
ATOM   343 O  O     . LEU A 1 67 ? 4.111   11.804  5.616   1.00 10.51 ? 210 LEU A O     1 
ATOM   344 C  CB    . LEU A 1 67 ? 5.123   12.904  2.570   1.00 11.23 ? 210 LEU A CB    1 
ATOM   345 C  CG    . LEU A 1 67 ? 6.441   13.354  1.995   1.00 14.48 ? 210 LEU A CG    1 
ATOM   346 C  CD1   . LEU A 1 67 ? 6.321   14.693  1.459   1.00 15.67 ? 210 LEU A CD1   1 
ATOM   347 C  CD2   . LEU A 1 67 ? 7.474   13.326  3.035   1.00 15.96 ? 210 LEU A CD2   1 
ATOM   348 N  N     . ARG A 1 68 ? 2.921   11.369  3.780   1.00 8.93  ? 211 ARG A N     1 
ATOM   349 C  CA    . ARG A 1 68 ? 1.605   11.570  4.338   1.00 10.66 ? 211 ARG A CA    1 
ATOM   350 C  C     . ARG A 1 68 ? 0.878   10.431  4.983   1.00 10.88 ? 211 ARG A C     1 
ATOM   351 O  O     . ARG A 1 68 ? -0.146  10.649  5.534   1.00 12.10 ? 211 ARG A O     1 
ATOM   352 C  CB    . ARG A 1 68 ? 0.710   12.122  3.264   1.00 10.20 ? 211 ARG A CB    1 
ATOM   353 C  CG    . ARG A 1 68 ? 1.332   13.173  2.478   1.00 14.55 ? 211 ARG A CG    1 
ATOM   354 C  CD    . ARG A 1 68 ? 0.326   14.038  1.850   1.00 14.69 ? 211 ARG A CD    1 
ATOM   355 N  NE    . ARG A 1 68 ? 0.939   15.272  1.429   1.00 21.20 ? 211 ARG A NE    1 
ATOM   356 C  CZ    . ARG A 1 68 ? 0.328   16.266  0.819   1.00 23.26 ? 211 ARG A CZ    1 
ATOM   357 N  NH1   . ARG A 1 68 ? -0.947  16.230  0.528   1.00 24.29 ? 211 ARG A NH1   1 
ATOM   358 N  NH2   . ARG A 1 68 ? 1.019   17.324  0.497   1.00 20.87 ? 211 ARG A NH2   1 
ATOM   359 N  N     . ALA A 1 69 ? 1.388   9.221   4.919   1.00 11.15 ? 212 ALA A N     1 
ATOM   360 C  CA    . ALA A 1 69 ? 0.653   8.066   5.345   1.00 11.32 ? 212 ALA A CA    1 
ATOM   361 C  C     . ALA A 1 69 ? 0.881   7.758   6.755   1.00 13.03 ? 212 ALA A C     1 
ATOM   362 O  O     . ALA A 1 69 ? 1.922   7.959   7.253   1.00 13.78 ? 212 ALA A O     1 
ATOM   363 C  CB    . ALA A 1 69 ? 1.025   6.904   4.544   1.00 10.29 ? 212 ALA A CB    1 
ATOM   364 N  N     . ARG A 1 70 ? -0.128  7.241   7.400   1.00 14.75 ? 213 ARG A N     1 
ATOM   365 C  CA    . ARG A 1 70 ? 0.034   6.745   8.709   1.00 15.03 ? 213 ARG A CA    1 
ATOM   366 C  C     . ARG A 1 70 ? 1.361   6.067   8.741   1.00 15.13 ? 213 ARG A C     1 
ATOM   367 O  O     . ARG A 1 70 ? 1.711   5.361   7.847   1.00 13.00 ? 213 ARG A O     1 
ATOM   368 C  CB    . ARG A 1 70 ? -1.059  5.758   9.012   1.00 16.61 ? 213 ARG A CB    1 
ATOM   369 C  CG    . ARG A 1 70 ? -2.413  6.348   8.998   1.00 20.50 ? 213 ARG A CG    1 
ATOM   370 C  CD    . ARG A 1 70 ? -3.452  5.399   9.512   1.00 23.44 ? 213 ARG A CD    1 
ATOM   371 N  NE    . ARG A 1 70 ? -4.682  6.115   9.749   1.00 24.02 ? 213 ARG A NE    1 
ATOM   372 C  CZ    . ARG A 1 70 ? -5.863  5.577   9.989   1.00 27.59 ? 213 ARG A CZ    1 
ATOM   373 N  NH1   . ARG A 1 70 ? -6.025  4.286   10.013  1.00 19.49 ? 213 ARG A NH1   1 
ATOM   374 N  NH2   . ARG A 1 70 ? -6.896  6.362   10.179  1.00 23.71 ? 213 ARG A NH2   1 
ATOM   375 N  N     . GLU A 1 71 ? 2.099   6.281   9.803   1.00 15.70 ? 214 GLU A N     1 
ATOM   376 C  CA    . GLU A 1 71 ? 3.464   5.845   9.864   1.00 16.43 ? 214 GLU A CA    1 
ATOM   377 C  C     . GLU A 1 71 ? 3.526   4.375   9.958   1.00 16.18 ? 214 GLU A C     1 
ATOM   378 O  O     . GLU A 1 71 ? 4.409   3.756   9.447   1.00 17.29 ? 214 GLU A O     1 
ATOM   379 C  CB    . GLU A 1 71 ? 4.162   6.456   11.066  1.00 18.38 ? 214 GLU A CB    1 
ATOM   380 N  N     . SER A 1 72 ? 2.556   3.802   10.609  1.00 15.86 ? 215 SER A N     1 
ATOM   381 C  CA    . SER A 1 72 ? 2.538   2.349   10.761  1.00 15.66 ? 215 SER A CA    1 
ATOM   382 C  C     . SER A 1 72 ? 2.085   1.615   9.496   1.00 14.81 ? 215 SER A C     1 
ATOM   383 O  O     . SER A 1 72 ? 2.087   0.381   9.455   1.00 15.65 ? 215 SER A O     1 
ATOM   384 C  CB    . SER A 1 72 ? 1.664   1.944   11.947  1.00 14.83 ? 215 SER A CB    1 
ATOM   385 O  OG    . SER A 1 72 ? 0.298   2.178   11.663  1.00 14.82 ? 215 SER A OG    1 
ATOM   386 N  N     . TYR A 1 73 ? 1.679   2.365   8.475   1.00 13.80 ? 216 TYR A N     1 
ATOM   387 C  CA    . TYR A 1 73 ? 1.426   1.769   7.162   1.00 13.98 ? 216 TYR A CA    1 
ATOM   388 C  C     . TYR A 1 73 ? 2.715   1.661   6.367   1.00 15.93 ? 216 TYR A C     1 
ATOM   389 O  O     . TYR A 1 73 ? 2.846   0.789   5.510   1.00 16.67 ? 216 TYR A O     1 
ATOM   390 C  CB    . TYR A 1 73 ? 0.398   2.572   6.371   1.00 11.22 ? 216 TYR A CB    1 
ATOM   391 C  CG    . TYR A 1 73 ? -1.019  2.404   6.875   1.00 13.54 ? 216 TYR A CG    1 
ATOM   392 C  CD1   . TYR A 1 73 ? -1.289  1.627   7.997   1.00 10.88 ? 216 TYR A CD1   1 
ATOM   393 C  CD2   . TYR A 1 73 ? -2.068  3.104   6.296   1.00 8.76  ? 216 TYR A CD2   1 
ATOM   394 C  CE1   . TYR A 1 73 ? -2.568  1.524   8.504   1.00 8.29  ? 216 TYR A CE1   1 
ATOM   395 C  CE2   . TYR A 1 73 ? -3.353  2.980   6.776   1.00 13.57 ? 216 TYR A CE2   1 
ATOM   396 C  CZ    . TYR A 1 73 ? -3.598  2.193   7.884   1.00 12.81 ? 216 TYR A CZ    1 
ATOM   397 O  OH    . TYR A 1 73 ? -4.880  2.072   8.365   1.00 19.14 ? 216 TYR A OH    1 
ATOM   398 N  N     . LYS A 1 74 ? 3.634   2.591   6.620   1.00 18.09 ? 217 LYS A N     1 
ATOM   399 C  CA    . LYS A 1 74 ? 4.924   2.612   5.939   1.00 20.47 ? 217 LYS A CA    1 
ATOM   400 C  C     . LYS A 1 74 ? 5.749   1.373   6.273   1.00 21.09 ? 217 LYS A C     1 
ATOM   401 O  O     . LYS A 1 74 ? 6.265   0.705   5.377   1.00 24.58 ? 217 LYS A O     1 
ATOM   402 C  CB    . LYS A 1 74 ? 5.708   3.869   6.316   1.00 20.73 ? 217 LYS A CB    1 
ATOM   403 C  CG    . LYS A 1 74 ? 4.950   5.168   6.123   1.00 17.60 ? 217 LYS A CG    1 
ATOM   404 C  CD    . LYS A 1 74 ? 5.825   6.354   6.501   1.00 17.45 ? 217 LYS A CD    1 
ATOM   405 C  CE    . LYS A 1 74 ? 5.088   7.665   6.324   1.00 18.25 ? 217 LYS A CE    1 
ATOM   406 N  NZ    . LYS A 1 74 ? 5.625   8.741   7.206   1.00 19.66 ? 217 LYS A NZ    1 
ATOM   407 O  "O5'" . DG  B 2 1  ? -26.797 -2.541  -10.163 1.00 23.61 ? 1   DG  B "O5'" 1 
ATOM   408 C  "C5'" . DG  B 2 1  ? -26.247 -2.958  -8.927  1.00 18.12 ? 1   DG  B "C5'" 1 
ATOM   409 C  "C4'" . DG  B 2 1  ? -24.795 -3.349  -9.116  1.00 17.22 ? 1   DG  B "C4'" 1 
ATOM   410 O  "O4'" . DG  B 2 1  ? -24.046 -2.244  -9.691  1.00 18.42 ? 1   DG  B "O4'" 1 
ATOM   411 C  "C3'" . DG  B 2 1  ? -24.060 -3.702  -7.837  1.00 19.40 ? 1   DG  B "C3'" 1 
ATOM   412 O  "O3'" . DG  B 2 1  ? -23.034 -4.625  -8.173  1.00 24.72 ? 1   DG  B "O3'" 1 
ATOM   413 C  "C2'" . DG  B 2 1  ? -23.491 -2.344  -7.428  1.00 18.03 ? 1   DG  B "C2'" 1 
ATOM   414 C  "C1'" . DG  B 2 1  ? -23.055 -1.799  -8.783  1.00 15.90 ? 1   DG  B "C1'" 1 
ATOM   415 N  N9    . DG  B 2 1  ? -22.985 -0.338  -8.864  1.00 14.03 ? 1   DG  B N9    1 
ATOM   416 C  C8    . DG  B 2 1  ? -23.954 0.557   -8.474  1.00 12.33 ? 1   DG  B C8    1 
ATOM   417 N  N7    . DG  B 2 1  ? -23.658 1.799   -8.741  1.00 12.87 ? 1   DG  B N7    1 
ATOM   418 C  C5    . DG  B 2 1  ? -22.395 1.732   -9.314  1.00 8.19  ? 1   DG  B C5    1 
ATOM   419 C  C6    . DG  B 2 1  ? -21.561 2.767   -9.795  1.00 8.60  ? 1   DG  B C6    1 
ATOM   420 O  O6    . DG  B 2 1  ? -21.787 3.985   -9.779  1.00 14.45 ? 1   DG  B O6    1 
ATOM   421 N  N1    . DG  B 2 1  ? -20.385 2.275   -10.368 1.00 4.10  ? 1   DG  B N1    1 
ATOM   422 C  C2    . DG  B 2 1  ? -20.042 0.945   -10.410 1.00 4.56  ? 1   DG  B C2    1 
ATOM   423 N  N2    . DG  B 2 1  ? -18.865 0.651   -10.976 1.00 2.00  ? 1   DG  B N2    1 
ATOM   424 N  N3    . DG  B 2 1  ? -20.811 -0.037  -9.950  1.00 8.39  ? 1   DG  B N3    1 
ATOM   425 C  C4    . DG  B 2 1  ? -21.974 0.425   -9.424  1.00 12.02 ? 1   DG  B C4    1 
ATOM   426 P  P     . DC  B 2 2  ? -22.217 -5.386  -7.028  1.00 27.39 ? 2   DC  B P     1 
ATOM   427 O  OP1   . DC  B 2 2  ? -22.609 -6.813  -7.083  1.00 25.03 ? 2   DC  B OP1   1 
ATOM   428 O  OP2   . DC  B 2 2  ? -22.335 -4.617  -5.766  1.00 29.47 ? 2   DC  B OP2   1 
ATOM   429 O  "O5'" . DC  B 2 2  ? -20.696 -5.265  -7.513  1.00 26.79 ? 2   DC  B "O5'" 1 
ATOM   430 C  "C5'" . DC  B 2 2  ? -20.381 -5.071  -8.883  1.00 24.44 ? 2   DC  B "C5'" 1 
ATOM   431 C  "C4'" . DC  B 2 2  ? -18.936 -4.624  -9.023  1.00 20.22 ? 2   DC  B "C4'" 1 
ATOM   432 O  "O4'" . DC  B 2 2  ? -18.885 -3.179  -9.008  1.00 17.54 ? 2   DC  B "O4'" 1 
ATOM   433 C  "C3'" . DC  B 2 2  ? -17.992 -5.090  -7.920  1.00 18.52 ? 2   DC  B "C3'" 1 
ATOM   434 O  "O3'" . DC  B 2 2  ? -16.721 -5.351  -8.490  1.00 20.79 ? 2   DC  B "O3'" 1 
ATOM   435 C  "C2'" . DC  B 2 2  ? -17.957 -3.896  -6.973  1.00 16.63 ? 2   DC  B "C2'" 1 
ATOM   436 C  "C1'" . DC  B 2 2  ? -18.052 -2.734  -7.955  1.00 16.99 ? 2   DC  B "C1'" 1 
ATOM   437 N  N1    . DC  B 2 2  ? -18.663 -1.470  -7.426  1.00 14.47 ? 2   DC  B N1    1 
ATOM   438 C  C2    . DC  B 2 2  ? -18.059 -0.245  -7.747  1.00 13.39 ? 2   DC  B C2    1 
ATOM   439 O  O2    . DC  B 2 2  ? -16.991 -0.261  -8.384  1.00 9.33  ? 2   DC  B O2    1 
ATOM   440 N  N3    . DC  B 2 2  ? -18.684 0.912   -7.385  1.00 5.33  ? 2   DC  B N3    1 
ATOM   441 C  C4    . DC  B 2 2  ? -19.867 0.863   -6.764  1.00 6.66  ? 2   DC  B C4    1 
ATOM   442 N  N4    . DC  B 2 2  ? -20.454 2.019   -6.433  1.00 6.90  ? 2   DC  B N4    1 
ATOM   443 C  C5    . DC  B 2 2  ? -20.521 -0.374  -6.474  1.00 5.34  ? 2   DC  B C5    1 
ATOM   444 C  C6    . DC  B 2 2  ? -19.888 -1.502  -6.820  1.00 9.91  ? 2   DC  B C6    1 
ATOM   445 P  P     . DC  B 2 3  ? -15.558 -6.080  -7.658  1.00 31.46 ? 3   DC  B P     1 
ATOM   446 O  OP1   . DC  B 2 3  ? -14.854 -6.984  -8.599  1.00 28.18 ? 3   DC  B OP1   1 
ATOM   447 O  OP2   . DC  B 2 3  ? -16.128 -6.611  -6.396  1.00 29.57 ? 3   DC  B OP2   1 
ATOM   448 O  "O5'" . DC  B 2 3  ? -14.564 -4.882  -7.268  1.00 22.47 ? 3   DC  B "O5'" 1 
ATOM   449 C  "C5'" . DC  B 2 3  ? -14.175 -3.950  -8.275  1.00 22.32 ? 3   DC  B "C5'" 1 
ATOM   450 C  "C4'" . DC  B 2 3  ? -13.203 -2.923  -7.727  1.00 20.91 ? 3   DC  B "C4'" 1 
ATOM   451 O  "O4'" . DC  B 2 3  ? -13.925 -1.755  -7.252  1.00 20.12 ? 3   DC  B "O4'" 1 
ATOM   452 C  "C3'" . DC  B 2 3  ? -12.397 -3.398  -6.527  1.00 23.88 ? 3   DC  B "C3'" 1 
ATOM   453 O  "O3'" . DC  B 2 3  ? -11.190 -2.669  -6.515  1.00 28.66 ? 3   DC  B "O3'" 1 
ATOM   454 C  "C2'" . DC  B 2 3  ? -13.299 -2.978  -5.369  1.00 18.12 ? 3   DC  B "C2'" 1 
ATOM   455 C  "C1'" . DC  B 2 3  ? -13.696 -1.592  -5.865  1.00 18.14 ? 3   DC  B "C1'" 1 
ATOM   456 N  N1    . DC  B 2 3  ? -14.923 -1.012  -5.243  1.00 10.93 ? 3   DC  B N1    1 
ATOM   457 C  C2    . DC  B 2 3  ? -15.082 0.383   -5.189  1.00 11.59 ? 3   DC  B C2    1 
ATOM   458 O  O2    . DC  B 2 3  ? -14.193 1.112   -5.655  1.00 7.45  ? 3   DC  B O2    1 
ATOM   459 N  N3    . DC  B 2 3  ? -16.249 0.899   -4.722  1.00 8.84  ? 3   DC  B N3    1 
ATOM   460 C  C4    . DC  B 2 3  ? -17.198 0.077   -4.262  1.00 11.93 ? 3   DC  B C4    1 
ATOM   461 N  N4    . DC  B 2 3  ? -18.326 0.622   -3.792  1.00 10.66 ? 3   DC  B N4    1 
ATOM   462 C  C5    . DC  B 2 3  ? -17.037 -1.343  -4.264  1.00 11.36 ? 3   DC  B C5    1 
ATOM   463 C  C6    . DC  B 2 3  ? -15.885 -1.840  -4.742  1.00 12.21 ? 3   DC  B C6    1 
ATOM   464 P  P     . DA  B 2 4  ? -9.808  -3.323  -6.039  1.00 27.89 ? 4   DA  B P     1 
ATOM   465 O  OP1   . DA  B 2 4  ? -9.235  -4.069  -7.187  1.00 25.81 ? 4   DA  B OP1   1 
ATOM   466 O  OP2   . DA  B 2 4  ? -10.035 -3.967  -4.725  1.00 23.43 ? 4   DA  B OP2   1 
ATOM   467 O  "O5'" . DA  B 2 4  ? -8.934  -2.013  -5.813  1.00 25.70 ? 4   DA  B "O5'" 1 
ATOM   468 C  "C5'" . DA  B 2 4  ? -9.037  -0.962  -6.757  1.00 21.49 ? 4   DA  B "C5'" 1 
ATOM   469 C  "C4'" . DA  B 2 4  ? -8.755  0.340   -6.044  1.00 18.83 ? 4   DA  B "C4'" 1 
ATOM   470 O  "O4'" . DA  B 2 4  ? -9.916  0.749   -5.284  1.00 11.87 ? 4   DA  B "O4'" 1 
ATOM   471 C  "C3'" . DA  B 2 4  ? -7.617  0.235   -5.041  1.00 18.12 ? 4   DA  B "C3'" 1 
ATOM   472 O  "O3'" . DA  B 2 4  ? -6.915  1.452   -5.109  1.00 20.64 ? 4   DA  B "O3'" 1 
ATOM   473 C  "C2'" . DA  B 2 4  ? -8.326  0.042   -3.697  1.00 12.50 ? 4   DA  B "C2'" 1 
ATOM   474 C  "C1'" . DA  B 2 4  ? -9.624  0.821   -3.901  1.00 13.16 ? 4   DA  B "C1'" 1 
ATOM   475 N  N9    . DA  B 2 4  ? -10.791 0.279   -3.210  1.00 6.60  ? 4   DA  B N9    1 
ATOM   476 C  C8    . DA  B 2 4  ? -11.129 -1.041  -3.038  1.00 11.90 ? 4   DA  B C8    1 
ATOM   477 N  N7    . DA  B 2 4  ? -12.340 -1.235  -2.545  1.00 10.65 ? 4   DA  B N7    1 
ATOM   478 C  C5    . DA  B 2 4  ? -12.839 0.053   -2.412  1.00 9.10  ? 4   DA  B C5    1 
ATOM   479 C  C6    . DA  B 2 4  ? -14.069 0.549   -1.928  1.00 10.47 ? 4   DA  B C6    1 
ATOM   480 N  N6    . DA  B 2 4  ? -15.062 -0.237  -1.477  1.00 4.35  ? 4   DA  B N6    1 
ATOM   481 N  N1    . DA  B 2 4  ? -14.238 1.893   -1.935  1.00 5.19  ? 4   DA  B N1    1 
ATOM   482 C  C2    . DA  B 2 4  ? -13.255 2.671   -2.417  1.00 8.56  ? 4   DA  B C2    1 
ATOM   483 N  N3    . DA  B 2 4  ? -12.066 2.321   -2.921  1.00 7.48  ? 4   DA  B N3    1 
ATOM   484 C  C4    . DA  B 2 4  ? -11.915 0.989   -2.864  1.00 9.29  ? 4   DA  B C4    1 
ATOM   485 P  P     . DA  B 2 5  ? -5.592  1.702   -4.248  1.00 21.50 ? 5   DA  B P     1 
ATOM   486 O  OP1   . DA  B 2 5  ? -4.868  2.762   -4.984  1.00 15.66 ? 5   DA  B OP1   1 
ATOM   487 O  OP2   . DA  B 2 5  ? -4.967  0.387   -3.910  1.00 6.11  ? 5   DA  B OP2   1 
ATOM   488 O  "O5'" . DA  B 2 5  ? -6.146  2.337   -2.886  1.00 17.58 ? 5   DA  B "O5'" 1 
ATOM   489 C  "C5'" . DA  B 2 5  ? -6.881  3.553   -2.911  1.00 15.02 ? 5   DA  B "C5'" 1 
ATOM   490 C  "C4'" . DA  B 2 5  ? -7.410  3.830   -1.515  1.00 7.75  ? 5   DA  B "C4'" 1 
ATOM   491 O  "O4'" . DA  B 2 5  ? -8.597  3.028   -1.249  1.00 6.01  ? 5   DA  B "O4'" 1 
ATOM   492 C  "C3'" . DA  B 2 5  ? -6.432  3.495   -0.402  1.00 7.26  ? 5   DA  B "C3'" 1 
ATOM   493 O  "O3'" . DA  B 2 5  ? -6.496  4.550   0.556   1.00 10.74 ? 5   DA  B "O3'" 1 
ATOM   494 C  "C2'" . DA  B 2 5  ? -7.033  2.206   0.173   1.00 12.82 ? 5   DA  B "C2'" 1 
ATOM   495 C  "C1'" . DA  B 2 5  ? -8.516  2.525   0.061   1.00 3.24  ? 5   DA  B "C1'" 1 
ATOM   496 N  N9    . DA  B 2 5  ? -9.460  1.415   0.251   1.00 11.87 ? 5   DA  B N9    1 
ATOM   497 C  C8    . DA  B 2 5  ? -9.239  0.066   0.066   1.00 3.62  ? 5   DA  B C8    1 
ATOM   498 N  N7    . DA  B 2 5  ? -10.299 -0.680  0.323   1.00 7.89  ? 5   DA  B N7    1 
ATOM   499 C  C5    . DA  B 2 5  ? -11.279 0.229   0.726   1.00 5.95  ? 5   DA  B C5    1 
ATOM   500 C  C6    . DA  B 2 5  ? -12.637 0.078   1.109   1.00 15.54 ? 5   DA  B C6    1 
ATOM   501 N  N6    . DA  B 2 5  ? -13.240 -1.114  1.236   1.00 11.65 ? 5   DA  B N6    1 
ATOM   502 N  N1    . DA  B 2 5  ? -13.357 1.196   1.387   1.00 12.01 ? 5   DA  B N1    1 
ATOM   503 C  C2    . DA  B 2 5  ? -12.728 2.383   1.303   1.00 14.60 ? 5   DA  B C2    1 
ATOM   504 N  N3    . DA  B 2 5  ? -11.469 2.644   0.919   1.00 11.16 ? 5   DA  B N3    1 
ATOM   505 C  C4    . DA  B 2 5  ? -10.785 1.521   0.663   1.00 4.98  ? 5   DA  B C4    1 
ATOM   506 P  P     . DC  B 2 6  ? -5.255  5.485   0.950   1.00 7.56  ? 6   DC  B P     1 
ATOM   507 O  OP1   . DC  B 2 6  ? -4.755  6.111   -0.292  1.00 6.83  ? 6   DC  B OP1   1 
ATOM   508 O  OP2   . DC  B 2 6  ? -4.322  4.722   1.817   1.00 10.00 ? 6   DC  B OP2   1 
ATOM   509 O  "O5'" . DC  B 2 6  ? -5.921  6.575   1.933   1.00 6.33  ? 6   DC  B "O5'" 1 
ATOM   510 C  "C5'" . DC  B 2 6  ? -6.943  7.435   1.449   1.00 6.50  ? 6   DC  B "C5'" 1 
ATOM   511 C  "C4'" . DC  B 2 6  ? -8.191  7.384   2.309   1.00 5.27  ? 6   DC  B "C4'" 1 
ATOM   512 O  "O4'" . DC  B 2 6  ? -8.882  6.120   2.184   1.00 5.36  ? 6   DC  B "O4'" 1 
ATOM   513 C  "C3'" . DC  B 2 6  ? -7.994  7.610   3.800   1.00 4.82  ? 6   DC  B "C3'" 1 
ATOM   514 O  "O3'" . DC  B 2 6  ? -8.255  8.981   4.065   1.00 4.97  ? 6   DC  B "O3'" 1 
ATOM   515 C  "C2'" . DC  B 2 6  ? -9.063  6.737   4.460   1.00 9.05  ? 6   DC  B "C2'" 1 
ATOM   516 C  "C1'" . DC  B 2 6  ? -9.745  6.003   3.307   1.00 3.61  ? 6   DC  B "C1'" 1 
ATOM   517 N  N1    . DC  B 2 6  ? -9.896  4.546   3.576   1.00 2.00  ? 6   DC  B N1    1 
ATOM   518 C  C2    . DC  B 2 6  ? -11.119 4.052   4.011   1.00 7.00  ? 6   DC  B C2    1 
ATOM   519 O  O2    . DC  B 2 6  ? -12.023 4.861   4.297   1.00 7.41  ? 6   DC  B O2    1 
ATOM   520 N  N3    . DC  B 2 6  ? -11.252 2.708   4.169   1.00 5.52  ? 6   DC  B N3    1 
ATOM   521 C  C4    . DC  B 2 6  ? -10.225 1.890   3.913   1.00 6.32  ? 6   DC  B C4    1 
ATOM   522 N  N4    . DC  B 2 6  ? -10.395 0.578   4.114   1.00 5.67  ? 6   DC  B N4    1 
ATOM   523 C  C5    . DC  B 2 6  ? -8.963  2.383   3.484   1.00 4.61  ? 6   DC  B C5    1 
ATOM   524 C  C6    . DC  B 2 6  ? -8.841  3.708   3.341   1.00 3.53  ? 6   DC  B C6    1 
ATOM   525 P  P     . DG  B 2 7  ? -7.813  9.660   5.449   1.00 7.33  ? 7   DG  B P     1 
ATOM   526 O  OP1   . DG  B 2 7  ? -7.714  11.108  5.169   1.00 13.86 ? 7   DG  B OP1   1 
ATOM   527 O  OP2   . DG  B 2 7  ? -6.679  8.931   6.066   1.00 9.41  ? 7   DG  B OP2   1 
ATOM   528 O  "O5'" . DG  B 2 7  ? -9.080  9.379   6.389   1.00 15.15 ? 7   DG  B "O5'" 1 
ATOM   529 C  "C5'" . DG  B 2 7  ? -10.387 9.824   6.039   1.00 4.78  ? 7   DG  B "C5'" 1 
ATOM   530 C  "C4'" . DG  B 2 7  ? -11.314 9.414   7.166   1.00 9.50  ? 7   DG  B "C4'" 1 
ATOM   531 O  "O4'" . DG  B 2 7  ? -11.435 7.976   7.076   1.00 8.41  ? 7   DG  B "O4'" 1 
ATOM   532 C  "C3'" . DG  B 2 7  ? -10.852 9.705   8.601   1.00 9.55  ? 7   DG  B "C3'" 1 
ATOM   533 O  "O3'" . DG  B 2 7  ? -12.005 10.040  9.361   1.00 8.96  ? 7   DG  B "O3'" 1 
ATOM   534 C  "C2'" . DG  B 2 7  ? -10.297 8.364   9.082   1.00 5.25  ? 7   DG  B "C2'" 1 
ATOM   535 C  "C1'" . DG  B 2 7  ? -11.167 7.366   8.311   1.00 2.00  ? 7   DG  B "C1'" 1 
ATOM   536 N  N9    . DG  B 2 7  ? -10.447 6.160   7.958   1.00 2.05  ? 7   DG  B N9    1 
ATOM   537 C  C8    . DG  B 2 7  ? -9.173  6.115   7.440   1.00 2.00  ? 7   DG  B C8    1 
ATOM   538 N  N7    . DG  B 2 7  ? -8.778  4.903   7.152   1.00 5.27  ? 7   DG  B N7    1 
ATOM   539 C  C5    . DG  B 2 7  ? -9.847  4.097   7.533   1.00 2.46  ? 7   DG  B C5    1 
ATOM   540 C  C6    . DG  B 2 7  ? -9.972  2.690   7.510   1.00 5.14  ? 7   DG  B C6    1 
ATOM   541 O  O6    . DG  B 2 7  ? -9.149  1.871   7.066   1.00 8.99  ? 7   DG  B O6    1 
ATOM   542 N  N1    . DG  B 2 7  ? -11.242 2.273   7.931   1.00 2.00  ? 7   DG  B N1    1 
ATOM   543 C  C2    . DG  B 2 7  ? -12.242 3.129   8.360   1.00 4.54  ? 7   DG  B C2    1 
ATOM   544 N  N2    . DG  B 2 7  ? -13.390 2.578   8.790   1.00 2.00  ? 7   DG  B N2    1 
ATOM   545 N  N3    . DG  B 2 7  ? -12.135 4.451   8.348   1.00 2.32  ? 7   DG  B N3    1 
ATOM   546 C  C4    . DG  B 2 7  ? -10.904 4.861   7.973   1.00 2.00  ? 7   DG  B C4    1 
ATOM   547 P  P     . DG  B 2 8  ? -11.995 10.433  10.920  1.00 12.73 ? 8   DG  B P     1 
ATOM   548 O  OP1   . DG  B 2 8  ? -12.892 11.614  10.985  1.00 12.88 ? 8   DG  B OP1   1 
ATOM   549 O  OP2   . DG  B 2 8  ? -10.618 10.518  11.460  1.00 6.86  ? 8   DG  B OP2   1 
ATOM   550 O  "O5'" . DG  B 2 8  ? -12.707 9.183   11.634  1.00 16.81 ? 8   DG  B "O5'" 1 
ATOM   551 C  "C5'" . DG  B 2 8  ? -13.915 8.646   11.073  1.00 19.53 ? 8   DG  B "C5'" 1 
ATOM   552 C  "C4'" . DG  B 2 8  ? -14.439 7.450   11.857  1.00 19.58 ? 8   DG  B "C4'" 1 
ATOM   553 O  "O4'" . DG  B 2 8  ? -13.734 6.243   11.466  1.00 14.46 ? 8   DG  B "O4'" 1 
ATOM   554 C  "C3'" . DG  B 2 8  ? -14.293 7.518   13.374  1.00 20.74 ? 8   DG  B "C3'" 1 
ATOM   555 O  "O3'" . DG  B 2 8  ? -15.351 6.765   13.969  1.00 23.38 ? 8   DG  B "O3'" 1 
ATOM   556 C  "C2'" . DG  B 2 8  ? -12.950 6.831   13.595  1.00 14.98 ? 8   DG  B "C2'" 1 
ATOM   557 C  "C1'" . DG  B 2 8  ? -13.073 5.695   12.586  1.00 10.82 ? 8   DG  B "C1'" 1 
ATOM   558 N  N9    . DG  B 2 8  ? -11.799 5.170   12.117  1.00 13.21 ? 8   DG  B N9    1 
ATOM   559 C  C8    . DG  B 2 8  ? -10.681 5.891   11.753  1.00 13.45 ? 8   DG  B C8    1 
ATOM   560 N  N7    . DG  B 2 8  ? -9.712  5.145   11.293  1.00 16.83 ? 8   DG  B N7    1 
ATOM   561 C  C5    . DG  B 2 8  ? -10.245 3.862   11.314  1.00 8.81  ? 8   DG  B C5    1 
ATOM   562 C  C6    . DG  B 2 8  ? -9.634  2.641   10.973  1.00 15.35 ? 8   DG  B C6    1 
ATOM   563 O  O6    . DG  B 2 8  ? -8.489  2.498   10.524  1.00 16.07 ? 8   DG  B O6    1 
ATOM   564 N  N1    . DG  B 2 8  ? -10.487 1.545   11.180  1.00 8.03  ? 8   DG  B N1    1 
ATOM   565 C  C2    . DG  B 2 8  ? -11.760 1.654   11.721  1.00 16.70 ? 8   DG  B C2    1 
ATOM   566 N  N2    . DG  B 2 8  ? -12.445 0.510   11.886  1.00 12.92 ? 8   DG  B N2    1 
ATOM   567 N  N3    . DG  B 2 8  ? -12.337 2.805   12.062  1.00 2.15  ? 8   DG  B N3    1 
ATOM   568 C  C4    . DG  B 2 8  ? -11.522 3.856   11.824  1.00 8.61  ? 8   DG  B C4    1 
ATOM   569 P  P     . DT  B 2 9  ? -15.628 6.817   15.545  1.00 24.20 ? 9   DT  B P     1 
ATOM   570 O  OP1   . DT  B 2 9  ? -17.066 7.123   15.718  1.00 25.19 ? 9   DT  B OP1   1 
ATOM   571 O  OP2   . DT  B 2 9  ? -14.599 7.661   16.204  1.00 17.25 ? 9   DT  B OP2   1 
ATOM   572 O  "O5'" . DT  B 2 9  ? -15.352 5.301   15.988  1.00 26.58 ? 9   DT  B "O5'" 1 
ATOM   573 C  "C5'" . DT  B 2 9  ? -15.955 4.195   15.297  1.00 26.75 ? 9   DT  B "C5'" 1 
ATOM   574 C  "C4'" . DT  B 2 9  ? -15.487 2.889   15.925  1.00 27.99 ? 9   DT  B "C4'" 1 
ATOM   575 O  "O4'" . DT  B 2 9  ? -14.239 2.474   15.299  1.00 23.06 ? 9   DT  B "O4'" 1 
ATOM   576 C  "C3'" . DT  B 2 9  ? -15.178 2.998   17.420  1.00 28.39 ? 9   DT  B "C3'" 1 
ATOM   577 O  "O3'" . DT  B 2 9  ? -15.483 1.774   18.094  1.00 33.61 ? 9   DT  B "O3'" 1 
ATOM   578 C  "C2'" . DT  B 2 9  ? -13.676 3.272   17.423  1.00 27.65 ? 9   DT  B "C2'" 1 
ATOM   579 C  "C1'" . DT  B 2 9  ? -13.259 2.320   16.307  1.00 22.44 ? 9   DT  B "C1'" 1 
ATOM   580 N  N1    . DT  B 2 9  ? -11.901 2.541   15.739  1.00 14.76 ? 9   DT  B N1    1 
ATOM   581 C  C2    . DT  B 2 9  ? -11.191 1.443   15.288  1.00 15.88 ? 9   DT  B C2    1 
ATOM   582 O  O2    . DT  B 2 9  ? -11.640 0.309   15.310  1.00 12.26 ? 9   DT  B O2    1 
ATOM   583 N  N3    . DT  B 2 9  ? -9.974  1.735   14.719  1.00 9.89  ? 9   DT  B N3    1 
ATOM   584 C  C4    . DT  B 2 9  ? -9.393  2.984   14.610  1.00 11.83 ? 9   DT  B C4    1 
ATOM   585 O  O4    . DT  B 2 9  ? -8.258  3.124   14.161  1.00 13.85 ? 9   DT  B O4    1 
ATOM   586 C  C5    . DT  B 2 9  ? -10.160 4.080   15.169  1.00 13.10 ? 9   DT  B C5    1 
ATOM   587 C  C7    . DT  B 2 9  ? -9.621  5.485   15.143  1.00 12.75 ? 9   DT  B C7    1 
ATOM   588 C  C6    . DT  B 2 9  ? -11.363 3.810   15.697  1.00 11.75 ? 9   DT  B C6    1 
ATOM   589 P  P     . DG  B 2 10 ? -16.597 1.712   19.253  1.00 34.17 ? 10  DG  B P     1 
ATOM   590 O  OP1   . DG  B 2 10 ? -17.810 2.411   18.761  1.00 30.10 ? 10  DG  B OP1   1 
ATOM   591 O  OP2   . DG  B 2 10 ? -15.956 2.123   20.524  1.00 29.10 ? 10  DG  B OP2   1 
ATOM   592 O  "O5'" . DG  B 2 10 ? -16.918 0.144   19.361  1.00 33.39 ? 10  DG  B "O5'" 1 
ATOM   593 C  "C5'" . DG  B 2 10 ? -16.562 -0.748  18.308  1.00 30.96 ? 10  DG  B "C5'" 1 
ATOM   594 C  "C4'" . DG  B 2 10 ? -15.662 -1.864  18.813  1.00 26.97 ? 10  DG  B "C4'" 1 
ATOM   595 O  "O4'" . DG  B 2 10 ? -14.268 -1.577  18.525  1.00 23.90 ? 10  DG  B "O4'" 1 
ATOM   596 C  "C3'" . DG  B 2 10 ? -15.684 -2.150  20.308  1.00 28.57 ? 10  DG  B "C3'" 1 
ATOM   597 O  "O3'" . DG  B 2 10 ? -15.276 -3.495  20.477  1.00 31.36 ? 10  DG  B "O3'" 1 
ATOM   598 C  "C2'" . DG  B 2 10 ? -14.585 -1.219  20.812  1.00 25.64 ? 10  DG  B "C2'" 1 
ATOM   599 C  "C1'" . DG  B 2 10 ? -13.535 -1.460  19.732  1.00 20.49 ? 10  DG  B "C1'" 1 
ATOM   600 N  N9    . DG  B 2 10 ? -12.588 -0.365  19.554  1.00 19.13 ? 10  DG  B N9    1 
ATOM   601 C  C8    . DG  B 2 10 ? -12.783 0.964   19.861  1.00 19.81 ? 10  DG  B C8    1 
ATOM   602 N  N7    . DG  B 2 10 ? -11.807 1.735   19.458  1.00 21.38 ? 10  DG  B N7    1 
ATOM   603 C  C5    . DG  B 2 10 ? -10.899 0.864   18.866  1.00 16.79 ? 10  DG  B C5    1 
ATOM   604 C  C6    . DG  B 2 10 ? -9.635  1.120   18.278  1.00 16.09 ? 10  DG  B C6    1 
ATOM   605 O  O6    . DG  B 2 10 ? -9.049  2.208   18.155  1.00 18.21 ? 10  DG  B O6    1 
ATOM   606 N  N1    . DG  B 2 10 ? -9.025  -0.051  17.828  1.00 10.12 ? 10  DG  B N1    1 
ATOM   607 C  C2    . DG  B 2 10 ? -9.600  -1.301  17.883  1.00 12.04 ? 10  DG  B C2    1 
ATOM   608 N  N2    . DG  B 2 10 ? -8.873  -2.309  17.379  1.00 15.38 ? 10  DG  B N2    1 
ATOM   609 N  N3    . DG  B 2 10 ? -10.787 -1.557  18.425  1.00 10.72 ? 10  DG  B N3    1 
ATOM   610 C  C4    . DG  B 2 10 ? -11.380 -0.428  18.892  1.00 16.80 ? 10  DG  B C4    1 
ATOM   611 P  P     . DG  B 2 11 ? -15.792 -4.370  21.707  1.00 31.02 ? 11  DG  B P     1 
ATOM   612 O  OP1   . DG  B 2 11 ? -16.783 -5.326  21.165  1.00 31.23 ? 11  DG  B OP1   1 
ATOM   613 O  OP2   . DG  B 2 11 ? -16.150 -3.450  22.811  1.00 32.02 ? 11  DG  B OP2   1 
ATOM   614 O  "O5'" . DG  B 2 11 ? -14.478 -5.177  22.135  1.00 27.02 ? 11  DG  B "O5'" 1 
ATOM   615 C  "C5'" . DG  B 2 11 ? -13.685 -5.785  21.125  1.00 25.05 ? 11  DG  B "C5'" 1 
ATOM   616 C  "C4'" . DG  B 2 11 ? -12.220 -5.820  21.522  1.00 23.23 ? 11  DG  B "C4'" 1 
ATOM   617 O  "O4'" . DG  B 2 11 ? -11.551 -4.577  21.185  1.00 21.25 ? 11  DG  B "O4'" 1 
ATOM   618 C  "C3'" . DG  B 2 11 ? -11.930 -6.087  22.992  1.00 21.99 ? 11  DG  B "C3'" 1 
ATOM   619 O  "O3'" . DG  B 2 11 ? -10.930 -7.092  23.032  1.00 22.86 ? 11  DG  B "O3'" 1 
ATOM   620 C  "C2'" . DG  B 2 11 ? -11.424 -4.737  23.505  1.00 19.24 ? 11  DG  B "C2'" 1 
ATOM   621 C  "C1'" . DG  B 2 11 ? -10.737 -4.179  22.265  1.00 17.62 ? 11  DG  B "C1'" 1 
ATOM   622 N  N9    . DG  B 2 11 ? -10.556 -2.723  22.223  1.00 16.64 ? 11  DG  B N9    1 
ATOM   623 C  C8    . DG  B 2 11 ? -11.389 -1.736  22.700  1.00 16.66 ? 11  DG  B C8    1 
ATOM   624 N  N7    . DG  B 2 11 ? -10.928 -0.524  22.524  1.00 14.05 ? 11  DG  B N7    1 
ATOM   625 C  C5    . DG  B 2 11 ? -9.717  -0.716  21.871  1.00 14.11 ? 11  DG  B C5    1 
ATOM   626 C  C6    . DG  B 2 11 ? -8.756  0.226   21.412  1.00 12.19 ? 11  DG  B C6    1 
ATOM   627 O  O6    . DG  B 2 11 ? -8.809  1.468   21.446  1.00 9.87  ? 11  DG  B O6    1 
ATOM   628 N  N1    . DG  B 2 11 ? -7.652  -0.407  20.842  1.00 3.27  ? 11  DG  B N1    1 
ATOM   629 C  C2    . DG  B 2 11 ? -7.508  -1.770  20.713  1.00 9.58  ? 11  DG  B C2    1 
ATOM   630 N  N2    . DG  B 2 11 ? -6.379  -2.207  20.138  1.00 13.55 ? 11  DG  B N2    1 
ATOM   631 N  N3    . DG  B 2 11 ? -8.412  -2.658  21.106  1.00 10.55 ? 11  DG  B N3    1 
ATOM   632 C  C4    . DG  B 2 11 ? -9.483  -2.062  21.677  1.00 13.31 ? 11  DG  B C4    1 
ATOM   633 P  P     . DC  B 2 12 ? -10.622 -7.914  24.361  1.00 22.49 ? 12  DC  B P     1 
ATOM   634 O  OP1   . DC  B 2 12 ? -10.704 -9.356  24.051  1.00 25.48 ? 12  DC  B OP1   1 
ATOM   635 O  OP2   . DC  B 2 12 ? -11.436 -7.344  25.453  1.00 27.84 ? 12  DC  B OP2   1 
ATOM   636 O  "O5'" . DC  B 2 12 ? -9.089  -7.545  24.616  1.00 24.47 ? 12  DC  B "O5'" 1 
ATOM   637 C  "C5'" . DC  B 2 12 ? -8.179  -7.674  23.531  1.00 22.06 ? 12  DC  B "C5'" 1 
ATOM   638 C  "C4'" . DC  B 2 12 ? -6.976  -6.772  23.722  1.00 19.30 ? 12  DC  B "C4'" 1 
ATOM   639 O  "O4'" . DC  B 2 12 ? -7.326  -5.420  23.351  1.00 16.95 ? 12  DC  B "O4'" 1 
ATOM   640 C  "C3'" . DC  B 2 12 ? -6.495  -6.642  25.156  1.00 17.84 ? 12  DC  B "C3'" 1 
ATOM   641 O  "O3'" . DC  B 2 12 ? -5.587  -7.693  25.466  1.00 20.02 ? 12  DC  B "O3'" 1 
ATOM   642 C  "C2'" . DC  B 2 12 ? -5.804  -5.280  25.166  1.00 16.32 ? 12  DC  B "C2'" 1 
ATOM   643 C  "C1'" . DC  B 2 12 ? -6.397  -4.549  23.961  1.00 14.48 ? 12  DC  B "C1'" 1 
ATOM   644 N  N1    . DC  B 2 12 ? -7.070  -3.251  24.290  1.00 12.46 ? 12  DC  B N1    1 
ATOM   645 C  C2    . DC  B 2 12 ? -6.428  -2.053  23.956  1.00 9.44  ? 12  DC  B C2    1 
ATOM   646 O  O2    . DC  B 2 12 ? -5.321  -2.115  23.401  1.00 9.36  ? 12  DC  B O2    1 
ATOM   647 N  N3    . DC  B 2 12 ? -7.046  -0.872  24.220  1.00 2.00  ? 12  DC  B N3    1 
ATOM   648 C  C4    . DC  B 2 12 ? -8.240  -0.865  24.817  1.00 7.97  ? 12  DC  B C4    1 
ATOM   649 N  N4    . DC  B 2 12 ? -8.797  0.319   25.101  1.00 2.17  ? 12  DC  B N4    1 
ATOM   650 C  C5    . DC  B 2 12 ? -8.903  -2.080  25.183  1.00 11.54 ? 12  DC  B C5    1 
ATOM   651 C  C6    . DC  B 2 12 ? -8.293  -3.239  24.898  1.00 10.82 ? 12  DC  B C6    1 
ATOM   652 O  "O5'" . DG  C 3 1  ? -1.079  7.735   24.261  1.00 32.63 ? 1   DG  C "O5'" 1 
ATOM   653 C  "C5'" . DG  C 3 1  ? -1.093  7.803   22.837  1.00 32.12 ? 1   DG  C "C5'" 1 
ATOM   654 C  "C4'" . DG  C 3 1  ? -0.503  6.540   22.238  1.00 30.65 ? 1   DG  C "C4'" 1 
ATOM   655 O  "O4'" . DG  C 3 1  ? -1.204  5.390   22.766  1.00 28.34 ? 1   DG  C "O4'" 1 
ATOM   656 C  "C3'" . DG  C 3 1  ? -0.648  6.397   20.731  1.00 32.68 ? 1   DG  C "C3'" 1 
ATOM   657 O  "O3'" . DG  C 3 1  ? 0.309   5.457   20.254  1.00 36.38 ? 1   DG  C "O3'" 1 
ATOM   658 C  "C2'" . DG  C 3 1  ? -2.066  5.845   20.615  1.00 29.00 ? 1   DG  C "C2'" 1 
ATOM   659 C  "C1'" . DG  C 3 1  ? -2.075  4.865   21.783  1.00 26.26 ? 1   DG  C "C1'" 1 
ATOM   660 N  N9    . DG  C 3 1  ? -3.385  4.662   22.400  1.00 22.18 ? 1   DG  C N9    1 
ATOM   661 C  C8    . DG  C 3 1  ? -4.242  5.619   22.899  1.00 21.59 ? 1   DG  C C8    1 
ATOM   662 N  N7    . DG  C 3 1  ? -5.300  5.120   23.481  1.00 18.56 ? 1   DG  C N7    1 
ATOM   663 C  C5    . DG  C 3 1  ? -5.140  3.743   23.340  1.00 17.55 ? 1   DG  C C5    1 
ATOM   664 C  C6    . DG  C 3 1  ? -5.982  2.677   23.742  1.00 11.43 ? 1   DG  C C6    1 
ATOM   665 O  O6    . DG  C 3 1  ? -7.068  2.751   24.335  1.00 8.18  ? 1   DG  C O6    1 
ATOM   666 N  N1    . DG  C 3 1  ? -5.416  1.432   23.456  1.00 2.18  ? 1   DG  C N1    1 
ATOM   667 C  C2    . DG  C 3 1  ? -4.170  1.251   22.897  1.00 10.05 ? 1   DG  C C2    1 
ATOM   668 N  N2    . DG  C 3 1  ? -3.766  -0.015  22.723  1.00 10.10 ? 1   DG  C N2    1 
ATOM   669 N  N3    . DG  C 3 1  ? -3.404  2.237   22.453  1.00 9.96  ? 1   DG  C N3    1 
ATOM   670 C  C4    . DG  C 3 1  ? -3.949  3.448   22.713  1.00 16.66 ? 1   DG  C C4    1 
ATOM   671 P  P     . DC  C 3 2  ? 0.410   5.160   18.684  1.00 41.96 ? 2   DC  C P     1 
ATOM   672 O  OP1   . DC  C 3 2  ? 1.541   5.973   18.177  1.00 39.90 ? 2   DC  C OP1   1 
ATOM   673 O  OP2   . DC  C 3 2  ? -0.944  5.306   18.096  1.00 38.66 ? 2   DC  C OP2   1 
ATOM   674 O  "O5'" . DC  C 3 2  ? 0.798   3.606   18.601  1.00 39.85 ? 2   DC  C "O5'" 1 
ATOM   675 C  "C5'" . DC  C 3 2  ? 0.506   2.746   19.694  1.00 39.95 ? 2   DC  C "C5'" 1 
ATOM   676 C  "C4'" . DC  C 3 2  ? 0.155   1.334   19.251  1.00 35.42 ? 2   DC  C "C4'" 1 
ATOM   677 O  "O4'" . DC  C 3 2  ? -1.150  0.982   19.778  1.00 34.82 ? 2   DC  C "O4'" 1 
ATOM   678 C  "C3'" . DC  C 3 2  ? 0.082   1.089   17.752  1.00 34.61 ? 2   DC  C "C3'" 1 
ATOM   679 O  "O3'" . DC  C 3 2  ? 0.536   -0.238  17.469  1.00 37.14 ? 2   DC  C "O3'" 1 
ATOM   680 C  "C2'" . DC  C 3 2  ? -1.407  1.282   17.456  1.00 31.98 ? 2   DC  C "C2'" 1 
ATOM   681 C  "C1'" . DC  C 3 2  ? -2.075  0.765   18.730  1.00 28.02 ? 2   DC  C "C1'" 1 
ATOM   682 N  N1    . DC  C 3 2  ? -3.351  1.461   19.099  1.00 22.50 ? 2   DC  C N1    1 
ATOM   683 C  C2    . DC  C 3 2  ? -4.464  0.728   19.555  1.00 21.04 ? 2   DC  C C2    1 
ATOM   684 O  O2    . DC  C 3 2  ? -4.422  -0.508  19.570  1.00 18.03 ? 2   DC  C O2    1 
ATOM   685 N  N3    . DC  C 3 2  ? -5.584  1.395   19.937  1.00 17.95 ? 2   DC  C N3    1 
ATOM   686 C  C4    . DC  C 3 2  ? -5.623  2.731   19.872  1.00 20.61 ? 2   DC  C C4    1 
ATOM   687 N  N4    . DC  C 3 2  ? -6.747  3.350   20.251  1.00 17.73 ? 2   DC  C N4    1 
ATOM   688 C  C5    . DC  C 3 2  ? -4.495  3.492   19.441  1.00 20.27 ? 2   DC  C C5    1 
ATOM   689 C  C6    . DC  C 3 2  ? -3.384  2.825   19.099  1.00 21.85 ? 2   DC  C C6    1 
ATOM   690 P  P     . DC  C 3 3  ? 0.987   -0.673  15.987  1.00 44.16 ? 3   DC  C P     1 
ATOM   691 O  OP1   . DC  C 3 3  ? 2.391   -1.137  16.069  1.00 42.29 ? 3   DC  C OP1   1 
ATOM   692 O  OP2   . DC  C 3 3  ? 0.610   0.399   15.036  1.00 42.58 ? 3   DC  C OP2   1 
ATOM   693 O  "O5'" . DC  C 3 3  ? 0.055   -1.932  15.650  1.00 42.65 ? 3   DC  C "O5'" 1 
ATOM   694 C  "C5'" . DC  C 3 3  ? -0.874  -2.423  16.616  1.00 41.45 ? 3   DC  C "C5'" 1 
ATOM   695 C  "C4'" . DC  C 3 3  ? -2.042  -3.139  15.961  1.00 35.64 ? 3   DC  C "C4'" 1 
ATOM   696 O  "O4'" . DC  C 3 3  ? -3.280  -2.529  16.408  1.00 33.67 ? 3   DC  C "O4'" 1 
ATOM   697 C  "C3'" . DC  C 3 3  ? -2.108  -3.054  14.443  1.00 35.61 ? 3   DC  C "C3'" 1 
ATOM   698 O  "O3'" . DC  C 3 3  ? -2.939  -4.110  13.977  1.00 38.53 ? 3   DC  C "O3'" 1 
ATOM   699 C  "C2'" . DC  C 3 3  ? -2.817  -1.717  14.263  1.00 32.29 ? 3   DC  C "C2'" 1 
ATOM   700 C  "C1'" . DC  C 3 3  ? -3.914  -1.939  15.293  1.00 28.37 ? 3   DC  C "C1'" 1 
ATOM   701 N  N1    . DC  C 3 3  ? -4.652  -0.724  15.716  1.00 21.68 ? 3   DC  C N1    1 
ATOM   702 C  C2    . DC  C 3 3  ? -5.913  -0.891  16.287  1.00 19.91 ? 3   DC  C C2    1 
ATOM   703 O  O2    . DC  C 3 3  ? -6.318  -2.041  16.526  1.00 16.03 ? 3   DC  C O2    1 
ATOM   704 N  N3    . DC  C 3 3  ? -6.626  0.218   16.609  1.00 20.26 ? 3   DC  C N3    1 
ATOM   705 C  C4    . DC  C 3 3  ? -6.122  1.436   16.378  1.00 19.88 ? 3   DC  C C4    1 
ATOM   706 N  N4    . DC  C 3 3  ? -6.853  2.498   16.744  1.00 17.98 ? 3   DC  C N4    1 
ATOM   707 C  C5    . DC  C 3 3  ? -4.840  1.618   15.781  1.00 16.56 ? 3   DC  C C5    1 
ATOM   708 C  C6    . DC  C 3 3  ? -4.158  0.518   15.446  1.00 20.10 ? 3   DC  C C6    1 
ATOM   709 P  P     . DA  C 3 4  ? -2.293  -5.406  13.296  1.00 39.90 ? 4   DA  C P     1 
ATOM   710 O  OP1   . DA  C 3 4  ? -1.288  -5.937  14.241  1.00 32.16 ? 4   DA  C OP1   1 
ATOM   711 O  OP2   . DA  C 3 4  ? -1.928  -5.010  11.913  1.00 36.75 ? 4   DA  C OP2   1 
ATOM   712 O  "O5'" . DA  C 3 4  ? -3.498  -6.461  13.193  1.00 35.33 ? 4   DA  C "O5'" 1 
ATOM   713 C  "C5'" . DA  C 3 4  ? -4.163  -6.938  14.358  1.00 27.37 ? 4   DA  C "C5'" 1 
ATOM   714 C  "C4'" . DA  C 3 4  ? -5.671  -6.865  14.172  1.00 24.74 ? 4   DA  C "C4'" 1 
ATOM   715 O  "O4'" . DA  C 3 4  ? -6.152  -5.503  14.326  1.00 19.60 ? 4   DA  C "O4'" 1 
ATOM   716 C  "C3'" . DA  C 3 4  ? -6.208  -7.356  12.831  1.00 22.07 ? 4   DA  C "C3'" 1 
ATOM   717 O  "O3'" . DA  C 3 4  ? -7.369  -8.140  13.082  1.00 25.25 ? 4   DA  C "O3'" 1 
ATOM   718 C  "C2'" . DA  C 3 4  ? -6.552  -6.066  12.088  1.00 18.62 ? 4   DA  C "C2'" 1 
ATOM   719 C  "C1'" . DA  C 3 4  ? -6.977  -5.148  13.230  1.00 18.36 ? 4   DA  C "C1'" 1 
ATOM   720 N  N9    . DA  C 3 4  ? -6.767  -3.727  12.963  1.00 15.69 ? 4   DA  C N9    1 
ATOM   721 C  C8    . DA  C 3 4  ? -5.696  -3.170  12.323  1.00 12.19 ? 4   DA  C C8    1 
ATOM   722 N  N7    . DA  C 3 4  ? -5.729  -1.863  12.261  1.00 11.14 ? 4   DA  C N7    1 
ATOM   723 C  C5    . DA  C 3 4  ? -6.874  -1.532  12.969  1.00 13.23 ? 4   DA  C C5    1 
ATOM   724 C  C6    . DA  C 3 4  ? -7.457  -0.287  13.294  1.00 11.78 ? 4   DA  C C6    1 
ATOM   725 N  N6    . DA  C 3 4  ? -6.914  0.895   12.957  1.00 7.82  ? 4   DA  C N6    1 
ATOM   726 N  N1    . DA  C 3 4  ? -8.631  -0.306  13.960  1.00 9.85  ? 4   DA  C N1    1 
ATOM   727 C  C2    . DA  C 3 4  ? -9.159  -1.492  14.296  1.00 17.82 ? 4   DA  C C2    1 
ATOM   728 N  N3    . DA  C 3 4  ? -8.668  -2.719  14.110  1.00 16.26 ? 4   DA  C N3    1 
ATOM   729 C  C4    . DA  C 3 4  ? -7.511  -2.668  13.432  1.00 13.83 ? 4   DA  C C4    1 
ATOM   730 P  P     . DC  C 3 5  ? -7.988  -9.114  11.975  1.00 29.19 ? 5   DC  C P     1 
ATOM   731 O  OP1   . DC  C 3 5  ? -8.374  -10.363 12.666  1.00 28.66 ? 5   DC  C OP1   1 
ATOM   732 O  OP2   . DC  C 3 5  ? -7.076  -9.156  10.808  1.00 31.10 ? 5   DC  C OP2   1 
ATOM   733 O  "O5'" . DC  C 3 5  ? -9.317  -8.339  11.535  1.00 30.13 ? 5   DC  C "O5'" 1 
ATOM   734 C  "C5'" . DC  C 3 5  ? -10.148 -7.817  12.566  1.00 27.88 ? 5   DC  C "C5'" 1 
ATOM   735 C  "C4'" . DC  C 3 5  ? -10.849 -6.542  12.140  1.00 21.37 ? 5   DC  C "C4'" 1 
ATOM   736 O  "O4'" . DC  C 3 5  ? -9.926  -5.511  11.737  1.00 18.55 ? 5   DC  C "O4'" 1 
ATOM   737 C  "C3'" . DC  C 3 5  ? -11.789 -6.642  10.953  1.00 19.53 ? 5   DC  C "C3'" 1 
ATOM   738 O  "O3'" . DC  C 3 5  ? -13.076 -6.943  11.470  1.00 21.71 ? 5   DC  C "O3'" 1 
ATOM   739 C  "C2'" . DC  C 3 5  ? -11.713 -5.242  10.318  1.00 16.30 ? 5   DC  C "C2'" 1 
ATOM   740 C  "C1'" . DC  C 3 5  ? -10.780 -4.497  11.274  1.00 13.06 ? 5   DC  C "C1'" 1 
ATOM   741 N  N1    . DC  C 3 5  ? -9.988  -3.323  10.755  1.00 7.60  ? 5   DC  C N1    1 
ATOM   742 C  C2    . DC  C 3 5  ? -10.419 -2.026  11.063  1.00 9.82  ? 5   DC  C C2    1 
ATOM   743 O  O2    . DC  C 3 5  ? -11.474 -1.871  11.692  1.00 10.55 ? 5   DC  C O2    1 
ATOM   744 N  N3    . DC  C 3 5  ? -9.703  -0.959  10.627  1.00 6.85  ? 5   DC  C N3    1 
ATOM   745 C  C4    . DC  C 3 5  ? -8.556  -1.155  9.975   1.00 13.11 ? 5   DC  C C4    1 
ATOM   746 N  N4    . DC  C 3 5  ? -7.858  -0.066  9.610   1.00 13.33 ? 5   DC  C N4    1 
ATOM   747 C  C5    . DC  C 3 5  ? -8.078  -2.470  9.674   1.00 8.31  ? 5   DC  C C5    1 
ATOM   748 C  C6    . DC  C 3 5  ? -8.801  -3.514  10.107  1.00 8.04  ? 5   DC  C C6    1 
ATOM   749 P  P     . DC  C 3 6  ? -14.234 -7.523  10.523  1.00 30.00 ? 6   DC  C P     1 
ATOM   750 O  OP1   . DC  C 3 6  ? -15.127 -8.339  11.383  1.00 31.07 ? 6   DC  C OP1   1 
ATOM   751 O  OP2   . DC  C 3 6  ? -13.636 -8.105  9.294   1.00 24.92 ? 6   DC  C OP2   1 
ATOM   752 O  "O5'" . DC  C 3 6  ? -15.030 -6.209  10.086  1.00 23.62 ? 6   DC  C "O5'" 1 
ATOM   753 C  "C5'" . DC  C 3 6  ? -15.307 -5.213  11.058  1.00 21.38 ? 6   DC  C "C5'" 1 
ATOM   754 C  "C4'" . DC  C 3 6  ? -15.820 -3.967  10.369  1.00 19.41 ? 6   DC  C "C4'" 1 
ATOM   755 O  "O4'" . DC  C 3 6  ? -14.719 -3.076  10.063  1.00 16.50 ? 6   DC  C "O4'" 1 
ATOM   756 C  "C3'" . DC  C 3 6  ? -16.523 -4.198  9.037   1.00 21.01 ? 6   DC  C "C3'" 1 
ATOM   757 O  "O3'" . DC  C 3 6  ? -17.494 -3.189  8.925   1.00 25.66 ? 6   DC  C "O3'" 1 
ATOM   758 C  "C2'" . DC  C 3 6  ? -15.408 -3.920  8.035   1.00 16.31 ? 6   DC  C "C2'" 1 
ATOM   759 C  "C1'" . DC  C 3 6  ? -14.832 -2.686  8.715   1.00 10.95 ? 6   DC  C "C1'" 1 
ATOM   760 N  N1    . DC  C 3 6  ? -13.500 -2.253  8.237   1.00 11.94 ? 6   DC  C N1    1 
ATOM   761 C  C2    . DC  C 3 6  ? -13.136 -0.903  8.334   1.00 11.52 ? 6   DC  C C2    1 
ATOM   762 O  O2    . DC  C 3 6  ? -13.956 -0.081  8.753   1.00 13.21 ? 6   DC  C O2    1 
ATOM   763 N  N3    . DC  C 3 6  ? -11.906 -0.515  7.911   1.00 7.18  ? 6   DC  C N3    1 
ATOM   764 C  C4    . DC  C 3 6  ? -11.043 -1.424  7.462   1.00 2.98  ? 6   DC  C C4    1 
ATOM   765 N  N4    . DC  C 3 6  ? -9.823  -1.004  7.087   1.00 2.00  ? 6   DC  C N4    1 
ATOM   766 C  C5    . DC  C 3 6  ? -11.375 -2.810  7.423   1.00 8.30  ? 6   DC  C C5    1 
ATOM   767 C  C6    . DC  C 3 6  ? -12.604 -3.181  7.795   1.00 9.71  ? 6   DC  C C6    1 
ATOM   768 P  P     . DG  C 3 7  ? -19.026 -3.511  8.630   1.00 23.42 ? 7   DG  C P     1 
ATOM   769 O  OP1   . DG  C 3 7  ? -19.582 -4.185  9.825   1.00 26.18 ? 7   DG  C OP1   1 
ATOM   770 O  OP2   . DG  C 3 7  ? -19.124 -4.120  7.286   1.00 20.72 ? 7   DG  C OP2   1 
ATOM   771 O  "O5'" . DG  C 3 7  ? -19.620 -2.028  8.534   1.00 25.89 ? 7   DG  C "O5'" 1 
ATOM   772 C  "C5'" . DG  C 3 7  ? -19.327 -1.091  9.572   1.00 19.90 ? 7   DG  C "C5'" 1 
ATOM   773 C  "C4'" . DG  C 3 7  ? -19.318 0.330   9.034   1.00 18.18 ? 7   DG  C "C4'" 1 
ATOM   774 O  "O4'" . DG  C 3 7  ? -18.016 0.673   8.482   1.00 15.08 ? 7   DG  C "O4'" 1 
ATOM   775 C  "C3'" . DG  C 3 7  ? -20.336 0.634   7.946   1.00 17.18 ? 7   DG  C "C3'" 1 
ATOM   776 O  "O3'" . DG  C 3 7  ? -20.895 1.915   8.237   1.00 17.34 ? 7   DG  C "O3'" 1 
ATOM   777 C  "C2'" . DG  C 3 7  ? -19.497 0.610   6.663   1.00 11.43 ? 7   DG  C "C2'" 1 
ATOM   778 C  "C1'" . DG  C 3 7  ? -18.119 1.086   7.135   1.00 7.27  ? 7   DG  C "C1'" 1 
ATOM   779 N  N9    . DG  C 3 7  ? -16.989 0.464   6.437   1.00 9.98  ? 7   DG  C N9    1 
ATOM   780 C  C8    . DG  C 3 7  ? -16.814 -0.887  6.217   1.00 5.94  ? 7   DG  C C8    1 
ATOM   781 N  N7    . DG  C 3 7  ? -15.688 -1.170  5.620   1.00 13.27 ? 7   DG  C N7    1 
ATOM   782 C  C5    . DG  C 3 7  ? -15.029 0.052   5.513   1.00 5.10  ? 7   DG  C C5    1 
ATOM   783 C  C6    . DG  C 3 7  ? -13.781 0.366   4.929   1.00 5.79  ? 7   DG  C C6    1 
ATOM   784 O  O6    . DG  C 3 7  ? -12.933 -0.408  4.432   1.00 6.81  ? 7   DG  C O6    1 
ATOM   785 N  N1    . DG  C 3 7  ? -13.511 1.733   5.000   1.00 3.90  ? 7   DG  C N1    1 
ATOM   786 C  C2    . DG  C 3 7  ? -14.379 2.682   5.474   1.00 11.19 ? 7   DG  C C2    1 
ATOM   787 N  N2    . DG  C 3 7  ? -13.944 3.952   5.434   1.00 12.74 ? 7   DG  C N2    1 
ATOM   788 N  N3    . DG  C 3 7  ? -15.536 2.396   6.056   1.00 8.80  ? 7   DG  C N3    1 
ATOM   789 C  C4    . DG  C 3 7  ? -15.819 1.071   6.002   1.00 9.45  ? 7   DG  C C4    1 
ATOM   790 P  P     . DT  C 3 8  ? -21.923 2.637   7.248   1.00 21.79 ? 8   DT  C P     1 
ATOM   791 O  OP1   . DT  C 3 8  ? -22.616 3.679   8.041   1.00 20.07 ? 8   DT  C OP1   1 
ATOM   792 O  OP2   . DT  C 3 8  ? -22.699 1.599   6.537   1.00 22.36 ? 8   DT  C OP2   1 
ATOM   793 O  "O5'" . DT  C 3 8  ? -20.993 3.358   6.166   1.00 16.87 ? 8   DT  C "O5'" 1 
ATOM   794 C  "C5'" . DT  C 3 8  ? -20.189 4.452   6.579   1.00 20.29 ? 8   DT  C "C5'" 1 
ATOM   795 C  "C4'" . DT  C 3 8  ? -19.332 4.953   5.433   1.00 19.64 ? 8   DT  C "C4'" 1 
ATOM   796 O  "O4'" . DT  C 3 8  ? -18.437 3.906   4.989   1.00 14.43 ? 8   DT  C "O4'" 1 
ATOM   797 C  "C3'" . DT  C 3 8  ? -20.092 5.378   4.184   1.00 19.27 ? 8   DT  C "C3'" 1 
ATOM   798 O  "O3'" . DT  C 3 8  ? -20.107 6.806   4.142   1.00 24.83 ? 8   DT  C "O3'" 1 
ATOM   799 C  "C2'" . DT  C 3 8  ? -19.307 4.754   3.017   1.00 14.57 ? 8   DT  C "C2'" 1 
ATOM   800 C  "C1'" . DT  C 3 8  ? -18.038 4.217   3.674   1.00 9.11  ? 8   DT  C "C1'" 1 
ATOM   801 N  N1    . DT  C 3 8  ? -17.491 2.946   3.113   1.00 9.28  ? 8   DT  C N1    1 
ATOM   802 C  C2    . DT  C 3 8  ? -16.204 2.917   2.625   1.00 11.11 ? 8   DT  C C2    1 
ATOM   803 O  O2    . DT  C 3 8  ? -15.538 3.923   2.447   1.00 14.45 ? 8   DT  C O2    1 
ATOM   804 N  N3    . DT  C 3 8  ? -15.761 1.672   2.248   1.00 6.90  ? 8   DT  C N3    1 
ATOM   805 C  C4    . DT  C 3 8  ? -16.462 0.477   2.321   1.00 13.06 ? 8   DT  C C4    1 
ATOM   806 O  O4    . DT  C 3 8  ? -15.984 -0.601  1.956   1.00 17.23 ? 8   DT  C O4    1 
ATOM   807 C  C5    . DT  C 3 8  ? -17.776 0.570   2.906   1.00 10.67 ? 8   DT  C C5    1 
ATOM   808 C  C7    . DT  C 3 8  ? -18.635 -0.659  3.048   1.00 8.75  ? 8   DT  C C7    1 
ATOM   809 C  C6    . DT  C 3 8  ? -18.214 1.781   3.274   1.00 7.83  ? 8   DT  C C6    1 
ATOM   810 P  P     . DT  C 3 9  ? -20.916 7.589   3.007   1.00 24.73 ? 9   DT  C P     1 
ATOM   811 O  OP1   . DT  C 3 9  ? -21.135 8.970   3.492   1.00 23.84 ? 9   DT  C OP1   1 
ATOM   812 O  OP2   . DT  C 3 9  ? -22.051 6.730   2.609   1.00 22.73 ? 9   DT  C OP2   1 
ATOM   813 O  "O5'" . DT  C 3 9  ? -19.912 7.622   1.765   1.00 25.38 ? 9   DT  C "O5'" 1 
ATOM   814 C  "C5'" . DT  C 3 9  ? -18.712 8.389   1.791   1.00 22.60 ? 9   DT  C "C5'" 1 
ATOM   815 C  "C4'" . DT  C 3 9  ? -18.056 8.332   0.418   1.00 21.70 ? 9   DT  C "C4'" 1 
ATOM   816 O  "O4'" . DT  C 3 9  ? -17.388 7.050   0.262   1.00 16.82 ? 9   DT  C "O4'" 1 
ATOM   817 C  "C3'" . DT  C 3 9  ? -19.026 8.421   -0.759  1.00 23.51 ? 9   DT  C "C3'" 1 
ATOM   818 O  "O3'" . DT  C 3 9  ? -18.397 9.049   -1.867  1.00 28.04 ? 9   DT  C "O3'" 1 
ATOM   819 C  "C2'" . DT  C 3 9  ? -19.293 6.952   -1.075  1.00 21.53 ? 9   DT  C "C2'" 1 
ATOM   820 C  "C1'" . DT  C 3 9  ? -17.874 6.425   -0.904  1.00 15.83 ? 9   DT  C "C1'" 1 
ATOM   821 N  N1    . DT  C 3 9  ? -17.760 4.954   -0.779  1.00 13.71 ? 9   DT  C N1    1 
ATOM   822 C  C2    . DT  C 3 9  ? -16.586 4.355   -1.188  1.00 7.95  ? 9   DT  C C2    1 
ATOM   823 O  O2    . DT  C 3 9  ? -15.593 4.988   -1.499  1.00 12.18 ? 9   DT  C O2    1 
ATOM   824 N  N3    . DT  C 3 9  ? -16.582 2.988   -1.100  1.00 2.00  ? 9   DT  C N3    1 
ATOM   825 C  C4    . DT  C 3 9  ? -17.648 2.185   -0.727  1.00 9.07  ? 9   DT  C C4    1 
ATOM   826 O  O4    . DT  C 3 9  ? -17.568 0.960   -0.697  1.00 12.29 ? 9   DT  C O4    1 
ATOM   827 C  C5    . DT  C 3 9  ? -18.872 2.871   -0.398  1.00 7.00  ? 9   DT  C C5    1 
ATOM   828 C  C7    . DT  C 3 9  ? -20.095 2.090   -0.005  1.00 9.90  ? 9   DT  C C7    1 
ATOM   829 C  C6    . DT  C 3 9  ? -18.878 4.209   -0.457  1.00 11.12 ? 9   DT  C C6    1 
ATOM   830 P  P     . DG  C 3 10 ? -18.736 10.572  -2.196  1.00 28.35 ? 10  DG  C P     1 
ATOM   831 O  OP1   . DG  C 3 10 ? -18.632 11.292  -0.904  1.00 29.65 ? 10  DG  C OP1   1 
ATOM   832 O  OP2   . DG  C 3 10 ? -19.976 10.608  -3.003  1.00 24.17 ? 10  DG  C OP2   1 
ATOM   833 O  "O5'" . DG  C 3 10 ? -17.520 11.016  -3.133  1.00 27.88 ? 10  DG  C "O5'" 1 
ATOM   834 C  "C5'" . DG  C 3 10 ? -16.208 11.055  -2.572  1.00 27.97 ? 10  DG  C "C5'" 1 
ATOM   835 C  "C4'" . DG  C 3 10 ? -15.185 10.534  -3.560  1.00 23.48 ? 10  DG  C "C4'" 1 
ATOM   836 O  "O4'" . DG  C 3 10 ? -15.273 9.091   -3.677  1.00 21.95 ? 10  DG  C "O4'" 1 
ATOM   837 C  "C3'" . DG  C 3 10 ? -15.329 11.065  -4.976  1.00 24.43 ? 10  DG  C "C3'" 1 
ATOM   838 O  "O3'" . DG  C 3 10 ? -14.035 11.176  -5.532  1.00 26.91 ? 10  DG  C "O3'" 1 
ATOM   839 C  "C2'" . DG  C 3 10 ? -16.142 9.980   -5.675  1.00 20.81 ? 10  DG  C "C2'" 1 
ATOM   840 C  "C1'" . DG  C 3 10 ? -15.599 8.719   -5.008  1.00 19.80 ? 10  DG  C "C1'" 1 
ATOM   841 N  N9    . DG  C 3 10 ? -16.561 7.628   -4.910  1.00 18.53 ? 10  DG  C N9    1 
ATOM   842 C  C8    . DG  C 3 10 ? -17.900 7.736   -4.615  1.00 17.00 ? 10  DG  C C8    1 
ATOM   843 N  N7    . DG  C 3 10 ? -18.481 6.585   -4.402  1.00 19.63 ? 10  DG  C N7    1 
ATOM   844 C  C5    . DG  C 3 10 ? -17.462 5.653   -4.571  1.00 17.70 ? 10  DG  C C5    1 
ATOM   845 C  C6    . DG  C 3 10 ? -17.493 4.238   -4.499  1.00 14.47 ? 10  DG  C C6    1 
ATOM   846 O  O6    . DG  C 3 10 ? -18.460 3.506   -4.247  1.00 13.93 ? 10  DG  C O6    1 
ATOM   847 N  N1    . DG  C 3 10 ? -16.247 3.676   -4.776  1.00 9.99  ? 10  DG  C N1    1 
ATOM   848 C  C2    . DG  C 3 10 ? -15.105 4.400   -5.026  1.00 13.87 ? 10  DG  C C2    1 
ATOM   849 N  N2    . DG  C 3 10 ? -13.986 3.698   -5.270  1.00 13.13 ? 10  DG  C N2    1 
ATOM   850 N  N3    . DG  C 3 10 ? -15.067 5.724   -5.095  1.00 16.30 ? 10  DG  C N3    1 
ATOM   851 C  C4    . DG  C 3 10 ? -16.271 6.283   -4.850  1.00 16.75 ? 10  DG  C C4    1 
ATOM   852 P  P     . DG  C 3 11 ? -13.825 12.001  -6.876  1.00 31.40 ? 11  DG  C P     1 
ATOM   853 O  OP1   . DG  C 3 11 ? -12.629 12.853  -6.675  1.00 29.22 ? 11  DG  C OP1   1 
ATOM   854 O  OP2   . DG  C 3 11 ? -15.125 12.597  -7.269  1.00 30.20 ? 11  DG  C OP2   1 
ATOM   855 O  "O5'" . DG  C 3 11 ? -13.485 10.847  -7.929  1.00 32.22 ? 11  DG  C "O5'" 1 
ATOM   856 C  "C5'" . DG  C 3 11 ? -12.528 9.860   -7.587  1.00 29.39 ? 11  DG  C "C5'" 1 
ATOM   857 C  "C4'" . DG  C 3 11 ? -12.663 8.668   -8.511  1.00 26.86 ? 11  DG  C "C4'" 1 
ATOM   858 O  "O4'" . DG  C 3 11 ? -13.712 7.807   -8.018  1.00 23.90 ? 11  DG  C "O4'" 1 
ATOM   859 C  "C3'" . DG  C 3 11 ? -13.023 9.008   -9.950  1.00 26.75 ? 11  DG  C "C3'" 1 
ATOM   860 O  "O3'" . DG  C 3 11 ? -12.033 8.443   -10.808 1.00 30.71 ? 11  DG  C "O3'" 1 
ATOM   861 C  "C2'" . DG  C 3 11 ? -14.407 8.384   -10.139 1.00 24.31 ? 11  DG  C "C2'" 1 
ATOM   862 C  "C1'" . DG  C 3 11 ? -14.402 7.261   -9.113  1.00 19.21 ? 11  DG  C "C1'" 1 
ATOM   863 N  N9    . DG  C 3 11 ? -15.730 6.852   -8.657  1.00 15.60 ? 11  DG  C N9    1 
ATOM   864 C  C8    . DG  C 3 11 ? -16.806 7.671   -8.397  1.00 15.89 ? 11  DG  C C8    1 
ATOM   865 N  N7    . DG  C 3 11 ? -17.885 7.024   -8.042  1.00 17.79 ? 11  DG  C N7    1 
ATOM   866 C  C5    . DG  C 3 11 ? -17.486 5.691   -8.031  1.00 13.62 ? 11  DG  C C5    1 
ATOM   867 C  C6    . DG  C 3 11 ? -18.229 4.524   -7.728  1.00 10.32 ? 11  DG  C C6    1 
ATOM   868 O  O6    . DG  C 3 11 ? -19.419 4.441   -7.405  1.00 8.15  ? 11  DG  C O6    1 
ATOM   869 N  N1    . DG  C 3 11 ? -17.476 3.366   -7.893  1.00 10.79 ? 11  DG  C N1    1 
ATOM   870 C  C2    . DG  C 3 11 ? -16.156 3.344   -8.290  1.00 11.47 ? 11  DG  C C2    1 
ATOM   871 N  N2    . DG  C 3 11 ? -15.599 2.130   -8.419  1.00 11.25 ? 11  DG  C N2    1 
ATOM   872 N  N3    . DG  C 3 11 ? -15.452 4.428   -8.603  1.00 10.12 ? 11  DG  C N3    1 
ATOM   873 C  C4    . DG  C 3 11 ? -16.176 5.565   -8.441  1.00 11.74 ? 11  DG  C C4    1 
ATOM   874 P  P     . DC  C 3 12 ? -12.028 8.687   -12.393 1.00 34.33 ? 12  DC  C P     1 
ATOM   875 O  OP1   . DC  C 3 12 ? -10.623 8.661   -12.856 1.00 37.15 ? 12  DC  C OP1   1 
ATOM   876 O  OP2   . DC  C 3 12 ? -12.873 9.862   -12.700 1.00 35.33 ? 12  DC  C OP2   1 
ATOM   877 O  "O5'" . DC  C 3 12 ? -12.755 7.369   -12.948 1.00 36.63 ? 12  DC  C "O5'" 1 
ATOM   878 C  "C5'" . DC  C 3 12 ? -12.084 6.114   -12.833 1.00 33.52 ? 12  DC  C "C5'" 1 
ATOM   879 C  "C4'" . DC  C 3 12 ? -13.041 4.939   -12.942 1.00 24.93 ? 12  DC  C "C4'" 1 
ATOM   880 O  "O4'" . DC  C 3 12 ? -14.120 5.083   -11.995 1.00 23.15 ? 12  DC  C "O4'" 1 
ATOM   881 C  "C3'" . DC  C 3 12 ? -13.752 4.794   -14.274 1.00 24.40 ? 12  DC  C "C3'" 1 
ATOM   882 O  "O3'" . DC  C 3 12 ? -12.956 4.017   -15.154 1.00 26.71 ? 12  DC  C "O3'" 1 
ATOM   883 C  "C2'" . DC  C 3 12 ? -15.047 4.063   -13.910 1.00 23.11 ? 12  DC  C "C2'" 1 
ATOM   884 C  "C1'" . DC  C 3 12 ? -15.145 4.198   -12.391 1.00 19.07 ? 12  DC  C "C1'" 1 
ATOM   885 N  N1    . DC  C 3 12 ? -16.436 4.756   -11.929 1.00 14.11 ? 12  DC  C N1    1 
ATOM   886 C  C2    . DC  C 3 12 ? -17.444 3.898   -11.470 1.00 14.21 ? 12  DC  C C2    1 
ATOM   887 O  O2    . DC  C 3 12 ? -17.240 2.677   -11.487 1.00 11.70 ? 12  DC  C O2    1 
ATOM   888 N  N3    . DC  C 3 12 ? -18.614 4.431   -11.030 1.00 14.19 ? 12  DC  C N3    1 
ATOM   889 C  C4    . DC  C 3 12 ? -18.785 5.759   -11.035 1.00 15.47 ? 12  DC  C C4    1 
ATOM   890 N  N4    . DC  C 3 12 ? -19.972 6.253   -10.660 1.00 8.52  ? 12  DC  C N4    1 
ATOM   891 C  C5    . DC  C 3 12 ? -17.772 6.644   -11.512 1.00 15.83 ? 12  DC  C C5    1 
ATOM   892 C  C6    . DC  C 3 12 ? -16.624 6.106   -11.943 1.00 15.23 ? 12  DC  C C6    1 
HETATM 893 ZN ZN    . ZN  D 4 .  ? 3.993   10.390  -1.612  1.00 7.03  ? 300 ZN  A ZN    1 
HETATM 894 ZN ZN    . ZN  E 4 .  ? 2.609   -5.080  -1.130  1.00 4.56  ? 301 ZN  A ZN    1 
HETATM 895 C  C1    . PEG F 5 .  ? 7.784   -1.592  5.970   1.00 36.23 ? 302 PEG A C1    1 
HETATM 896 O  O1    . PEG F 5 .  ? 8.824   -1.616  6.954   1.00 29.74 ? 302 PEG A O1    1 
HETATM 897 C  C2    . PEG F 5 .  ? 8.185   -0.711  4.785   1.00 40.42 ? 302 PEG A C2    1 
HETATM 898 O  O2    . PEG F 5 .  ? 9.190   -1.354  3.990   1.00 43.36 ? 302 PEG A O2    1 
HETATM 899 C  C3    . PEG F 5 .  ? 8.651   -2.279  3.045   1.00 36.29 ? 302 PEG A C3    1 
HETATM 900 C  C4    . PEG F 5 .  ? 9.372   -3.617  3.170   1.00 35.72 ? 302 PEG A C4    1 
HETATM 901 O  O4    . PEG F 5 .  ? 10.768  -3.400  3.413   1.00 31.22 ? 302 PEG A O4    1 
HETATM 902 O  O     . HOH G 6 .  ? 4.705   -6.726  5.634   1.00 9.93  ? 1   HOH A O     1 
HETATM 903 O  O     . HOH G 6 .  ? 1.582   -6.374  -9.523  1.00 22.42 ? 3   HOH A O     1 
HETATM 904 O  O     . HOH G 6 .  ? -6.486  3.826   5.974   1.00 14.52 ? 4   HOH A O     1 
HETATM 905 O  O     . HOH G 6 .  ? -3.116  -14.081 0.315   1.00 7.75  ? 5   HOH A O     1 
HETATM 906 O  O     . HOH G 6 .  ? -1.897  -1.315  -3.511  1.00 4.69  ? 6   HOH A O     1 
HETATM 907 O  O     . HOH G 6 .  ? -2.574  6.545   5.500   1.00 6.56  ? 7   HOH A O     1 
HETATM 908 O  O     . HOH G 6 .  ? -2.184  15.198  -4.913  1.00 12.43 ? 8   HOH A O     1 
HETATM 909 O  O     . HOH G 6 .  ? -0.683  6.917   0.992   1.00 13.31 ? 9   HOH A O     1 
HETATM 910 O  O     . HOH H 6 .  ? -3.838  2.337   2.798   1.00 8.84  ? 13  HOH B O     1 
HETATM 911 O  O     . HOH H 6 .  ? -2.202  5.768   2.964   1.00 12.95 ? 14  HOH B O     1 
# 
loop_
_pdbx_poly_seq_scheme.asym_id 
_pdbx_poly_seq_scheme.entity_id 
_pdbx_poly_seq_scheme.seq_id 
_pdbx_poly_seq_scheme.mon_id 
_pdbx_poly_seq_scheme.ndb_seq_num 
_pdbx_poly_seq_scheme.pdb_seq_num 
_pdbx_poly_seq_scheme.auth_seq_num 
_pdbx_poly_seq_scheme.pdb_mon_id 
_pdbx_poly_seq_scheme.auth_mon_id 
_pdbx_poly_seq_scheme.pdb_strand_id 
_pdbx_poly_seq_scheme.pdb_ins_code 
_pdbx_poly_seq_scheme.hetero 
A 1 1  MET 1  144 ?   ?   ?   A . n 
A 1 2  HIS 2  145 ?   ?   ?   A . n 
A 1 3  HIS 3  146 ?   ?   ?   A . n 
A 1 4  HIS 4  147 ?   ?   ?   A . n 
A 1 5  HIS 5  148 ?   ?   ?   A . n 
A 1 6  HIS 6  149 ?   ?   ?   A . n 
A 1 7  HIS 7  150 ?   ?   ?   A . n 
A 1 8  SER 8  151 ?   ?   ?   A . n 
A 1 9  SER 9  152 ?   ?   ?   A . n 
A 1 10 ARG 10 153 ?   ?   ?   A . n 
A 1 11 GLU 11 154 ?   ?   ?   A . n 
A 1 12 ASN 12 155 ?   ?   ?   A . n 
A 1 13 LEU 13 156 ?   ?   ?   A . n 
A 1 14 TYR 14 157 ?   ?   ?   A . n 
A 1 15 PHE 15 158 ?   ?   ?   A . n 
A 1 16 GLN 16 159 ?   ?   ?   A . n 
A 1 17 GLY 17 160 ?   ?   ?   A . n 
A 1 18 GLN 18 161 ?   ?   ?   A . n 
A 1 19 ILE 19 162 ?   ?   ?   A . n 
A 1 20 LYS 20 163 ?   ?   ?   A . n 
A 1 21 ARG 21 164 ?   ?   ?   A . n 
A 1 22 SER 22 165 ?   ?   ?   A . n 
A 1 23 ALA 23 166 166 ALA ALA A . n 
A 1 24 ARG 24 167 167 ARG ARG A . n 
A 1 25 MET 25 168 168 MET MET A . n 
A 1 26 CYS 26 169 169 CYS CYS A . n 
A 1 27 GLY 27 170 170 GLY GLY A . n 
A 1 28 GLU 28 171 171 GLU GLU A . n 
A 1 29 CYS 29 172 172 CYS CYS A . n 
A 1 30 GLU 30 173 173 GLU GLU A . n 
A 1 31 ALA 31 174 174 ALA ALA A . n 
A 1 32 CYS 32 175 175 CYS CYS A . n 
A 1 33 ARG 33 176 176 ARG ARG A . n 
A 1 34 ARG 34 177 177 ARG ARG A . n 
A 1 35 THR 35 178 178 THR THR A . n 
A 1 36 GLU 36 179 179 GLU GLU A . n 
A 1 37 ASP 37 180 180 ASP ASP A . n 
A 1 38 CYS 38 181 181 CYS CYS A . n 
A 1 39 GLY 39 182 182 GLY GLY A . n 
A 1 40 HIS 40 183 183 HIS HIS A . n 
A 1 41 CYS 41 184 184 CYS CYS A . n 
A 1 42 ASP 42 185 185 ASP ASP A . n 
A 1 43 PHE 43 186 186 PHE PHE A . n 
A 1 44 CYS 44 187 187 CYS CYS A . n 
A 1 45 ARG 45 188 188 ARG ARG A . n 
A 1 46 ASP 46 189 189 ASP ASP A . n 
A 1 47 MET 47 190 190 MET MET A . n 
A 1 48 LYS 48 191 191 LYS LYS A . n 
A 1 49 LYS 49 192 192 LYS LYS A . n 
A 1 50 PHE 50 193 193 PHE PHE A . n 
A 1 51 GLY 51 194 194 GLY GLY A . n 
A 1 52 GLY 52 195 195 GLY GLY A . n 
A 1 53 PRO 53 196 196 PRO PRO A . n 
A 1 54 ASN 54 197 197 ASN ASN A . n 
A 1 55 LYS 55 198 198 LYS LYS A . n 
A 1 56 ILE 56 199 199 ILE ILE A . n 
A 1 57 ARG 57 200 200 ARG ARG A . n 
A 1 58 GLN 58 201 201 GLN GLN A . n 
A 1 59 LYS 59 202 202 LYS LYS A . n 
A 1 60 CYS 60 203 203 CYS CYS A . n 
A 1 61 ARG 61 204 204 ARG ARG A . n 
A 1 62 LEU 62 205 205 LEU LEU A . n 
A 1 63 ARG 63 206 206 ARG ARG A . n 
A 1 64 GLN 64 207 207 GLN GLN A . n 
A 1 65 CYS 65 208 208 CYS CYS A . n 
A 1 66 GLN 66 209 209 GLN GLN A . n 
A 1 67 LEU 67 210 210 LEU LEU A . n 
A 1 68 ARG 68 211 211 ARG ARG A . n 
A 1 69 ALA 69 212 212 ALA ALA A . n 
A 1 70 ARG 70 213 213 ARG ARG A . n 
A 1 71 GLU 71 214 214 GLU GLU A . n 
A 1 72 SER 72 215 215 SER SER A . n 
A 1 73 TYR 73 216 216 TYR TYR A . n 
A 1 74 LYS 74 217 217 LYS LYS A . n 
A 1 75 TYR 75 218 ?   ?   ?   A . n 
A 1 76 PHE 76 219 ?   ?   ?   A . n 
A 1 77 PRO 77 220 ?   ?   ?   A . n 
A 1 78 SER 78 221 ?   ?   ?   A . n 
A 1 79 SER 79 222 ?   ?   ?   A . n 
B 2 1  DG  1  1   1   DG  DG  B . n 
B 2 2  DC  2  2   2   DC  DC  B . n 
B 2 3  DC  3  3   3   DC  DC  B . n 
B 2 4  DA  4  4   4   DA  DA  B . n 
B 2 5  DA  5  5   5   DA  DA  B . n 
B 2 6  DC  6  6   6   DC  DC  B . n 
B 2 7  DG  7  7   7   DG  DG  B . n 
B 2 8  DG  8  8   8   DG  DG  B . n 
B 2 9  DT  9  9   9   DT  DT  B . n 
B 2 10 DG  10 10  10  DG  DG  B . n 
B 2 11 DG  11 11  11  DG  DG  B . n 
B 2 12 DC  12 12  12  DC  DC  B . n 
C 3 1  DG  1  1   1   DG  DG  C . n 
C 3 2  DC  2  2   2   DC  DC  C . n 
C 3 3  DC  3  3   3   DC  DC  C . n 
C 3 4  DA  4  4   4   DA  DA  C . n 
C 3 5  DC  5  5   5   DC  DC  C . n 
C 3 6  DC  6  6   6   DC  DC  C . n 
C 3 7  DG  7  7   7   DG  DG  C . n 
C 3 8  DT  8  8   8   DT  DT  C . n 
C 3 9  DT  9  9   9   DT  DT  C . n 
C 3 10 DG  10 10  10  DG  DG  C . n 
C 3 11 DG  11 11  11  DG  DG  C . n 
C 3 12 DC  12 12  12  DC  DC  C . n 
# 
_pdbx_SG_project.id                    1 
_pdbx_SG_project.project_name          ? 
_pdbx_SG_project.full_name_of_center   'Structural Genomics Consortium' 
_pdbx_SG_project.initial_of_center     SGC 
# 
loop_
_pdbx_nonpoly_scheme.asym_id 
_pdbx_nonpoly_scheme.entity_id 
_pdbx_nonpoly_scheme.mon_id 
_pdbx_nonpoly_scheme.ndb_seq_num 
_pdbx_nonpoly_scheme.pdb_seq_num 
_pdbx_nonpoly_scheme.auth_seq_num 
_pdbx_nonpoly_scheme.pdb_mon_id 
_pdbx_nonpoly_scheme.auth_mon_id 
_pdbx_nonpoly_scheme.pdb_strand_id 
_pdbx_nonpoly_scheme.pdb_ins_code 
D 4 ZN  1 300 300 ZN  ZN  A . 
E 4 ZN  1 301 301 ZN  ZN  A . 
F 5 PEG 1 302 302 PEG PEG A . 
G 6 HOH 1 1   1   HOH HOH A . 
G 6 HOH 2 3   3   HOH HOH A . 
G 6 HOH 3 4   4   HOH HOH A . 
G 6 HOH 4 5   5   HOH HOH A . 
G 6 HOH 5 6   6   HOH HOH A . 
G 6 HOH 6 7   7   HOH HOH A . 
G 6 HOH 7 8   8   HOH HOH A . 
G 6 HOH 8 9   9   HOH HOH A . 
H 6 HOH 1 13  2   HOH HOH B . 
H 6 HOH 2 14  10  HOH HOH B . 
# 
_pdbx_struct_assembly.id                   1 
_pdbx_struct_assembly.details              author_and_software_defined_assembly 
_pdbx_struct_assembly.method_details       PISA 
_pdbx_struct_assembly.oligomeric_details   trimeric 
_pdbx_struct_assembly.oligomeric_count     3 
# 
_pdbx_struct_assembly_gen.assembly_id       1 
_pdbx_struct_assembly_gen.oper_expression   1 
_pdbx_struct_assembly_gen.asym_id_list      A,B,C,D,E,F,G,H 
# 
loop_
_pdbx_struct_assembly_prop.biol_id 
_pdbx_struct_assembly_prop.type 
_pdbx_struct_assembly_prop.value 
_pdbx_struct_assembly_prop.details 
1 'ABSA (A^2)' 2440 ? 
1 MORE         -15  ? 
1 'SSA (A^2)'  7160 ? 
# 
_pdbx_struct_oper_list.id                   1 
_pdbx_struct_oper_list.type                 'identity operation' 
_pdbx_struct_oper_list.name                 1_555 
_pdbx_struct_oper_list.symmetry_operation   x,y,z 
_pdbx_struct_oper_list.matrix[1][1]         1.0000000000 
_pdbx_struct_oper_list.matrix[1][2]         0.0000000000 
_pdbx_struct_oper_list.matrix[1][3]         0.0000000000 
_pdbx_struct_oper_list.vector[1]            0.0000000000 
_pdbx_struct_oper_list.matrix[2][1]         0.0000000000 
_pdbx_struct_oper_list.matrix[2][2]         1.0000000000 
_pdbx_struct_oper_list.matrix[2][3]         0.0000000000 
_pdbx_struct_oper_list.vector[2]            0.0000000000 
_pdbx_struct_oper_list.matrix[3][1]         0.0000000000 
_pdbx_struct_oper_list.matrix[3][2]         0.0000000000 
_pdbx_struct_oper_list.matrix[3][3]         1.0000000000 
_pdbx_struct_oper_list.vector[3]            0.0000000000 
# 
loop_
_pdbx_struct_conn_angle.id 
_pdbx_struct_conn_angle.ptnr1_label_atom_id 
_pdbx_struct_conn_angle.ptnr1_label_alt_id 
_pdbx_struct_conn_angle.ptnr1_label_asym_id 
_pdbx_struct_conn_angle.ptnr1_label_comp_id 
_pdbx_struct_conn_angle.ptnr1_label_seq_id 
_pdbx_struct_conn_angle.ptnr1_auth_atom_id 
_pdbx_struct_conn_angle.ptnr1_auth_asym_id 
_pdbx_struct_conn_angle.ptnr1_auth_comp_id 
_pdbx_struct_conn_angle.ptnr1_auth_seq_id 
_pdbx_struct_conn_angle.ptnr1_PDB_ins_code 
_pdbx_struct_conn_angle.ptnr1_symmetry 
_pdbx_struct_conn_angle.ptnr2_label_atom_id 
_pdbx_struct_conn_angle.ptnr2_label_alt_id 
_pdbx_struct_conn_angle.ptnr2_label_asym_id 
_pdbx_struct_conn_angle.ptnr2_label_comp_id 
_pdbx_struct_conn_angle.ptnr2_label_seq_id 
_pdbx_struct_conn_angle.ptnr2_auth_atom_id 
_pdbx_struct_conn_angle.ptnr2_auth_asym_id 
_pdbx_struct_conn_angle.ptnr2_auth_comp_id 
_pdbx_struct_conn_angle.ptnr2_auth_seq_id 
_pdbx_struct_conn_angle.ptnr2_PDB_ins_code 
_pdbx_struct_conn_angle.ptnr2_symmetry 
_pdbx_struct_conn_angle.ptnr3_label_atom_id 
_pdbx_struct_conn_angle.ptnr3_label_alt_id 
_pdbx_struct_conn_angle.ptnr3_label_asym_id 
_pdbx_struct_conn_angle.ptnr3_label_comp_id 
_pdbx_struct_conn_angle.ptnr3_label_seq_id 
_pdbx_struct_conn_angle.ptnr3_auth_atom_id 
_pdbx_struct_conn_angle.ptnr3_auth_asym_id 
_pdbx_struct_conn_angle.ptnr3_auth_comp_id 
_pdbx_struct_conn_angle.ptnr3_auth_seq_id 
_pdbx_struct_conn_angle.ptnr3_PDB_ins_code 
_pdbx_struct_conn_angle.ptnr3_symmetry 
_pdbx_struct_conn_angle.value 
_pdbx_struct_conn_angle.value_esd 
1  SG ? A CYS 26 ? A CYS 169 ? 1_555 ZN ? D ZN . ? A ZN 300 ? 1_555 SG ? A CYS 29 ? A CYS 172 ? 1_555 110.8 ? 
2  SG ? A CYS 26 ? A CYS 169 ? 1_555 ZN ? D ZN . ? A ZN 300 ? 1_555 SG ? A CYS 32 ? A CYS 175 ? 1_555 115.4 ? 
3  SG ? A CYS 29 ? A CYS 172 ? 1_555 ZN ? D ZN . ? A ZN 300 ? 1_555 SG ? A CYS 32 ? A CYS 175 ? 1_555 103.8 ? 
4  SG ? A CYS 26 ? A CYS 169 ? 1_555 ZN ? D ZN . ? A ZN 300 ? 1_555 SG ? A CYS 65 ? A CYS 208 ? 1_555 103.6 ? 
5  SG ? A CYS 29 ? A CYS 172 ? 1_555 ZN ? D ZN . ? A ZN 300 ? 1_555 SG ? A CYS 65 ? A CYS 208 ? 1_555 120.6 ? 
6  SG ? A CYS 32 ? A CYS 175 ? 1_555 ZN ? D ZN . ? A ZN 300 ? 1_555 SG ? A CYS 65 ? A CYS 208 ? 1_555 102.9 ? 
7  SG ? A CYS 38 ? A CYS 181 ? 1_555 ZN ? E ZN . ? A ZN 301 ? 1_555 SG ? A CYS 41 ? A CYS 184 ? 1_555 108.0 ? 
8  SG ? A CYS 38 ? A CYS 181 ? 1_555 ZN ? E ZN . ? A ZN 301 ? 1_555 SG ? A CYS 44 ? A CYS 187 ? 1_555 118.5 ? 
9  SG ? A CYS 41 ? A CYS 184 ? 1_555 ZN ? E ZN . ? A ZN 301 ? 1_555 SG ? A CYS 44 ? A CYS 187 ? 1_555 105.7 ? 
10 SG ? A CYS 38 ? A CYS 181 ? 1_555 ZN ? E ZN . ? A ZN 301 ? 1_555 SG ? A CYS 60 ? A CYS 203 ? 1_555 103.5 ? 
11 SG ? A CYS 41 ? A CYS 184 ? 1_555 ZN ? E ZN . ? A ZN 301 ? 1_555 SG ? A CYS 60 ? A CYS 203 ? 1_555 119.5 ? 
12 SG ? A CYS 44 ? A CYS 187 ? 1_555 ZN ? E ZN . ? A ZN 301 ? 1_555 SG ? A CYS 60 ? A CYS 203 ? 1_555 102.4 ? 
# 
loop_
_pdbx_audit_revision_history.ordinal 
_pdbx_audit_revision_history.data_content_type 
_pdbx_audit_revision_history.major_revision 
_pdbx_audit_revision_history.minor_revision 
_pdbx_audit_revision_history.revision_date 
1 'Structure model' 1 0 2011-02-23 
2 'Structure model' 1 1 2011-07-13 
3 'Structure model' 1 2 2023-09-13 
# 
_pdbx_audit_revision_details.ordinal             1 
_pdbx_audit_revision_details.revision_ordinal    1 
_pdbx_audit_revision_details.data_content_type   'Structure model' 
_pdbx_audit_revision_details.provider            repository 
_pdbx_audit_revision_details.type                'Initial release' 
_pdbx_audit_revision_details.description         ? 
_pdbx_audit_revision_details.details             ? 
# 
loop_
_pdbx_audit_revision_group.ordinal 
_pdbx_audit_revision_group.revision_ordinal 
_pdbx_audit_revision_group.data_content_type 
_pdbx_audit_revision_group.group 
1 2 'Structure model' 'Version format compliance' 
2 3 'Structure model' 'Data collection'           
3 3 'Structure model' 'Database references'       
4 3 'Structure model' 'Derived calculations'      
5 3 'Structure model' 'Refinement description'    
# 
loop_
_pdbx_audit_revision_category.ordinal 
_pdbx_audit_revision_category.revision_ordinal 
_pdbx_audit_revision_category.data_content_type 
_pdbx_audit_revision_category.category 
1 3 'Structure model' chem_comp_atom                
2 3 'Structure model' chem_comp_bond                
3 3 'Structure model' database_2                    
4 3 'Structure model' pdbx_initial_refinement_model 
5 3 'Structure model' pdbx_struct_conn_angle        
6 3 'Structure model' struct_conn                   
7 3 'Structure model' struct_ref_seq_dif            
8 3 'Structure model' struct_site                   
# 
loop_
_pdbx_audit_revision_item.ordinal 
_pdbx_audit_revision_item.revision_ordinal 
_pdbx_audit_revision_item.data_content_type 
_pdbx_audit_revision_item.item 
1  3 'Structure model' '_database_2.pdbx_DOI'                       
2  3 'Structure model' '_database_2.pdbx_database_accession'        
3  3 'Structure model' '_pdbx_struct_conn_angle.ptnr1_auth_seq_id'  
4  3 'Structure model' '_pdbx_struct_conn_angle.ptnr1_label_seq_id' 
5  3 'Structure model' '_pdbx_struct_conn_angle.ptnr3_auth_seq_id'  
6  3 'Structure model' '_pdbx_struct_conn_angle.ptnr3_label_seq_id' 
7  3 'Structure model' '_pdbx_struct_conn_angle.value'              
8  3 'Structure model' '_struct_conn.pdbx_dist_value'               
9  3 'Structure model' '_struct_conn.ptnr1_auth_seq_id'             
10 3 'Structure model' '_struct_conn.ptnr1_label_seq_id'            
11 3 'Structure model' '_struct_conn.ptnr2_auth_seq_id'             
12 3 'Structure model' '_struct_conn.ptnr2_label_asym_id'           
13 3 'Structure model' '_struct_ref_seq_dif.details'                
14 3 'Structure model' '_struct_site.pdbx_auth_asym_id'             
15 3 'Structure model' '_struct_site.pdbx_auth_comp_id'             
16 3 'Structure model' '_struct_site.pdbx_auth_seq_id'              
# 
loop_
_pdbx_refine_tls.pdbx_refine_id 
_pdbx_refine_tls.id 
_pdbx_refine_tls.details 
_pdbx_refine_tls.method 
_pdbx_refine_tls.origin_x 
_pdbx_refine_tls.origin_y 
_pdbx_refine_tls.origin_z 
_pdbx_refine_tls.T[1][1] 
_pdbx_refine_tls.T[2][2] 
_pdbx_refine_tls.T[3][3] 
_pdbx_refine_tls.T[1][2] 
_pdbx_refine_tls.T[1][3] 
_pdbx_refine_tls.T[2][3] 
_pdbx_refine_tls.L[1][1] 
_pdbx_refine_tls.L[2][2] 
_pdbx_refine_tls.L[3][3] 
_pdbx_refine_tls.L[1][2] 
_pdbx_refine_tls.L[1][3] 
_pdbx_refine_tls.L[2][3] 
_pdbx_refine_tls.S[1][1] 
_pdbx_refine_tls.S[1][2] 
_pdbx_refine_tls.S[1][3] 
_pdbx_refine_tls.S[2][1] 
_pdbx_refine_tls.S[2][2] 
_pdbx_refine_tls.S[2][3] 
_pdbx_refine_tls.S[3][1] 
_pdbx_refine_tls.S[3][2] 
_pdbx_refine_tls.S[3][3] 
'X-RAY DIFFRACTION' 1 ? refined 0.1759   0.2653 0.3037 0.1660 0.2327 0.3231 -0.0093 0.0234  -0.1410 6.0932 3.6025 5.8580  -0.9399 -3.5477 2.1754  -0.1602 -0.3798 0.0231  0.1478 0.0529 -0.3201 0.2931  0.1403  0.1073  
'X-RAY DIFFRACTION' 2 ? refined -11.8194 1.9794 6.1320 0.2222 0.4378 0.1770 -0.0089 -0.0157 -0.1182 4.9373 2.4892 11.5195 0.2110  1.2227  -1.7726 0.1025  -0.1996 -0.2335 0.2244 0.1878 0.1700  -0.1649 0.2157  -0.2903 
'X-RAY DIFFRACTION' 3 ? refined -12.6364 0.8415 6.6468 0.2139 0.3900 0.2178 0.0131  -0.0147 -0.0928 6.1496 2.8627 6.6949  0.0671  3.2385  -0.1562 0.3191  -0.1039 -0.1287 0.1605 0.3710 0.0417  0.0728  -0.2482 -0.6901  
# 
loop_
_pdbx_refine_tls_group.pdbx_refine_id 
_pdbx_refine_tls_group.id 
_pdbx_refine_tls_group.refine_tls_id 
_pdbx_refine_tls_group.beg_auth_asym_id 
_pdbx_refine_tls_group.beg_auth_seq_id 
_pdbx_refine_tls_group.beg_label_asym_id 
_pdbx_refine_tls_group.beg_label_seq_id 
_pdbx_refine_tls_group.end_auth_asym_id 
_pdbx_refine_tls_group.end_auth_seq_id 
_pdbx_refine_tls_group.end_label_asym_id 
_pdbx_refine_tls_group.end_label_seq_id 
_pdbx_refine_tls_group.selection 
_pdbx_refine_tls_group.selection_details 
'X-RAY DIFFRACTION' 1 1 A -10 ? ? A 9999 ? ? ? ? 
'X-RAY DIFFRACTION' 2 2 C -10 ? ? C 9999 ? ? ? ? 
'X-RAY DIFFRACTION' 3 3 B -10 ? ? B 9999 ? ? ? ? 
# 
_software.name             REFMAC 
_software.classification   refinement 
_software.version          5.5.0102 
_software.citation_id      ? 
_software.pdbx_ordinal     1 
# 
loop_
_pdbx_validate_rmsd_angle.id 
_pdbx_validate_rmsd_angle.PDB_model_num 
_pdbx_validate_rmsd_angle.auth_atom_id_1 
_pdbx_validate_rmsd_angle.auth_asym_id_1 
_pdbx_validate_rmsd_angle.auth_comp_id_1 
_pdbx_validate_rmsd_angle.auth_seq_id_1 
_pdbx_validate_rmsd_angle.PDB_ins_code_1 
_pdbx_validate_rmsd_angle.label_alt_id_1 
_pdbx_validate_rmsd_angle.auth_atom_id_2 
_pdbx_validate_rmsd_angle.auth_asym_id_2 
_pdbx_validate_rmsd_angle.auth_comp_id_2 
_pdbx_validate_rmsd_angle.auth_seq_id_2 
_pdbx_validate_rmsd_angle.PDB_ins_code_2 
_pdbx_validate_rmsd_angle.label_alt_id_2 
_pdbx_validate_rmsd_angle.auth_atom_id_3 
_pdbx_validate_rmsd_angle.auth_asym_id_3 
_pdbx_validate_rmsd_angle.auth_comp_id_3 
_pdbx_validate_rmsd_angle.auth_seq_id_3 
_pdbx_validate_rmsd_angle.PDB_ins_code_3 
_pdbx_validate_rmsd_angle.label_alt_id_3 
_pdbx_validate_rmsd_angle.angle_value 
_pdbx_validate_rmsd_angle.angle_target_value 
_pdbx_validate_rmsd_angle.angle_deviation 
_pdbx_validate_rmsd_angle.angle_standard_deviation 
_pdbx_validate_rmsd_angle.linker_flag 
1 1 "O4'" B DA 5 ? ? "C1'" B DA 5 ? ? N9    B DA 5 ? ? 110.76 108.30 2.46  0.30 N 
2 1 "O4'" B DT 9 ? ? "C1'" B DT 9 ? ? N1    B DT 9 ? ? 110.11 108.30 1.81  0.30 N 
3 1 "C3'" C DC 3 ? ? "C2'" C DC 3 ? ? "C1'" C DC 3 ? ? 97.35  102.40 -5.05 0.80 N 
4 1 "C1'" C DC 5 ? ? "O4'" C DC 5 ? ? "C4'" C DC 5 ? ? 102.66 110.10 -7.44 1.00 N 
5 1 "O4'" C DC 5 ? ? "C1'" C DC 5 ? ? N1    C DC 5 ? ? 110.88 108.30 2.58  0.30 N 
6 1 "C3'" C DC 6 ? ? "C2'" C DC 6 ? ? "C1'" C DC 6 ? ? 97.56  102.40 -4.84 0.80 N 
7 1 "O4'" C DT 9 ? ? "C1'" C DT 9 ? ? N1    C DT 9 ? ? 110.15 108.30 1.85  0.30 N 
# 
loop_
_pdbx_validate_torsion.id 
_pdbx_validate_torsion.PDB_model_num 
_pdbx_validate_torsion.auth_comp_id 
_pdbx_validate_torsion.auth_asym_id 
_pdbx_validate_torsion.auth_seq_id 
_pdbx_validate_torsion.PDB_ins_code 
_pdbx_validate_torsion.label_alt_id 
_pdbx_validate_torsion.phi 
_pdbx_validate_torsion.psi 
1 1 ARG A 200 ? ? 72.52  45.85  
2 1 ARG A 213 ? ? -38.90 137.58 
# 
loop_
_pdbx_unobs_or_zero_occ_atoms.id 
_pdbx_unobs_or_zero_occ_atoms.PDB_model_num 
_pdbx_unobs_or_zero_occ_atoms.polymer_flag 
_pdbx_unobs_or_zero_occ_atoms.occupancy_flag 
_pdbx_unobs_or_zero_occ_atoms.auth_asym_id 
_pdbx_unobs_or_zero_occ_atoms.auth_comp_id 
_pdbx_unobs_or_zero_occ_atoms.auth_seq_id 
_pdbx_unobs_or_zero_occ_atoms.PDB_ins_code 
_pdbx_unobs_or_zero_occ_atoms.auth_atom_id 
_pdbx_unobs_or_zero_occ_atoms.label_alt_id 
_pdbx_unobs_or_zero_occ_atoms.label_asym_id 
_pdbx_unobs_or_zero_occ_atoms.label_comp_id 
_pdbx_unobs_or_zero_occ_atoms.label_seq_id 
_pdbx_unobs_or_zero_occ_atoms.label_atom_id 
1  1 Y 1 A GLU 173 ? CG  ? A GLU 30 CG  
2  1 Y 1 A GLU 173 ? CD  ? A GLU 30 CD  
3  1 Y 1 A GLU 173 ? OE1 ? A GLU 30 OE1 
4  1 Y 1 A GLU 173 ? OE2 ? A GLU 30 OE2 
5  1 Y 1 A LYS 191 ? CG  ? A LYS 48 CG  
6  1 Y 1 A LYS 191 ? CD  ? A LYS 48 CD  
7  1 Y 1 A LYS 191 ? CE  ? A LYS 48 CE  
8  1 Y 1 A LYS 191 ? NZ  ? A LYS 48 NZ  
9  1 Y 1 A LYS 198 ? CG  ? A LYS 55 CG  
10 1 Y 1 A LYS 198 ? CD  ? A LYS 55 CD  
11 1 Y 1 A LYS 198 ? CE  ? A LYS 55 CE  
12 1 Y 1 A LYS 198 ? NZ  ? A LYS 55 NZ  
13 1 Y 1 A GLU 214 ? CG  ? A GLU 71 CG  
14 1 Y 1 A GLU 214 ? CD  ? A GLU 71 CD  
15 1 Y 1 A GLU 214 ? OE1 ? A GLU 71 OE1 
16 1 Y 1 A GLU 214 ? OE2 ? A GLU 71 OE2 
# 
loop_
_pdbx_unobs_or_zero_occ_residues.id 
_pdbx_unobs_or_zero_occ_residues.PDB_model_num 
_pdbx_unobs_or_zero_occ_residues.polymer_flag 
_pdbx_unobs_or_zero_occ_residues.occupancy_flag 
_pdbx_unobs_or_zero_occ_residues.auth_asym_id 
_pdbx_unobs_or_zero_occ_residues.auth_comp_id 
_pdbx_unobs_or_zero_occ_residues.auth_seq_id 
_pdbx_unobs_or_zero_occ_residues.PDB_ins_code 
_pdbx_unobs_or_zero_occ_residues.label_asym_id 
_pdbx_unobs_or_zero_occ_residues.label_comp_id 
_pdbx_unobs_or_zero_occ_residues.label_seq_id 
1  1 Y 1 A MET 144 ? A MET 1  
2  1 Y 1 A HIS 145 ? A HIS 2  
3  1 Y 1 A HIS 146 ? A HIS 3  
4  1 Y 1 A HIS 147 ? A HIS 4  
5  1 Y 1 A HIS 148 ? A HIS 5  
6  1 Y 1 A HIS 149 ? A HIS 6  
7  1 Y 1 A HIS 150 ? A HIS 7  
8  1 Y 1 A SER 151 ? A SER 8  
9  1 Y 1 A SER 152 ? A SER 9  
10 1 Y 1 A ARG 153 ? A ARG 10 
11 1 Y 1 A GLU 154 ? A GLU 11 
12 1 Y 1 A ASN 155 ? A ASN 12 
13 1 Y 1 A LEU 156 ? A LEU 13 
14 1 Y 1 A TYR 157 ? A TYR 14 
15 1 Y 1 A PHE 158 ? A PHE 15 
16 1 Y 1 A GLN 159 ? A GLN 16 
17 1 Y 1 A GLY 160 ? A GLY 17 
18 1 Y 1 A GLN 161 ? A GLN 18 
19 1 Y 1 A ILE 162 ? A ILE 19 
20 1 Y 1 A LYS 163 ? A LYS 20 
21 1 Y 1 A ARG 164 ? A ARG 21 
22 1 Y 1 A SER 165 ? A SER 22 
23 1 Y 1 A TYR 218 ? A TYR 75 
24 1 Y 1 A PHE 219 ? A PHE 76 
25 1 Y 1 A PRO 220 ? A PRO 77 
26 1 Y 1 A SER 221 ? A SER 78 
27 1 Y 1 A SER 222 ? A SER 79 
# 
loop_
_chem_comp_atom.comp_id 
_chem_comp_atom.atom_id 
_chem_comp_atom.type_symbol 
_chem_comp_atom.pdbx_aromatic_flag 
_chem_comp_atom.pdbx_stereo_config 
_chem_comp_atom.pdbx_ordinal 
ALA N      N  N N 1   
ALA CA     C  N S 2   
ALA C      C  N N 3   
ALA O      O  N N 4   
ALA CB     C  N N 5   
ALA OXT    O  N N 6   
ALA H      H  N N 7   
ALA H2     H  N N 8   
ALA HA     H  N N 9   
ALA HB1    H  N N 10  
ALA HB2    H  N N 11  
ALA HB3    H  N N 12  
ALA HXT    H  N N 13  
ARG N      N  N N 14  
ARG CA     C  N S 15  
ARG C      C  N N 16  
ARG O      O  N N 17  
ARG CB     C  N N 18  
ARG CG     C  N N 19  
ARG CD     C  N N 20  
ARG NE     N  N N 21  
ARG CZ     C  N N 22  
ARG NH1    N  N N 23  
ARG NH2    N  N N 24  
ARG OXT    O  N N 25  
ARG H      H  N N 26  
ARG H2     H  N N 27  
ARG HA     H  N N 28  
ARG HB2    H  N N 29  
ARG HB3    H  N N 30  
ARG HG2    H  N N 31  
ARG HG3    H  N N 32  
ARG HD2    H  N N 33  
ARG HD3    H  N N 34  
ARG HE     H  N N 35  
ARG HH11   H  N N 36  
ARG HH12   H  N N 37  
ARG HH21   H  N N 38  
ARG HH22   H  N N 39  
ARG HXT    H  N N 40  
ASN N      N  N N 41  
ASN CA     C  N S 42  
ASN C      C  N N 43  
ASN O      O  N N 44  
ASN CB     C  N N 45  
ASN CG     C  N N 46  
ASN OD1    O  N N 47  
ASN ND2    N  N N 48  
ASN OXT    O  N N 49  
ASN H      H  N N 50  
ASN H2     H  N N 51  
ASN HA     H  N N 52  
ASN HB2    H  N N 53  
ASN HB3    H  N N 54  
ASN HD21   H  N N 55  
ASN HD22   H  N N 56  
ASN HXT    H  N N 57  
ASP N      N  N N 58  
ASP CA     C  N S 59  
ASP C      C  N N 60  
ASP O      O  N N 61  
ASP CB     C  N N 62  
ASP CG     C  N N 63  
ASP OD1    O  N N 64  
ASP OD2    O  N N 65  
ASP OXT    O  N N 66  
ASP H      H  N N 67  
ASP H2     H  N N 68  
ASP HA     H  N N 69  
ASP HB2    H  N N 70  
ASP HB3    H  N N 71  
ASP HD2    H  N N 72  
ASP HXT    H  N N 73  
CYS N      N  N N 74  
CYS CA     C  N R 75  
CYS C      C  N N 76  
CYS O      O  N N 77  
CYS CB     C  N N 78  
CYS SG     S  N N 79  
CYS OXT    O  N N 80  
CYS H      H  N N 81  
CYS H2     H  N N 82  
CYS HA     H  N N 83  
CYS HB2    H  N N 84  
CYS HB3    H  N N 85  
CYS HG     H  N N 86  
CYS HXT    H  N N 87  
DA  OP3    O  N N 88  
DA  P      P  N N 89  
DA  OP1    O  N N 90  
DA  OP2    O  N N 91  
DA  "O5'"  O  N N 92  
DA  "C5'"  C  N N 93  
DA  "C4'"  C  N R 94  
DA  "O4'"  O  N N 95  
DA  "C3'"  C  N S 96  
DA  "O3'"  O  N N 97  
DA  "C2'"  C  N N 98  
DA  "C1'"  C  N R 99  
DA  N9     N  Y N 100 
DA  C8     C  Y N 101 
DA  N7     N  Y N 102 
DA  C5     C  Y N 103 
DA  C6     C  Y N 104 
DA  N6     N  N N 105 
DA  N1     N  Y N 106 
DA  C2     C  Y N 107 
DA  N3     N  Y N 108 
DA  C4     C  Y N 109 
DA  HOP3   H  N N 110 
DA  HOP2   H  N N 111 
DA  "H5'"  H  N N 112 
DA  "H5''" H  N N 113 
DA  "H4'"  H  N N 114 
DA  "H3'"  H  N N 115 
DA  "HO3'" H  N N 116 
DA  "H2'"  H  N N 117 
DA  "H2''" H  N N 118 
DA  "H1'"  H  N N 119 
DA  H8     H  N N 120 
DA  H61    H  N N 121 
DA  H62    H  N N 122 
DA  H2     H  N N 123 
DC  OP3    O  N N 124 
DC  P      P  N N 125 
DC  OP1    O  N N 126 
DC  OP2    O  N N 127 
DC  "O5'"  O  N N 128 
DC  "C5'"  C  N N 129 
DC  "C4'"  C  N R 130 
DC  "O4'"  O  N N 131 
DC  "C3'"  C  N S 132 
DC  "O3'"  O  N N 133 
DC  "C2'"  C  N N 134 
DC  "C1'"  C  N R 135 
DC  N1     N  N N 136 
DC  C2     C  N N 137 
DC  O2     O  N N 138 
DC  N3     N  N N 139 
DC  C4     C  N N 140 
DC  N4     N  N N 141 
DC  C5     C  N N 142 
DC  C6     C  N N 143 
DC  HOP3   H  N N 144 
DC  HOP2   H  N N 145 
DC  "H5'"  H  N N 146 
DC  "H5''" H  N N 147 
DC  "H4'"  H  N N 148 
DC  "H3'"  H  N N 149 
DC  "HO3'" H  N N 150 
DC  "H2'"  H  N N 151 
DC  "H2''" H  N N 152 
DC  "H1'"  H  N N 153 
DC  H41    H  N N 154 
DC  H42    H  N N 155 
DC  H5     H  N N 156 
DC  H6     H  N N 157 
DG  OP3    O  N N 158 
DG  P      P  N N 159 
DG  OP1    O  N N 160 
DG  OP2    O  N N 161 
DG  "O5'"  O  N N 162 
DG  "C5'"  C  N N 163 
DG  "C4'"  C  N R 164 
DG  "O4'"  O  N N 165 
DG  "C3'"  C  N S 166 
DG  "O3'"  O  N N 167 
DG  "C2'"  C  N N 168 
DG  "C1'"  C  N R 169 
DG  N9     N  Y N 170 
DG  C8     C  Y N 171 
DG  N7     N  Y N 172 
DG  C5     C  Y N 173 
DG  C6     C  N N 174 
DG  O6     O  N N 175 
DG  N1     N  N N 176 
DG  C2     C  N N 177 
DG  N2     N  N N 178 
DG  N3     N  N N 179 
DG  C4     C  Y N 180 
DG  HOP3   H  N N 181 
DG  HOP2   H  N N 182 
DG  "H5'"  H  N N 183 
DG  "H5''" H  N N 184 
DG  "H4'"  H  N N 185 
DG  "H3'"  H  N N 186 
DG  "HO3'" H  N N 187 
DG  "H2'"  H  N N 188 
DG  "H2''" H  N N 189 
DG  "H1'"  H  N N 190 
DG  H8     H  N N 191 
DG  H1     H  N N 192 
DG  H21    H  N N 193 
DG  H22    H  N N 194 
DT  OP3    O  N N 195 
DT  P      P  N N 196 
DT  OP1    O  N N 197 
DT  OP2    O  N N 198 
DT  "O5'"  O  N N 199 
DT  "C5'"  C  N N 200 
DT  "C4'"  C  N R 201 
DT  "O4'"  O  N N 202 
DT  "C3'"  C  N S 203 
DT  "O3'"  O  N N 204 
DT  "C2'"  C  N N 205 
DT  "C1'"  C  N R 206 
DT  N1     N  N N 207 
DT  C2     C  N N 208 
DT  O2     O  N N 209 
DT  N3     N  N N 210 
DT  C4     C  N N 211 
DT  O4     O  N N 212 
DT  C5     C  N N 213 
DT  C7     C  N N 214 
DT  C6     C  N N 215 
DT  HOP3   H  N N 216 
DT  HOP2   H  N N 217 
DT  "H5'"  H  N N 218 
DT  "H5''" H  N N 219 
DT  "H4'"  H  N N 220 
DT  "H3'"  H  N N 221 
DT  "HO3'" H  N N 222 
DT  "H2'"  H  N N 223 
DT  "H2''" H  N N 224 
DT  "H1'"  H  N N 225 
DT  H3     H  N N 226 
DT  H71    H  N N 227 
DT  H72    H  N N 228 
DT  H73    H  N N 229 
DT  H6     H  N N 230 
GLN N      N  N N 231 
GLN CA     C  N S 232 
GLN C      C  N N 233 
GLN O      O  N N 234 
GLN CB     C  N N 235 
GLN CG     C  N N 236 
GLN CD     C  N N 237 
GLN OE1    O  N N 238 
GLN NE2    N  N N 239 
GLN OXT    O  N N 240 
GLN H      H  N N 241 
GLN H2     H  N N 242 
GLN HA     H  N N 243 
GLN HB2    H  N N 244 
GLN HB3    H  N N 245 
GLN HG2    H  N N 246 
GLN HG3    H  N N 247 
GLN HE21   H  N N 248 
GLN HE22   H  N N 249 
GLN HXT    H  N N 250 
GLU N      N  N N 251 
GLU CA     C  N S 252 
GLU C      C  N N 253 
GLU O      O  N N 254 
GLU CB     C  N N 255 
GLU CG     C  N N 256 
GLU CD     C  N N 257 
GLU OE1    O  N N 258 
GLU OE2    O  N N 259 
GLU OXT    O  N N 260 
GLU H      H  N N 261 
GLU H2     H  N N 262 
GLU HA     H  N N 263 
GLU HB2    H  N N 264 
GLU HB3    H  N N 265 
GLU HG2    H  N N 266 
GLU HG3    H  N N 267 
GLU HE2    H  N N 268 
GLU HXT    H  N N 269 
GLY N      N  N N 270 
GLY CA     C  N N 271 
GLY C      C  N N 272 
GLY O      O  N N 273 
GLY OXT    O  N N 274 
GLY H      H  N N 275 
GLY H2     H  N N 276 
GLY HA2    H  N N 277 
GLY HA3    H  N N 278 
GLY HXT    H  N N 279 
HIS N      N  N N 280 
HIS CA     C  N S 281 
HIS C      C  N N 282 
HIS O      O  N N 283 
HIS CB     C  N N 284 
HIS CG     C  Y N 285 
HIS ND1    N  Y N 286 
HIS CD2    C  Y N 287 
HIS CE1    C  Y N 288 
HIS NE2    N  Y N 289 
HIS OXT    O  N N 290 
HIS H      H  N N 291 
HIS H2     H  N N 292 
HIS HA     H  N N 293 
HIS HB2    H  N N 294 
HIS HB3    H  N N 295 
HIS HD1    H  N N 296 
HIS HD2    H  N N 297 
HIS HE1    H  N N 298 
HIS HE2    H  N N 299 
HIS HXT    H  N N 300 
HOH O      O  N N 301 
HOH H1     H  N N 302 
HOH H2     H  N N 303 
ILE N      N  N N 304 
ILE CA     C  N S 305 
ILE C      C  N N 306 
ILE O      O  N N 307 
ILE CB     C  N S 308 
ILE CG1    C  N N 309 
ILE CG2    C  N N 310 
ILE CD1    C  N N 311 
ILE OXT    O  N N 312 
ILE H      H  N N 313 
ILE H2     H  N N 314 
ILE HA     H  N N 315 
ILE HB     H  N N 316 
ILE HG12   H  N N 317 
ILE HG13   H  N N 318 
ILE HG21   H  N N 319 
ILE HG22   H  N N 320 
ILE HG23   H  N N 321 
ILE HD11   H  N N 322 
ILE HD12   H  N N 323 
ILE HD13   H  N N 324 
ILE HXT    H  N N 325 
LEU N      N  N N 326 
LEU CA     C  N S 327 
LEU C      C  N N 328 
LEU O      O  N N 329 
LEU CB     C  N N 330 
LEU CG     C  N N 331 
LEU CD1    C  N N 332 
LEU CD2    C  N N 333 
LEU OXT    O  N N 334 
LEU H      H  N N 335 
LEU H2     H  N N 336 
LEU HA     H  N N 337 
LEU HB2    H  N N 338 
LEU HB3    H  N N 339 
LEU HG     H  N N 340 
LEU HD11   H  N N 341 
LEU HD12   H  N N 342 
LEU HD13   H  N N 343 
LEU HD21   H  N N 344 
LEU HD22   H  N N 345 
LEU HD23   H  N N 346 
LEU HXT    H  N N 347 
LYS N      N  N N 348 
LYS CA     C  N S 349 
LYS C      C  N N 350 
LYS O      O  N N 351 
LYS CB     C  N N 352 
LYS CG     C  N N 353 
LYS CD     C  N N 354 
LYS CE     C  N N 355 
LYS NZ     N  N N 356 
LYS OXT    O  N N 357 
LYS H      H  N N 358 
LYS H2     H  N N 359 
LYS HA     H  N N 360 
LYS HB2    H  N N 361 
LYS HB3    H  N N 362 
LYS HG2    H  N N 363 
LYS HG3    H  N N 364 
LYS HD2    H  N N 365 
LYS HD3    H  N N 366 
LYS HE2    H  N N 367 
LYS HE3    H  N N 368 
LYS HZ1    H  N N 369 
LYS HZ2    H  N N 370 
LYS HZ3    H  N N 371 
LYS HXT    H  N N 372 
MET N      N  N N 373 
MET CA     C  N S 374 
MET C      C  N N 375 
MET O      O  N N 376 
MET CB     C  N N 377 
MET CG     C  N N 378 
MET SD     S  N N 379 
MET CE     C  N N 380 
MET OXT    O  N N 381 
MET H      H  N N 382 
MET H2     H  N N 383 
MET HA     H  N N 384 
MET HB2    H  N N 385 
MET HB3    H  N N 386 
MET HG2    H  N N 387 
MET HG3    H  N N 388 
MET HE1    H  N N 389 
MET HE2    H  N N 390 
MET HE3    H  N N 391 
MET HXT    H  N N 392 
PEG C1     C  N N 393 
PEG O1     O  N N 394 
PEG C2     C  N N 395 
PEG O2     O  N N 396 
PEG C3     C  N N 397 
PEG C4     C  N N 398 
PEG O4     O  N N 399 
PEG H11    H  N N 400 
PEG H12    H  N N 401 
PEG HO1    H  N N 402 
PEG H21    H  N N 403 
PEG H22    H  N N 404 
PEG H31    H  N N 405 
PEG H32    H  N N 406 
PEG H41    H  N N 407 
PEG H42    H  N N 408 
PEG HO4    H  N N 409 
PHE N      N  N N 410 
PHE CA     C  N S 411 
PHE C      C  N N 412 
PHE O      O  N N 413 
PHE CB     C  N N 414 
PHE CG     C  Y N 415 
PHE CD1    C  Y N 416 
PHE CD2    C  Y N 417 
PHE CE1    C  Y N 418 
PHE CE2    C  Y N 419 
PHE CZ     C  Y N 420 
PHE OXT    O  N N 421 
PHE H      H  N N 422 
PHE H2     H  N N 423 
PHE HA     H  N N 424 
PHE HB2    H  N N 425 
PHE HB3    H  N N 426 
PHE HD1    H  N N 427 
PHE HD2    H  N N 428 
PHE HE1    H  N N 429 
PHE HE2    H  N N 430 
PHE HZ     H  N N 431 
PHE HXT    H  N N 432 
PRO N      N  N N 433 
PRO CA     C  N S 434 
PRO C      C  N N 435 
PRO O      O  N N 436 
PRO CB     C  N N 437 
PRO CG     C  N N 438 
PRO CD     C  N N 439 
PRO OXT    O  N N 440 
PRO H      H  N N 441 
PRO HA     H  N N 442 
PRO HB2    H  N N 443 
PRO HB3    H  N N 444 
PRO HG2    H  N N 445 
PRO HG3    H  N N 446 
PRO HD2    H  N N 447 
PRO HD3    H  N N 448 
PRO HXT    H  N N 449 
SER N      N  N N 450 
SER CA     C  N S 451 
SER C      C  N N 452 
SER O      O  N N 453 
SER CB     C  N N 454 
SER OG     O  N N 455 
SER OXT    O  N N 456 
SER H      H  N N 457 
SER H2     H  N N 458 
SER HA     H  N N 459 
SER HB2    H  N N 460 
SER HB3    H  N N 461 
SER HG     H  N N 462 
SER HXT    H  N N 463 
THR N      N  N N 464 
THR CA     C  N S 465 
THR C      C  N N 466 
THR O      O  N N 467 
THR CB     C  N R 468 
THR OG1    O  N N 469 
THR CG2    C  N N 470 
THR OXT    O  N N 471 
THR H      H  N N 472 
THR H2     H  N N 473 
THR HA     H  N N 474 
THR HB     H  N N 475 
THR HG1    H  N N 476 
THR HG21   H  N N 477 
THR HG22   H  N N 478 
THR HG23   H  N N 479 
THR HXT    H  N N 480 
TYR N      N  N N 481 
TYR CA     C  N S 482 
TYR C      C  N N 483 
TYR O      O  N N 484 
TYR CB     C  N N 485 
TYR CG     C  Y N 486 
TYR CD1    C  Y N 487 
TYR CD2    C  Y N 488 
TYR CE1    C  Y N 489 
TYR CE2    C  Y N 490 
TYR CZ     C  Y N 491 
TYR OH     O  N N 492 
TYR OXT    O  N N 493 
TYR H      H  N N 494 
TYR H2     H  N N 495 
TYR HA     H  N N 496 
TYR HB2    H  N N 497 
TYR HB3    H  N N 498 
TYR HD1    H  N N 499 
TYR HD2    H  N N 500 
TYR HE1    H  N N 501 
TYR HE2    H  N N 502 
TYR HH     H  N N 503 
TYR HXT    H  N N 504 
ZN  ZN     ZN N N 505 
# 
loop_
_chem_comp_bond.comp_id 
_chem_comp_bond.atom_id_1 
_chem_comp_bond.atom_id_2 
_chem_comp_bond.value_order 
_chem_comp_bond.pdbx_aromatic_flag 
_chem_comp_bond.pdbx_stereo_config 
_chem_comp_bond.pdbx_ordinal 
ALA N     CA     sing N N 1   
ALA N     H      sing N N 2   
ALA N     H2     sing N N 3   
ALA CA    C      sing N N 4   
ALA CA    CB     sing N N 5   
ALA CA    HA     sing N N 6   
ALA C     O      doub N N 7   
ALA C     OXT    sing N N 8   
ALA CB    HB1    sing N N 9   
ALA CB    HB2    sing N N 10  
ALA CB    HB3    sing N N 11  
ALA OXT   HXT    sing N N 12  
ARG N     CA     sing N N 13  
ARG N     H      sing N N 14  
ARG N     H2     sing N N 15  
ARG CA    C      sing N N 16  
ARG CA    CB     sing N N 17  
ARG CA    HA     sing N N 18  
ARG C     O      doub N N 19  
ARG C     OXT    sing N N 20  
ARG CB    CG     sing N N 21  
ARG CB    HB2    sing N N 22  
ARG CB    HB3    sing N N 23  
ARG CG    CD     sing N N 24  
ARG CG    HG2    sing N N 25  
ARG CG    HG3    sing N N 26  
ARG CD    NE     sing N N 27  
ARG CD    HD2    sing N N 28  
ARG CD    HD3    sing N N 29  
ARG NE    CZ     sing N N 30  
ARG NE    HE     sing N N 31  
ARG CZ    NH1    sing N N 32  
ARG CZ    NH2    doub N N 33  
ARG NH1   HH11   sing N N 34  
ARG NH1   HH12   sing N N 35  
ARG NH2   HH21   sing N N 36  
ARG NH2   HH22   sing N N 37  
ARG OXT   HXT    sing N N 38  
ASN N     CA     sing N N 39  
ASN N     H      sing N N 40  
ASN N     H2     sing N N 41  
ASN CA    C      sing N N 42  
ASN CA    CB     sing N N 43  
ASN CA    HA     sing N N 44  
ASN C     O      doub N N 45  
ASN C     OXT    sing N N 46  
ASN CB    CG     sing N N 47  
ASN CB    HB2    sing N N 48  
ASN CB    HB3    sing N N 49  
ASN CG    OD1    doub N N 50  
ASN CG    ND2    sing N N 51  
ASN ND2   HD21   sing N N 52  
ASN ND2   HD22   sing N N 53  
ASN OXT   HXT    sing N N 54  
ASP N     CA     sing N N 55  
ASP N     H      sing N N 56  
ASP N     H2     sing N N 57  
ASP CA    C      sing N N 58  
ASP CA    CB     sing N N 59  
ASP CA    HA     sing N N 60  
ASP C     O      doub N N 61  
ASP C     OXT    sing N N 62  
ASP CB    CG     sing N N 63  
ASP CB    HB2    sing N N 64  
ASP CB    HB3    sing N N 65  
ASP CG    OD1    doub N N 66  
ASP CG    OD2    sing N N 67  
ASP OD2   HD2    sing N N 68  
ASP OXT   HXT    sing N N 69  
CYS N     CA     sing N N 70  
CYS N     H      sing N N 71  
CYS N     H2     sing N N 72  
CYS CA    C      sing N N 73  
CYS CA    CB     sing N N 74  
CYS CA    HA     sing N N 75  
CYS C     O      doub N N 76  
CYS C     OXT    sing N N 77  
CYS CB    SG     sing N N 78  
CYS CB    HB2    sing N N 79  
CYS CB    HB3    sing N N 80  
CYS SG    HG     sing N N 81  
CYS OXT   HXT    sing N N 82  
DA  OP3   P      sing N N 83  
DA  OP3   HOP3   sing N N 84  
DA  P     OP1    doub N N 85  
DA  P     OP2    sing N N 86  
DA  P     "O5'"  sing N N 87  
DA  OP2   HOP2   sing N N 88  
DA  "O5'" "C5'"  sing N N 89  
DA  "C5'" "C4'"  sing N N 90  
DA  "C5'" "H5'"  sing N N 91  
DA  "C5'" "H5''" sing N N 92  
DA  "C4'" "O4'"  sing N N 93  
DA  "C4'" "C3'"  sing N N 94  
DA  "C4'" "H4'"  sing N N 95  
DA  "O4'" "C1'"  sing N N 96  
DA  "C3'" "O3'"  sing N N 97  
DA  "C3'" "C2'"  sing N N 98  
DA  "C3'" "H3'"  sing N N 99  
DA  "O3'" "HO3'" sing N N 100 
DA  "C2'" "C1'"  sing N N 101 
DA  "C2'" "H2'"  sing N N 102 
DA  "C2'" "H2''" sing N N 103 
DA  "C1'" N9     sing N N 104 
DA  "C1'" "H1'"  sing N N 105 
DA  N9    C8     sing Y N 106 
DA  N9    C4     sing Y N 107 
DA  C8    N7     doub Y N 108 
DA  C8    H8     sing N N 109 
DA  N7    C5     sing Y N 110 
DA  C5    C6     sing Y N 111 
DA  C5    C4     doub Y N 112 
DA  C6    N6     sing N N 113 
DA  C6    N1     doub Y N 114 
DA  N6    H61    sing N N 115 
DA  N6    H62    sing N N 116 
DA  N1    C2     sing Y N 117 
DA  C2    N3     doub Y N 118 
DA  C2    H2     sing N N 119 
DA  N3    C4     sing Y N 120 
DC  OP3   P      sing N N 121 
DC  OP3   HOP3   sing N N 122 
DC  P     OP1    doub N N 123 
DC  P     OP2    sing N N 124 
DC  P     "O5'"  sing N N 125 
DC  OP2   HOP2   sing N N 126 
DC  "O5'" "C5'"  sing N N 127 
DC  "C5'" "C4'"  sing N N 128 
DC  "C5'" "H5'"  sing N N 129 
DC  "C5'" "H5''" sing N N 130 
DC  "C4'" "O4'"  sing N N 131 
DC  "C4'" "C3'"  sing N N 132 
DC  "C4'" "H4'"  sing N N 133 
DC  "O4'" "C1'"  sing N N 134 
DC  "C3'" "O3'"  sing N N 135 
DC  "C3'" "C2'"  sing N N 136 
DC  "C3'" "H3'"  sing N N 137 
DC  "O3'" "HO3'" sing N N 138 
DC  "C2'" "C1'"  sing N N 139 
DC  "C2'" "H2'"  sing N N 140 
DC  "C2'" "H2''" sing N N 141 
DC  "C1'" N1     sing N N 142 
DC  "C1'" "H1'"  sing N N 143 
DC  N1    C2     sing N N 144 
DC  N1    C6     sing N N 145 
DC  C2    O2     doub N N 146 
DC  C2    N3     sing N N 147 
DC  N3    C4     doub N N 148 
DC  C4    N4     sing N N 149 
DC  C4    C5     sing N N 150 
DC  N4    H41    sing N N 151 
DC  N4    H42    sing N N 152 
DC  C5    C6     doub N N 153 
DC  C5    H5     sing N N 154 
DC  C6    H6     sing N N 155 
DG  OP3   P      sing N N 156 
DG  OP3   HOP3   sing N N 157 
DG  P     OP1    doub N N 158 
DG  P     OP2    sing N N 159 
DG  P     "O5'"  sing N N 160 
DG  OP2   HOP2   sing N N 161 
DG  "O5'" "C5'"  sing N N 162 
DG  "C5'" "C4'"  sing N N 163 
DG  "C5'" "H5'"  sing N N 164 
DG  "C5'" "H5''" sing N N 165 
DG  "C4'" "O4'"  sing N N 166 
DG  "C4'" "C3'"  sing N N 167 
DG  "C4'" "H4'"  sing N N 168 
DG  "O4'" "C1'"  sing N N 169 
DG  "C3'" "O3'"  sing N N 170 
DG  "C3'" "C2'"  sing N N 171 
DG  "C3'" "H3'"  sing N N 172 
DG  "O3'" "HO3'" sing N N 173 
DG  "C2'" "C1'"  sing N N 174 
DG  "C2'" "H2'"  sing N N 175 
DG  "C2'" "H2''" sing N N 176 
DG  "C1'" N9     sing N N 177 
DG  "C1'" "H1'"  sing N N 178 
DG  N9    C8     sing Y N 179 
DG  N9    C4     sing Y N 180 
DG  C8    N7     doub Y N 181 
DG  C8    H8     sing N N 182 
DG  N7    C5     sing Y N 183 
DG  C5    C6     sing N N 184 
DG  C5    C4     doub Y N 185 
DG  C6    O6     doub N N 186 
DG  C6    N1     sing N N 187 
DG  N1    C2     sing N N 188 
DG  N1    H1     sing N N 189 
DG  C2    N2     sing N N 190 
DG  C2    N3     doub N N 191 
DG  N2    H21    sing N N 192 
DG  N2    H22    sing N N 193 
DG  N3    C4     sing N N 194 
DT  OP3   P      sing N N 195 
DT  OP3   HOP3   sing N N 196 
DT  P     OP1    doub N N 197 
DT  P     OP2    sing N N 198 
DT  P     "O5'"  sing N N 199 
DT  OP2   HOP2   sing N N 200 
DT  "O5'" "C5'"  sing N N 201 
DT  "C5'" "C4'"  sing N N 202 
DT  "C5'" "H5'"  sing N N 203 
DT  "C5'" "H5''" sing N N 204 
DT  "C4'" "O4'"  sing N N 205 
DT  "C4'" "C3'"  sing N N 206 
DT  "C4'" "H4'"  sing N N 207 
DT  "O4'" "C1'"  sing N N 208 
DT  "C3'" "O3'"  sing N N 209 
DT  "C3'" "C2'"  sing N N 210 
DT  "C3'" "H3'"  sing N N 211 
DT  "O3'" "HO3'" sing N N 212 
DT  "C2'" "C1'"  sing N N 213 
DT  "C2'" "H2'"  sing N N 214 
DT  "C2'" "H2''" sing N N 215 
DT  "C1'" N1     sing N N 216 
DT  "C1'" "H1'"  sing N N 217 
DT  N1    C2     sing N N 218 
DT  N1    C6     sing N N 219 
DT  C2    O2     doub N N 220 
DT  C2    N3     sing N N 221 
DT  N3    C4     sing N N 222 
DT  N3    H3     sing N N 223 
DT  C4    O4     doub N N 224 
DT  C4    C5     sing N N 225 
DT  C5    C7     sing N N 226 
DT  C5    C6     doub N N 227 
DT  C7    H71    sing N N 228 
DT  C7    H72    sing N N 229 
DT  C7    H73    sing N N 230 
DT  C6    H6     sing N N 231 
GLN N     CA     sing N N 232 
GLN N     H      sing N N 233 
GLN N     H2     sing N N 234 
GLN CA    C      sing N N 235 
GLN CA    CB     sing N N 236 
GLN CA    HA     sing N N 237 
GLN C     O      doub N N 238 
GLN C     OXT    sing N N 239 
GLN CB    CG     sing N N 240 
GLN CB    HB2    sing N N 241 
GLN CB    HB3    sing N N 242 
GLN CG    CD     sing N N 243 
GLN CG    HG2    sing N N 244 
GLN CG    HG3    sing N N 245 
GLN CD    OE1    doub N N 246 
GLN CD    NE2    sing N N 247 
GLN NE2   HE21   sing N N 248 
GLN NE2   HE22   sing N N 249 
GLN OXT   HXT    sing N N 250 
GLU N     CA     sing N N 251 
GLU N     H      sing N N 252 
GLU N     H2     sing N N 253 
GLU CA    C      sing N N 254 
GLU CA    CB     sing N N 255 
GLU CA    HA     sing N N 256 
GLU C     O      doub N N 257 
GLU C     OXT    sing N N 258 
GLU CB    CG     sing N N 259 
GLU CB    HB2    sing N N 260 
GLU CB    HB3    sing N N 261 
GLU CG    CD     sing N N 262 
GLU CG    HG2    sing N N 263 
GLU CG    HG3    sing N N 264 
GLU CD    OE1    doub N N 265 
GLU CD    OE2    sing N N 266 
GLU OE2   HE2    sing N N 267 
GLU OXT   HXT    sing N N 268 
GLY N     CA     sing N N 269 
GLY N     H      sing N N 270 
GLY N     H2     sing N N 271 
GLY CA    C      sing N N 272 
GLY CA    HA2    sing N N 273 
GLY CA    HA3    sing N N 274 
GLY C     O      doub N N 275 
GLY C     OXT    sing N N 276 
GLY OXT   HXT    sing N N 277 
HIS N     CA     sing N N 278 
HIS N     H      sing N N 279 
HIS N     H2     sing N N 280 
HIS CA    C      sing N N 281 
HIS CA    CB     sing N N 282 
HIS CA    HA     sing N N 283 
HIS C     O      doub N N 284 
HIS C     OXT    sing N N 285 
HIS CB    CG     sing N N 286 
HIS CB    HB2    sing N N 287 
HIS CB    HB3    sing N N 288 
HIS CG    ND1    sing Y N 289 
HIS CG    CD2    doub Y N 290 
HIS ND1   CE1    doub Y N 291 
HIS ND1   HD1    sing N N 292 
HIS CD2   NE2    sing Y N 293 
HIS CD2   HD2    sing N N 294 
HIS CE1   NE2    sing Y N 295 
HIS CE1   HE1    sing N N 296 
HIS NE2   HE2    sing N N 297 
HIS OXT   HXT    sing N N 298 
HOH O     H1     sing N N 299 
HOH O     H2     sing N N 300 
ILE N     CA     sing N N 301 
ILE N     H      sing N N 302 
ILE N     H2     sing N N 303 
ILE CA    C      sing N N 304 
ILE CA    CB     sing N N 305 
ILE CA    HA     sing N N 306 
ILE C     O      doub N N 307 
ILE C     OXT    sing N N 308 
ILE CB    CG1    sing N N 309 
ILE CB    CG2    sing N N 310 
ILE CB    HB     sing N N 311 
ILE CG1   CD1    sing N N 312 
ILE CG1   HG12   sing N N 313 
ILE CG1   HG13   sing N N 314 
ILE CG2   HG21   sing N N 315 
ILE CG2   HG22   sing N N 316 
ILE CG2   HG23   sing N N 317 
ILE CD1   HD11   sing N N 318 
ILE CD1   HD12   sing N N 319 
ILE CD1   HD13   sing N N 320 
ILE OXT   HXT    sing N N 321 
LEU N     CA     sing N N 322 
LEU N     H      sing N N 323 
LEU N     H2     sing N N 324 
LEU CA    C      sing N N 325 
LEU CA    CB     sing N N 326 
LEU CA    HA     sing N N 327 
LEU C     O      doub N N 328 
LEU C     OXT    sing N N 329 
LEU CB    CG     sing N N 330 
LEU CB    HB2    sing N N 331 
LEU CB    HB3    sing N N 332 
LEU CG    CD1    sing N N 333 
LEU CG    CD2    sing N N 334 
LEU CG    HG     sing N N 335 
LEU CD1   HD11   sing N N 336 
LEU CD1   HD12   sing N N 337 
LEU CD1   HD13   sing N N 338 
LEU CD2   HD21   sing N N 339 
LEU CD2   HD22   sing N N 340 
LEU CD2   HD23   sing N N 341 
LEU OXT   HXT    sing N N 342 
LYS N     CA     sing N N 343 
LYS N     H      sing N N 344 
LYS N     H2     sing N N 345 
LYS CA    C      sing N N 346 
LYS CA    CB     sing N N 347 
LYS CA    HA     sing N N 348 
LYS C     O      doub N N 349 
LYS C     OXT    sing N N 350 
LYS CB    CG     sing N N 351 
LYS CB    HB2    sing N N 352 
LYS CB    HB3    sing N N 353 
LYS CG    CD     sing N N 354 
LYS CG    HG2    sing N N 355 
LYS CG    HG3    sing N N 356 
LYS CD    CE     sing N N 357 
LYS CD    HD2    sing N N 358 
LYS CD    HD3    sing N N 359 
LYS CE    NZ     sing N N 360 
LYS CE    HE2    sing N N 361 
LYS CE    HE3    sing N N 362 
LYS NZ    HZ1    sing N N 363 
LYS NZ    HZ2    sing N N 364 
LYS NZ    HZ3    sing N N 365 
LYS OXT   HXT    sing N N 366 
MET N     CA     sing N N 367 
MET N     H      sing N N 368 
MET N     H2     sing N N 369 
MET CA    C      sing N N 370 
MET CA    CB     sing N N 371 
MET CA    HA     sing N N 372 
MET C     O      doub N N 373 
MET C     OXT    sing N N 374 
MET CB    CG     sing N N 375 
MET CB    HB2    sing N N 376 
MET CB    HB3    sing N N 377 
MET CG    SD     sing N N 378 
MET CG    HG2    sing N N 379 
MET CG    HG3    sing N N 380 
MET SD    CE     sing N N 381 
MET CE    HE1    sing N N 382 
MET CE    HE2    sing N N 383 
MET CE    HE3    sing N N 384 
MET OXT   HXT    sing N N 385 
PEG C1    O1     sing N N 386 
PEG C1    C2     sing N N 387 
PEG C1    H11    sing N N 388 
PEG C1    H12    sing N N 389 
PEG O1    HO1    sing N N 390 
PEG C2    O2     sing N N 391 
PEG C2    H21    sing N N 392 
PEG C2    H22    sing N N 393 
PEG O2    C3     sing N N 394 
PEG C3    C4     sing N N 395 
PEG C3    H31    sing N N 396 
PEG C3    H32    sing N N 397 
PEG C4    O4     sing N N 398 
PEG C4    H41    sing N N 399 
PEG C4    H42    sing N N 400 
PEG O4    HO4    sing N N 401 
PHE N     CA     sing N N 402 
PHE N     H      sing N N 403 
PHE N     H2     sing N N 404 
PHE CA    C      sing N N 405 
PHE CA    CB     sing N N 406 
PHE CA    HA     sing N N 407 
PHE C     O      doub N N 408 
PHE C     OXT    sing N N 409 
PHE CB    CG     sing N N 410 
PHE CB    HB2    sing N N 411 
PHE CB    HB3    sing N N 412 
PHE CG    CD1    doub Y N 413 
PHE CG    CD2    sing Y N 414 
PHE CD1   CE1    sing Y N 415 
PHE CD1   HD1    sing N N 416 
PHE CD2   CE2    doub Y N 417 
PHE CD2   HD2    sing N N 418 
PHE CE1   CZ     doub Y N 419 
PHE CE1   HE1    sing N N 420 
PHE CE2   CZ     sing Y N 421 
PHE CE2   HE2    sing N N 422 
PHE CZ    HZ     sing N N 423 
PHE OXT   HXT    sing N N 424 
PRO N     CA     sing N N 425 
PRO N     CD     sing N N 426 
PRO N     H      sing N N 427 
PRO CA    C      sing N N 428 
PRO CA    CB     sing N N 429 
PRO CA    HA     sing N N 430 
PRO C     O      doub N N 431 
PRO C     OXT    sing N N 432 
PRO CB    CG     sing N N 433 
PRO CB    HB2    sing N N 434 
PRO CB    HB3    sing N N 435 
PRO CG    CD     sing N N 436 
PRO CG    HG2    sing N N 437 
PRO CG    HG3    sing N N 438 
PRO CD    HD2    sing N N 439 
PRO CD    HD3    sing N N 440 
PRO OXT   HXT    sing N N 441 
SER N     CA     sing N N 442 
SER N     H      sing N N 443 
SER N     H2     sing N N 444 
SER CA    C      sing N N 445 
SER CA    CB     sing N N 446 
SER CA    HA     sing N N 447 
SER C     O      doub N N 448 
SER C     OXT    sing N N 449 
SER CB    OG     sing N N 450 
SER CB    HB2    sing N N 451 
SER CB    HB3    sing N N 452 
SER OG    HG     sing N N 453 
SER OXT   HXT    sing N N 454 
THR N     CA     sing N N 455 
THR N     H      sing N N 456 
THR N     H2     sing N N 457 
THR CA    C      sing N N 458 
THR CA    CB     sing N N 459 
THR CA    HA     sing N N 460 
THR C     O      doub N N 461 
THR C     OXT    sing N N 462 
THR CB    OG1    sing N N 463 
THR CB    CG2    sing N N 464 
THR CB    HB     sing N N 465 
THR OG1   HG1    sing N N 466 
THR CG2   HG21   sing N N 467 
THR CG2   HG22   sing N N 468 
THR CG2   HG23   sing N N 469 
THR OXT   HXT    sing N N 470 
TYR N     CA     sing N N 471 
TYR N     H      sing N N 472 
TYR N     H2     sing N N 473 
TYR CA    C      sing N N 474 
TYR CA    CB     sing N N 475 
TYR CA    HA     sing N N 476 
TYR C     O      doub N N 477 
TYR C     OXT    sing N N 478 
TYR CB    CG     sing N N 479 
TYR CB    HB2    sing N N 480 
TYR CB    HB3    sing N N 481 
TYR CG    CD1    doub Y N 482 
TYR CG    CD2    sing Y N 483 
TYR CD1   CE1    sing Y N 484 
TYR CD1   HD1    sing N N 485 
TYR CD2   CE2    doub Y N 486 
TYR CD2   HD2    sing N N 487 
TYR CE1   CZ     doub Y N 488 
TYR CE1   HE1    sing N N 489 
TYR CE2   CZ     sing Y N 490 
TYR CE2   HE2    sing N N 491 
TYR CZ    OH     sing N N 492 
TYR OH    HH     sing N N 493 
TYR OXT   HXT    sing N N 494 
# 
_ndb_struct_conf_na.entry_id   3QMG 
_ndb_struct_conf_na.feature    'b-form double helix' 
# 
loop_
_ndb_struct_na_base_pair.model_number 
_ndb_struct_na_base_pair.i_label_asym_id 
_ndb_struct_na_base_pair.i_label_comp_id 
_ndb_struct_na_base_pair.i_label_seq_id 
_ndb_struct_na_base_pair.i_symmetry 
_ndb_struct_na_base_pair.j_label_asym_id 
_ndb_struct_na_base_pair.j_label_comp_id 
_ndb_struct_na_base_pair.j_label_seq_id 
_ndb_struct_na_base_pair.j_symmetry 
_ndb_struct_na_base_pair.shear 
_ndb_struct_na_base_pair.stretch 
_ndb_struct_na_base_pair.stagger 
_ndb_struct_na_base_pair.buckle 
_ndb_struct_na_base_pair.propeller 
_ndb_struct_na_base_pair.opening 
_ndb_struct_na_base_pair.pair_number 
_ndb_struct_na_base_pair.pair_name 
_ndb_struct_na_base_pair.i_auth_asym_id 
_ndb_struct_na_base_pair.i_auth_seq_id 
_ndb_struct_na_base_pair.i_PDB_ins_code 
_ndb_struct_na_base_pair.j_auth_asym_id 
_ndb_struct_na_base_pair.j_auth_seq_id 
_ndb_struct_na_base_pair.j_PDB_ins_code 
_ndb_struct_na_base_pair.hbond_type_28 
_ndb_struct_na_base_pair.hbond_type_12 
1 B DG 1  1_555 C DC 12 1_555 -0.591 -0.214 -0.177 3.693  -1.207  3.051  1  B_DG1:DC12_C B 1  ? C 12 ? 19 1 
1 B DC 2  1_555 C DG 11 1_555 0.040  -0.224 0.065  -1.002 -11.204 -1.130 2  B_DC2:DG11_C B 2  ? C 11 ? 19 1 
1 B DC 3  1_555 C DG 10 1_555 0.396  -0.249 0.061  -3.367 -11.232 2.625  3  B_DC3:DG10_C B 3  ? C 10 ? 19 1 
1 B DA 4  1_555 C DT 9  1_555 -0.084 -0.243 -0.087 -3.426 -4.059  0.634  4  B_DA4:DT9_C  B 4  ? C 9  ? 20 1 
1 B DA 5  1_555 C DT 8  1_555 0.477  -0.287 0.192  5.921  -3.310  3.181  5  B_DA5:DT8_C  B 5  ? C 8  ? 20 1 
1 B DC 6  1_555 C DG 7  1_555 0.000  -0.386 0.147  1.718  -13.814 2.005  6  B_DC6:DG7_C  B 6  ? C 7  ? 19 1 
1 B DG 7  1_555 C DC 6  1_555 -0.080 -0.117 -0.086 -3.537 -1.096  1.189  7  B_DG7:DC6_C  B 7  ? C 6  ? 19 1 
1 B DG 8  1_555 C DC 5  1_555 0.017  -0.296 0.144  3.124  -9.474  0.436  8  B_DG8:DC5_C  B 8  ? C 5  ? 19 1 
1 B DT 9  1_555 C DA 4  1_555 -0.046 -0.344 -0.034 3.303  -10.342 4.203  9  B_DT9:DA4_C  B 9  ? C 4  ? 20 1 
1 B DG 10 1_555 C DC 3  1_555 -0.049 -0.328 0.138  2.034  -8.309  -2.633 10 B_DG10:DC3_C B 10 ? C 3  ? 19 1 
1 B DG 11 1_555 C DC 2  1_555 -0.399 -0.128 0.156  4.805  -7.367  3.389  11 B_DG11:DC2_C B 11 ? C 2  ? 19 1 
1 B DC 12 1_555 C DG 1  1_555 0.395  -0.093 -0.120 0.867  1.289   3.393  12 B_DC12:DG1_C B 12 ? C 1  ? 19 1 
# 
loop_
_ndb_struct_na_base_pair_step.model_number 
_ndb_struct_na_base_pair_step.i_label_asym_id_1 
_ndb_struct_na_base_pair_step.i_label_comp_id_1 
_ndb_struct_na_base_pair_step.i_label_seq_id_1 
_ndb_struct_na_base_pair_step.i_symmetry_1 
_ndb_struct_na_base_pair_step.j_label_asym_id_1 
_ndb_struct_na_base_pair_step.j_label_comp_id_1 
_ndb_struct_na_base_pair_step.j_label_seq_id_1 
_ndb_struct_na_base_pair_step.j_symmetry_1 
_ndb_struct_na_base_pair_step.i_label_asym_id_2 
_ndb_struct_na_base_pair_step.i_label_comp_id_2 
_ndb_struct_na_base_pair_step.i_label_seq_id_2 
_ndb_struct_na_base_pair_step.i_symmetry_2 
_ndb_struct_na_base_pair_step.j_label_asym_id_2 
_ndb_struct_na_base_pair_step.j_label_comp_id_2 
_ndb_struct_na_base_pair_step.j_label_seq_id_2 
_ndb_struct_na_base_pair_step.j_symmetry_2 
_ndb_struct_na_base_pair_step.shift 
_ndb_struct_na_base_pair_step.slide 
_ndb_struct_na_base_pair_step.rise 
_ndb_struct_na_base_pair_step.tilt 
_ndb_struct_na_base_pair_step.roll 
_ndb_struct_na_base_pair_step.twist 
_ndb_struct_na_base_pair_step.x_displacement 
_ndb_struct_na_base_pair_step.y_displacement 
_ndb_struct_na_base_pair_step.helical_rise 
_ndb_struct_na_base_pair_step.inclination 
_ndb_struct_na_base_pair_step.tip 
_ndb_struct_na_base_pair_step.helical_twist 
_ndb_struct_na_base_pair_step.step_number 
_ndb_struct_na_base_pair_step.step_name 
_ndb_struct_na_base_pair_step.i_auth_asym_id_1 
_ndb_struct_na_base_pair_step.i_auth_seq_id_1 
_ndb_struct_na_base_pair_step.i_PDB_ins_code_1 
_ndb_struct_na_base_pair_step.j_auth_asym_id_1 
_ndb_struct_na_base_pair_step.j_auth_seq_id_1 
_ndb_struct_na_base_pair_step.j_PDB_ins_code_1 
_ndb_struct_na_base_pair_step.i_auth_asym_id_2 
_ndb_struct_na_base_pair_step.i_auth_seq_id_2 
_ndb_struct_na_base_pair_step.i_PDB_ins_code_2 
_ndb_struct_na_base_pair_step.j_auth_asym_id_2 
_ndb_struct_na_base_pair_step.j_auth_seq_id_2 
_ndb_struct_na_base_pair_step.j_PDB_ins_code_2 
1 B DG 1  1_555 C DC 12 1_555 B DC 2  1_555 C DG 11 1_555 -1.011 -0.270 3.351 -2.989 -0.128 38.042 -0.396 1.155  3.418 -0.196 
4.577  38.155 1  BB_DG1DC2:DG11DC12_CC B 1  ? C 12 ? B 2  ? C 11 ? 
1 B DC 2  1_555 C DG 11 1_555 B DC 3  1_555 C DG 10 1_555 -0.170 0.245  3.344 0.985  4.203  34.113 -0.258 0.446  3.343 7.129  
-1.670 34.377 2  BB_DC2DC3:DG10DG11_CC B 2  ? C 11 ? B 3  ? C 10 ? 
1 B DC 3  1_555 C DG 10 1_555 B DA 4  1_555 C DT 9  1_555 0.107  1.918  3.324 -0.761 -1.573 43.428 2.743  -0.218 3.254 -2.124 
1.028  43.461 3  BB_DC3DA4:DT9DG10_CC  B 3  ? C 10 ? B 4  ? C 9  ? 
1 B DA 4  1_555 C DT 9  1_555 B DA 5  1_555 C DT 8  1_555 0.572  0.259  3.230 -2.814 8.532  25.938 -1.544 -1.895 3.080 18.323 
6.043  27.425 4  BB_DA4DA5:DT8DT9_CC   B 4  ? C 9  ? B 5  ? C 8  ? 
1 B DA 5  1_555 C DT 8  1_555 B DC 6  1_555 C DG 7  1_555 -0.758 -0.160 3.381 -2.593 -4.706 35.082 0.458  0.846  3.419 -7.751 
4.270  35.478 5  BB_DA5DC6:DG7DT8_CC   B 5  ? C 8  ? B 6  ? C 7  ? 
1 B DC 6  1_555 C DG 7  1_555 B DG 7  1_555 C DC 6  1_555 0.422  0.862  3.562 4.288  2.219  42.093 0.944  -0.102 3.625 3.077  
-5.946 42.357 6  BB_DC6DG7:DC6DG7_CC   B 6  ? C 7  ? B 7  ? C 6  ? 
1 B DG 7  1_555 C DC 6  1_555 B DG 8  1_555 C DC 5  1_555 -0.303 0.005  3.201 -2.674 5.697  34.108 -0.852 0.104  3.174 9.611  
4.510  34.667 7  BB_DG7DG8:DC5DC6_CC   B 7  ? C 6  ? B 8  ? C 5  ? 
1 B DG 8  1_555 C DC 5  1_555 B DT 9  1_555 C DA 4  1_555 -0.458 -0.543 3.335 0.791  2.347  27.853 -1.686 1.137  3.265 4.864  
-1.638 27.961 8  BB_DG8DT9:DA4DC5_CC   B 8  ? C 5  ? B 9  ? C 4  ? 
1 B DT 9  1_555 C DA 4  1_555 B DG 10 1_555 C DC 3  1_555 -0.386 1.863  3.296 -1.827 -2.047 44.702 2.632  0.341  3.225 -2.689 
2.399  44.781 9  BB_DT9DG10:DC3DA4_CC  B 9  ? C 4  ? B 10 ? C 3  ? 
1 B DG 10 1_555 C DC 3  1_555 B DG 11 1_555 C DC 2  1_555 0.215  0.385  3.270 -1.542 4.174  28.169 -0.177 -0.792 3.276 8.509  
3.144  28.512 10 BB_DG10DG11:DC2DC3_CC B 10 ? C 3  ? B 11 ? C 2  ? 
1 B DG 11 1_555 C DC 2  1_555 B DC 12 1_555 C DG 1  1_555 0.635  -0.260 3.382 2.796  -1.924 39.666 -0.150 -0.595 3.425 -2.830 
-4.111 39.805 11 BB_DG11DC12:DG1DC2_CC B 11 ? C 2  ? B 12 ? C 1  ? 
# 
loop_
_pdbx_entity_nonpoly.entity_id 
_pdbx_entity_nonpoly.name 
_pdbx_entity_nonpoly.comp_id 
4 'ZINC ION'              ZN  
5 'DI(HYDROXYETHYL)ETHER' PEG 
6 water                   HOH 
# 
_pdbx_initial_refinement_model.id               1 
_pdbx_initial_refinement_model.entity_id_list   ? 
_pdbx_initial_refinement_model.type             'experimental model' 
_pdbx_initial_refinement_model.source_name      PDB 
_pdbx_initial_refinement_model.accession_code   3QMB 
_pdbx_initial_refinement_model.details          ? 
# 
